data_9ECF
#
_entry.id   9ECF
#
_cell.length_a   76.535
_cell.length_b   108.381
_cell.length_c   120.601
_cell.angle_alpha   90.00
_cell.angle_beta   104.23
_cell.angle_gamma   90.00
#
_symmetry.space_group_name_H-M   'P 1 21 1'
#
loop_
_entity.id
_entity.type
_entity.pdbx_description
1 polymer 'Estrogen receptor beta'
2 polymer 'Nuclear receptor coactivator 2'
3 non-polymer (3alpha,8alpha,17beta)-androst-5-ene-3,17-diol
4 water water
#
loop_
_entity_poly.entity_id
_entity_poly.type
_entity_poly.pdbx_seq_one_letter_code
_entity_poly.pdbx_strand_id
1 'polypeptide(L)'
;MHHHHHHDALSPEQLVLTLLEAEPPHVLISRPSAPFTEASMMMSLTKLADKELVHMISWAKKIPGFVELSLFDQVRLLES
CWMEVLMMGLMWRSIDHPGKLIFAPDLVLDRDEGKCVEGILEIFDMLLATTSRFRELKLQHKEYLCVKAMILLNSSMYPL
VTATQDADSSRKLAHLLNAVTDALVWVIAKSGISSQQQSMRLANLLMLLSHVRHASNKGMEHLLNMKCKNVVPVYDLLLE
MLNAHVL
;
E,F,A,B,I,J,M,N
2 'polypeptide(L)' KHKILHRLLQDSS G,H,C,D,K,L,O,P
#
# COMPACT_ATOMS: atom_id res chain seq x y z
N ALA A 9 -0.48 -46.47 35.55
CA ALA A 9 0.02 -47.38 36.58
C ALA A 9 1.49 -47.73 36.33
N LEU A 10 1.91 -47.61 35.07
CA LEU A 10 3.30 -47.85 34.68
C LEU A 10 4.05 -46.54 34.61
N SER A 11 5.26 -46.53 35.14
CA SER A 11 6.10 -45.34 35.12
C SER A 11 6.56 -45.05 33.70
N PRO A 12 6.90 -43.78 33.41
CA PRO A 12 7.38 -43.46 32.05
C PRO A 12 8.56 -44.31 31.61
N GLU A 13 9.55 -44.50 32.48
CA GLU A 13 10.69 -45.34 32.11
C GLU A 13 10.26 -46.79 31.91
N GLN A 14 9.32 -47.27 32.74
CA GLN A 14 8.85 -48.64 32.58
C GLN A 14 8.18 -48.82 31.22
N LEU A 15 7.44 -47.80 30.77
CA LEU A 15 6.81 -47.87 29.45
C LEU A 15 7.86 -47.86 28.35
N VAL A 16 8.88 -47.01 28.47
CA VAL A 16 9.95 -46.96 27.47
C VAL A 16 10.68 -48.29 27.41
N LEU A 17 11.01 -48.85 28.58
CA LEU A 17 11.72 -50.13 28.60
C LEU A 17 10.82 -51.27 28.11
N THR A 18 9.52 -51.20 28.38
CA THR A 18 8.61 -52.21 27.85
C THR A 18 8.56 -52.14 26.33
N LEU A 19 8.55 -50.93 25.78
CA LEU A 19 8.59 -50.77 24.33
C LEU A 19 9.91 -51.27 23.75
N LEU A 20 11.00 -51.13 24.49
CA LEU A 20 12.30 -51.60 24.02
C LEU A 20 12.31 -53.12 23.86
N GLU A 21 11.84 -53.83 24.90
CA GLU A 21 11.79 -55.29 24.83
C GLU A 21 10.79 -55.78 23.79
N ALA A 22 9.80 -54.96 23.43
CA ALA A 22 8.78 -55.34 22.46
C ALA A 22 9.21 -55.13 21.03
N GLU A 23 10.44 -54.65 20.79
CA GLU A 23 10.89 -54.39 19.43
C GLU A 23 10.85 -55.67 18.61
N PRO A 24 10.34 -55.62 17.39
CA PRO A 24 10.22 -56.83 16.57
C PRO A 24 11.61 -57.31 16.13
N PRO A 25 11.74 -58.60 15.82
CA PRO A 25 13.02 -59.09 15.31
C PRO A 25 13.29 -58.59 13.90
N HIS A 26 14.57 -58.60 13.54
CA HIS A 26 14.95 -58.24 12.19
C HIS A 26 14.38 -59.23 11.18
N VAL A 27 13.95 -58.71 10.04
CA VAL A 27 13.41 -59.52 8.95
C VAL A 27 14.50 -59.68 7.92
N LEU A 28 14.76 -60.93 7.51
CA LEU A 28 15.89 -61.22 6.63
C LEU A 28 15.39 -61.43 5.21
N ILE A 29 15.33 -60.36 4.44
CA ILE A 29 15.18 -60.42 3.00
C ILE A 29 16.53 -60.10 2.37
N SER A 30 16.73 -60.56 1.14
CA SER A 30 17.98 -60.34 0.44
C SER A 30 17.72 -59.78 -0.95
N ARG A 31 18.67 -58.98 -1.43
CA ARG A 31 18.60 -58.48 -2.80
C ARG A 31 18.72 -59.65 -3.76
N PRO A 32 17.81 -59.79 -4.72
CA PRO A 32 17.86 -60.94 -5.63
C PRO A 32 19.13 -60.94 -6.47
N SER A 33 19.53 -62.14 -6.90
CA SER A 33 20.73 -62.28 -7.72
C SER A 33 20.58 -61.55 -9.04
N ALA A 34 19.39 -61.62 -9.64
CA ALA A 34 19.15 -60.91 -10.88
C ALA A 34 19.04 -59.41 -10.62
N PRO A 35 19.51 -58.58 -11.54
CA PRO A 35 19.33 -57.14 -11.39
C PRO A 35 17.87 -56.75 -11.25
N PHE A 36 17.67 -55.60 -10.63
CA PHE A 36 16.32 -55.16 -10.25
C PHE A 36 15.53 -54.71 -11.47
N THR A 37 14.32 -55.25 -11.61
CA THR A 37 13.31 -54.75 -12.53
C THR A 37 12.20 -54.08 -11.74
N GLU A 38 11.28 -53.42 -12.45
CA GLU A 38 10.18 -52.76 -11.78
C GLU A 38 9.31 -53.77 -11.03
N ALA A 39 9.14 -54.96 -11.60
CA ALA A 39 8.36 -56.01 -10.93
C ALA A 39 9.15 -56.66 -9.81
N SER A 40 10.47 -56.84 -10.01
CA SER A 40 11.27 -57.53 -9.01
C SER A 40 11.49 -56.68 -7.77
N MET A 41 11.73 -55.37 -7.95
CA MET A 41 11.89 -54.50 -6.80
C MET A 41 10.59 -54.38 -6.02
N MET A 42 9.47 -54.24 -6.71
CA MET A 42 8.17 -54.21 -6.04
C MET A 42 7.87 -55.54 -5.35
N MET A 43 8.33 -56.65 -5.93
CA MET A 43 8.15 -57.95 -5.28
C MET A 43 8.96 -58.03 -4.00
N SER A 44 10.20 -57.53 -4.02
CA SER A 44 11.02 -57.56 -2.81
C SER A 44 10.45 -56.65 -1.73
N LEU A 45 9.97 -55.47 -2.10
CA LEU A 45 9.44 -54.54 -1.11
C LEU A 45 8.13 -55.05 -0.51
N THR A 46 7.26 -55.62 -1.34
CA THR A 46 5.99 -56.13 -0.84
C THR A 46 6.18 -57.39 0.02
N LYS A 47 7.11 -58.26 -0.38
CA LYS A 47 7.42 -59.43 0.42
C LYS A 47 7.98 -59.03 1.79
N LEU A 48 8.86 -58.04 1.80
CA LEU A 48 9.38 -57.53 3.08
C LEU A 48 8.26 -56.94 3.93
N ALA A 49 7.37 -56.17 3.32
CA ALA A 49 6.28 -55.56 4.08
C ALA A 49 5.35 -56.62 4.66
N ASP A 50 5.09 -57.68 3.90
CA ASP A 50 4.21 -58.74 4.41
C ASP A 50 4.84 -59.45 5.60
N LYS A 51 6.14 -59.74 5.54
CA LYS A 51 6.81 -60.37 6.67
C LYS A 51 6.87 -59.44 7.87
N GLU A 52 7.17 -58.15 7.64
CA GLU A 52 7.21 -57.20 8.73
C GLU A 52 5.83 -56.99 9.35
N LEU A 53 4.77 -57.16 8.55
CA LEU A 53 3.41 -57.00 9.08
C LEU A 53 3.10 -58.04 10.15
N VAL A 54 3.63 -59.26 10.00
CA VAL A 54 3.41 -60.29 11.01
C VAL A 54 4.03 -59.87 12.34
N HIS A 55 5.26 -59.36 12.30
CA HIS A 55 5.93 -58.95 13.53
C HIS A 55 5.31 -57.69 14.12
N MET A 56 4.70 -56.83 13.30
CA MET A 56 4.08 -55.63 13.82
C MET A 56 2.85 -55.96 14.66
N ILE A 57 2.10 -56.99 14.26
CA ILE A 57 0.91 -57.39 15.02
C ILE A 57 1.32 -57.87 16.40
N SER A 58 2.36 -58.71 16.47
CA SER A 58 2.86 -59.15 17.77
C SER A 58 3.43 -57.98 18.57
N TRP A 59 4.08 -57.04 17.89
CA TRP A 59 4.62 -55.86 18.56
C TRP A 59 3.50 -54.98 19.14
N ALA A 60 2.44 -54.77 18.38
CA ALA A 60 1.33 -53.93 18.86
C ALA A 60 0.65 -54.55 20.06
N LYS A 61 0.56 -55.88 20.12
CA LYS A 61 -0.07 -56.57 21.24
C LYS A 61 0.72 -56.42 22.53
N LYS A 62 1.99 -56.05 22.45
CA LYS A 62 2.81 -55.83 23.64
C LYS A 62 2.78 -54.38 24.11
N ILE A 63 2.21 -53.46 23.33
CA ILE A 63 2.03 -52.09 23.81
C ILE A 63 1.03 -52.11 24.96
N PRO A 64 1.34 -51.55 26.12
CA PRO A 64 0.44 -51.67 27.29
C PRO A 64 -0.91 -51.01 27.01
N GLY A 65 -1.97 -51.80 27.20
CA GLY A 65 -3.32 -51.33 27.01
C GLY A 65 -3.90 -51.55 25.63
N PHE A 66 -3.09 -51.96 24.65
CA PHE A 66 -3.60 -52.14 23.29
C PHE A 66 -4.58 -53.31 23.22
N VAL A 67 -4.25 -54.43 23.86
CA VAL A 67 -5.11 -55.60 23.81
C VAL A 67 -6.41 -55.38 24.58
N GLU A 68 -6.46 -54.37 25.44
CA GLU A 68 -7.69 -54.06 26.17
C GLU A 68 -8.72 -53.36 25.30
N LEU A 69 -8.31 -52.82 24.15
CA LEU A 69 -9.27 -52.24 23.22
C LEU A 69 -10.14 -53.33 22.61
N SER A 70 -11.29 -52.92 22.09
CA SER A 70 -12.14 -53.85 21.38
C SER A 70 -11.44 -54.34 20.12
N LEU A 71 -11.85 -55.53 19.66
CA LEU A 71 -11.27 -56.09 18.44
C LEU A 71 -11.47 -55.14 17.26
N PHE A 72 -12.60 -54.44 17.23
CA PHE A 72 -12.85 -53.48 16.16
C PHE A 72 -11.79 -52.37 16.14
N ASP A 73 -11.44 -51.86 17.32
CA ASP A 73 -10.43 -50.80 17.38
C ASP A 73 -9.05 -51.32 17.01
N GLN A 74 -8.71 -52.55 17.43
CA GLN A 74 -7.40 -53.10 17.14
C GLN A 74 -7.18 -53.25 15.64
N VAL A 75 -8.18 -53.79 14.93
CA VAL A 75 -8.04 -53.92 13.48
C VAL A 75 -8.03 -52.55 12.81
N ARG A 76 -8.89 -51.63 13.28
CA ARG A 76 -8.98 -50.32 12.64
C ARG A 76 -7.69 -49.52 12.82
N LEU A 77 -7.10 -49.57 14.02
CA LEU A 77 -5.84 -48.85 14.24
C LEU A 77 -4.72 -49.44 13.41
N LEU A 78 -4.63 -50.77 13.35
CA LEU A 78 -3.56 -51.41 12.58
C LEU A 78 -3.79 -51.22 11.08
N GLU A 79 -5.05 -51.15 10.65
CA GLU A 79 -5.33 -50.95 9.23
C GLU A 79 -4.84 -49.59 8.76
N SER A 80 -4.98 -48.57 9.61
CA SER A 80 -4.64 -47.20 9.23
C SER A 80 -3.18 -46.83 9.49
N CYS A 81 -2.48 -47.57 10.35
CA CYS A 81 -1.15 -47.19 10.79
C CYS A 81 -0.04 -48.04 10.21
N TRP A 82 -0.35 -49.18 9.59
CA TRP A 82 0.69 -50.14 9.26
C TRP A 82 1.72 -49.58 8.30
N MET A 83 1.29 -48.73 7.36
CA MET A 83 2.25 -48.13 6.44
C MET A 83 3.13 -47.12 7.14
N GLU A 84 2.57 -46.32 8.04
CA GLU A 84 3.38 -45.35 8.77
C GLU A 84 4.39 -46.04 9.69
N VAL A 85 3.97 -47.12 10.36
CA VAL A 85 4.85 -47.80 11.29
C VAL A 85 6.02 -48.45 10.55
N LEU A 86 5.75 -49.07 9.40
CA LEU A 86 6.82 -49.68 8.62
C LEU A 86 7.81 -48.63 8.11
N MET A 87 7.29 -47.49 7.63
CA MET A 87 8.18 -46.44 7.15
C MET A 87 8.97 -45.81 8.28
N MET A 88 8.38 -45.70 9.48
CA MET A 88 9.12 -45.16 10.62
C MET A 88 10.29 -46.07 10.99
N GLY A 89 10.09 -47.38 10.95
CA GLY A 89 11.19 -48.29 11.20
C GLY A 89 12.27 -48.19 10.15
N LEU A 90 11.88 -48.01 8.89
CA LEU A 90 12.87 -47.83 7.83
C LEU A 90 13.70 -46.57 8.06
N MET A 91 13.07 -45.48 8.48
CA MET A 91 13.80 -44.25 8.73
C MET A 91 14.80 -44.41 9.87
N TRP A 92 14.44 -45.21 10.89
CA TRP A 92 15.36 -45.46 11.99
C TRP A 92 16.56 -46.30 11.53
N ARG A 93 16.30 -47.33 10.71
CA ARG A 93 17.40 -48.16 10.22
C ARG A 93 18.33 -47.38 9.31
N SER A 94 17.80 -46.36 8.62
CA SER A 94 18.57 -45.58 7.66
C SER A 94 19.04 -44.23 8.21
N ILE A 95 18.90 -44.00 9.52
CA ILE A 95 19.13 -42.65 10.06
C ILE A 95 20.60 -42.25 9.96
N ASP A 96 21.51 -43.22 9.96
CA ASP A 96 22.94 -42.95 9.96
C ASP A 96 23.56 -43.20 8.59
N HIS A 97 22.75 -43.28 7.54
CA HIS A 97 23.24 -43.61 6.20
C HIS A 97 22.56 -42.68 5.20
N PRO A 98 23.09 -41.48 5.01
CA PRO A 98 22.46 -40.55 4.06
C PRO A 98 22.45 -41.09 2.64
N GLY A 99 21.34 -40.85 1.94
CA GLY A 99 21.19 -41.30 0.57
C GLY A 99 20.88 -42.78 0.41
N LYS A 100 20.69 -43.51 1.50
CA LYS A 100 20.42 -44.94 1.45
C LYS A 100 19.23 -45.28 2.34
N LEU A 101 18.46 -46.27 1.91
CA LEU A 101 17.32 -46.78 2.65
C LEU A 101 17.62 -48.20 3.08
N ILE A 102 17.75 -48.42 4.38
CA ILE A 102 18.12 -49.74 4.92
C ILE A 102 16.80 -50.50 5.12
N PHE A 103 16.30 -51.05 4.01
CA PHE A 103 15.07 -51.84 4.08
C PHE A 103 15.28 -53.09 4.92
N ALA A 104 16.48 -53.68 4.85
CA ALA A 104 16.82 -54.89 5.58
C ALA A 104 18.34 -54.98 5.65
N PRO A 105 18.88 -55.78 6.57
CA PRO A 105 20.35 -55.95 6.62
C PRO A 105 20.98 -56.30 5.28
N ASP A 106 20.31 -57.13 4.48
CA ASP A 106 20.80 -57.49 3.16
C ASP A 106 19.97 -56.89 2.03
N LEU A 107 19.17 -55.85 2.34
CA LEU A 107 18.42 -55.10 1.33
C LEU A 107 18.68 -53.61 1.60
N VAL A 108 19.81 -53.12 1.11
CA VAL A 108 20.18 -51.71 1.21
C VAL A 108 20.05 -51.10 -0.17
N LEU A 109 19.22 -50.07 -0.29
CA LEU A 109 18.92 -49.46 -1.57
C LEU A 109 19.42 -48.02 -1.60
N ASP A 110 20.11 -47.67 -2.67
CA ASP A 110 20.50 -46.28 -2.92
C ASP A 110 19.32 -45.48 -3.46
N ARG A 111 19.44 -44.16 -3.36
CA ARG A 111 18.38 -43.26 -3.81
C ARG A 111 18.10 -43.45 -5.30
N ASP A 112 19.16 -43.51 -6.12
CA ASP A 112 18.97 -43.61 -7.56
C ASP A 112 18.34 -44.93 -7.98
N GLU A 113 18.36 -45.95 -7.13
CA GLU A 113 17.70 -47.21 -7.45
C GLU A 113 16.18 -47.08 -7.52
N GLY A 114 15.63 -45.98 -7.01
CA GLY A 114 14.21 -45.73 -7.15
C GLY A 114 13.76 -45.47 -8.57
N LYS A 115 14.70 -45.17 -9.47
CA LYS A 115 14.36 -45.01 -10.88
C LYS A 115 13.92 -46.32 -11.52
N CYS A 116 14.08 -47.44 -10.83
N CYS A 116 14.10 -47.45 -10.84
CA CYS A 116 13.70 -48.74 -11.38
CA CYS A 116 13.70 -48.73 -11.41
C CYS A 116 12.19 -48.93 -11.38
C CYS A 116 12.17 -48.91 -11.41
N VAL A 117 11.49 -48.31 -10.45
CA VAL A 117 10.04 -48.41 -10.34
C VAL A 117 9.45 -47.03 -10.62
N GLU A 118 8.47 -46.97 -11.51
CA GLU A 118 7.86 -45.70 -11.88
C GLU A 118 7.15 -45.08 -10.68
N GLY A 119 7.48 -43.81 -10.39
CA GLY A 119 6.82 -43.07 -9.34
C GLY A 119 7.35 -43.29 -7.94
N ILE A 120 8.20 -44.29 -7.72
CA ILE A 120 8.68 -44.57 -6.38
C ILE A 120 9.87 -43.69 -6.01
N LEU A 121 10.51 -43.04 -6.98
CA LEU A 121 11.65 -42.17 -6.69
C LEU A 121 11.23 -40.99 -5.83
N GLU A 122 10.05 -40.45 -6.07
CA GLU A 122 9.56 -39.34 -5.25
C GLU A 122 9.33 -39.78 -3.81
N ILE A 123 8.84 -40.99 -3.61
CA ILE A 123 8.64 -41.50 -2.26
C ILE A 123 9.98 -41.76 -1.58
N PHE A 124 10.96 -42.26 -2.33
CA PHE A 124 12.29 -42.46 -1.75
C PHE A 124 12.87 -41.14 -1.25
N ASP A 125 12.71 -40.06 -2.02
CA ASP A 125 13.21 -38.76 -1.56
C ASP A 125 12.46 -38.29 -0.33
N MET A 126 11.15 -38.56 -0.28
CA MET A 126 10.36 -38.20 0.89
C MET A 126 10.81 -38.97 2.12
N LEU A 127 11.05 -40.27 1.97
CA LEU A 127 11.55 -41.07 3.09
C LEU A 127 12.95 -40.63 3.50
N LEU A 128 13.81 -40.32 2.53
CA LEU A 128 15.17 -39.90 2.83
C LEU A 128 15.20 -38.51 3.44
N ALA A 129 14.32 -37.61 2.97
CA ALA A 129 14.29 -36.25 3.52
C ALA A 129 13.83 -36.25 4.97
N THR A 130 12.77 -37.01 5.27
CA THR A 130 12.31 -37.11 6.65
C THR A 130 13.34 -37.79 7.53
N THR A 131 14.05 -38.79 6.99
CA THR A 131 15.15 -39.41 7.71
C THR A 131 16.23 -38.39 8.03
N SER A 132 16.55 -37.53 7.07
CA SER A 132 17.53 -36.47 7.31
C SER A 132 17.07 -35.51 8.39
N ARG A 133 15.75 -35.26 8.47
CA ARG A 133 15.24 -34.39 9.53
C ARG A 133 15.41 -35.04 10.90
N PHE A 134 15.15 -36.34 11.00
CA PHE A 134 15.40 -37.05 12.26
C PHE A 134 16.88 -37.12 12.59
N ARG A 135 17.74 -37.19 11.57
CA ARG A 135 19.18 -37.21 11.82
C ARG A 135 19.66 -35.85 12.30
N GLU A 136 19.16 -34.77 11.71
CA GLU A 136 19.57 -33.43 12.13
C GLU A 136 19.20 -33.17 13.59
N LEU A 137 18.03 -33.64 14.02
CA LEU A 137 17.63 -33.54 15.42
C LEU A 137 18.35 -34.54 16.31
N LYS A 138 19.15 -35.44 15.73
CA LYS A 138 19.83 -36.51 16.47
C LYS A 138 18.83 -37.33 17.27
N LEU A 139 17.87 -37.91 16.54
CA LEU A 139 16.83 -38.74 17.13
C LEU A 139 17.42 -39.91 17.92
N GLN A 140 17.20 -39.91 19.23
CA GLN A 140 17.72 -40.98 20.07
C GLN A 140 16.87 -42.24 19.93
N HIS A 141 17.44 -43.36 20.35
CA HIS A 141 16.77 -44.65 20.19
C HIS A 141 15.48 -44.72 21.01
N LYS A 142 15.54 -44.27 22.26
CA LYS A 142 14.36 -44.30 23.12
C LYS A 142 13.30 -43.32 22.64
N GLU A 143 13.71 -42.21 22.02
CA GLU A 143 12.73 -41.31 21.42
C GLU A 143 12.01 -41.98 20.26
N TYR A 144 12.75 -42.77 19.48
CA TYR A 144 12.15 -43.50 18.36
C TYR A 144 11.07 -44.48 18.83
N LEU A 145 11.31 -45.14 19.97
CA LEU A 145 10.33 -46.10 20.47
C LEU A 145 9.01 -45.41 20.82
N CYS A 146 9.08 -44.23 21.44
CA CYS A 146 7.86 -43.51 21.78
C CYS A 146 7.14 -43.01 20.52
N VAL A 147 7.90 -42.47 19.57
CA VAL A 147 7.30 -41.91 18.35
C VAL A 147 6.58 -43.00 17.56
N LYS A 148 7.21 -44.18 17.45
CA LYS A 148 6.59 -45.25 16.67
C LYS A 148 5.32 -45.77 17.35
N ALA A 149 5.30 -45.80 18.68
CA ALA A 149 4.09 -46.19 19.39
C ALA A 149 3.00 -45.13 19.25
N MET A 150 3.39 -43.85 19.22
CA MET A 150 2.42 -42.78 19.01
C MET A 150 1.77 -42.88 17.64
N ILE A 151 2.53 -43.32 16.64
CA ILE A 151 2.00 -43.43 15.28
C ILE A 151 0.83 -44.41 15.23
N LEU A 152 0.97 -45.56 15.90
CA LEU A 152 -0.12 -46.54 15.91
C LEU A 152 -1.34 -45.99 16.64
N LEU A 153 -1.14 -45.31 17.77
CA LEU A 153 -2.26 -44.85 18.58
C LEU A 153 -2.89 -43.58 18.05
N ASN A 154 -2.17 -42.80 17.23
CA ASN A 154 -2.67 -41.56 16.66
C ASN A 154 -2.96 -41.70 15.17
N SER A 155 -3.43 -42.87 14.75
CA SER A 155 -3.60 -43.16 13.33
C SER A 155 -5.04 -42.95 12.86
N SER A 156 -6.02 -43.47 13.60
CA SER A 156 -7.42 -43.30 13.25
C SER A 156 -8.04 -42.24 14.16
N MET A 157 -8.81 -41.34 13.57
CA MET A 157 -9.41 -40.25 14.31
C MET A 157 -10.56 -40.79 15.16
N TYR A 158 -10.39 -40.72 16.48
CA TYR A 158 -11.41 -41.17 17.45
C TYR A 158 -11.79 -39.99 18.33
N PRO A 159 -12.83 -39.24 17.96
CA PRO A 159 -13.28 -38.15 18.83
C PRO A 159 -13.93 -38.69 20.09
N LEU A 160 -13.71 -38.00 21.20
CA LEU A 160 -14.32 -38.43 22.47
C LEU A 160 -15.84 -38.34 22.41
N VAL A 161 -16.38 -37.47 21.58
CA VAL A 161 -17.82 -37.34 21.44
C VAL A 161 -18.25 -37.70 20.03
N ASP A 166 -17.14 -45.57 18.65
CA ASP A 166 -17.10 -46.08 20.02
C ASP A 166 -16.49 -45.04 20.95
N ALA A 167 -17.25 -44.66 21.98
CA ALA A 167 -16.80 -43.63 22.90
C ALA A 167 -15.73 -44.15 23.87
N ASP A 168 -15.86 -45.41 24.29
CA ASP A 168 -14.87 -45.99 25.18
C ASP A 168 -13.51 -46.14 24.50
N SER A 169 -13.50 -46.31 23.18
CA SER A 169 -12.25 -46.44 22.45
C SER A 169 -11.50 -45.12 22.42
N SER A 170 -12.21 -44.03 22.14
CA SER A 170 -11.56 -42.72 22.12
C SER A 170 -11.00 -42.36 23.48
N ARG A 171 -11.71 -42.75 24.55
CA ARG A 171 -11.22 -42.47 25.90
C ARG A 171 -9.99 -43.30 26.22
N LYS A 172 -10.02 -44.59 25.89
CA LYS A 172 -8.86 -45.45 26.14
C LYS A 172 -7.67 -45.02 25.27
N LEU A 173 -7.92 -44.71 24.00
CA LEU A 173 -6.83 -44.23 23.14
C LEU A 173 -6.22 -42.97 23.68
N ALA A 174 -7.04 -42.09 24.28
CA ALA A 174 -6.50 -40.87 24.88
C ALA A 174 -5.61 -41.18 26.07
N HIS A 175 -6.00 -42.15 26.89
CA HIS A 175 -5.16 -42.56 28.02
C HIS A 175 -3.88 -43.23 27.53
N LEU A 176 -3.98 -44.04 26.48
CA LEU A 176 -2.80 -44.68 25.92
C LEU A 176 -1.86 -43.66 25.28
N LEU A 177 -2.42 -42.76 24.47
CA LEU A 177 -1.62 -41.72 23.84
C LEU A 177 -1.01 -40.78 24.88
N ASN A 178 -1.72 -40.52 25.99
CA ASN A 178 -1.17 -39.71 27.06
C ASN A 178 0.02 -40.39 27.72
N ALA A 179 -0.05 -41.72 27.88
CA ALA A 179 1.02 -42.44 28.55
C ALA A 179 2.31 -42.42 27.73
N VAL A 180 2.20 -42.65 26.42
CA VAL A 180 3.39 -42.60 25.57
C VAL A 180 3.94 -41.19 25.49
N THR A 181 3.06 -40.19 25.52
CA THR A 181 3.51 -38.80 25.55
C THR A 181 4.32 -38.51 26.81
N ASP A 182 3.81 -38.96 27.97
CA ASP A 182 4.57 -38.81 29.20
C ASP A 182 5.91 -39.51 29.10
N ALA A 183 5.95 -40.66 28.41
CA ALA A 183 7.22 -41.35 28.22
C ALA A 183 8.18 -40.54 27.38
N LEU A 184 7.69 -39.95 26.27
CA LEU A 184 8.57 -39.18 25.39
C LEU A 184 9.10 -37.93 26.09
N VAL A 185 8.24 -37.22 26.81
CA VAL A 185 8.70 -36.06 27.57
C VAL A 185 9.74 -36.47 28.61
N TRP A 186 9.60 -37.66 29.18
CA TRP A 186 10.58 -38.13 30.14
C TRP A 186 11.93 -38.41 29.49
N VAL A 187 11.93 -39.04 28.31
CA VAL A 187 13.20 -39.28 27.60
C VAL A 187 13.89 -37.97 27.25
N ILE A 188 13.11 -36.97 26.81
CA ILE A 188 13.71 -35.70 26.45
C ILE A 188 14.24 -34.99 27.69
N ALA A 189 13.53 -35.13 28.82
CA ALA A 189 14.00 -34.51 30.05
C ALA A 189 15.29 -35.13 30.54
N LYS A 190 15.53 -36.40 30.22
CA LYS A 190 16.76 -37.07 30.68
C LYS A 190 17.99 -36.54 29.97
N SER A 191 17.83 -35.81 28.87
CA SER A 191 18.98 -35.26 28.17
C SER A 191 19.60 -34.09 28.92
N GLY A 192 18.89 -33.52 29.89
CA GLY A 192 19.41 -32.41 30.66
C GLY A 192 19.34 -31.05 29.99
N ILE A 193 18.72 -30.97 28.81
CA ILE A 193 18.64 -29.71 28.07
C ILE A 193 17.65 -28.78 28.77
N SER A 194 17.65 -27.51 28.36
CA SER A 194 16.80 -26.52 28.98
C SER A 194 15.32 -26.86 28.77
N SER A 195 14.48 -26.26 29.61
CA SER A 195 13.04 -26.44 29.48
C SER A 195 12.54 -25.92 28.14
N GLN A 196 13.09 -24.78 27.69
CA GLN A 196 12.74 -24.26 26.37
C GLN A 196 13.19 -25.21 25.27
N GLN A 197 14.34 -25.86 25.47
CA GLN A 197 14.81 -26.85 24.50
C GLN A 197 13.99 -28.13 24.57
N GLN A 198 13.48 -28.49 25.75
CA GLN A 198 12.66 -29.68 25.87
C GLN A 198 11.33 -29.52 25.13
N SER A 199 10.65 -28.39 25.34
CA SER A 199 9.42 -28.14 24.62
C SER A 199 9.66 -28.01 23.13
N MET A 200 10.79 -27.40 22.75
CA MET A 200 11.13 -27.28 21.33
C MET A 200 11.41 -28.63 20.71
N ARG A 201 12.15 -29.49 21.42
CA ARG A 201 12.45 -30.83 20.90
C ARG A 201 11.18 -31.66 20.77
N LEU A 202 10.30 -31.62 21.78
CA LEU A 202 9.02 -32.31 21.68
C LEU A 202 8.22 -31.82 20.49
N ALA A 203 8.24 -30.52 20.23
CA ALA A 203 7.50 -29.96 19.11
C ALA A 203 8.09 -30.42 17.78
N ASN A 204 9.41 -30.34 17.64
CA ASN A 204 10.06 -30.72 16.38
C ASN A 204 9.84 -32.19 16.07
N LEU A 205 9.93 -33.06 17.08
CA LEU A 205 9.72 -34.49 16.86
C LEU A 205 8.27 -34.78 16.45
N LEU A 206 7.31 -34.18 17.16
CA LEU A 206 5.92 -34.48 16.89
C LEU A 206 5.43 -33.85 15.59
N MET A 207 6.04 -32.73 15.17
CA MET A 207 5.71 -32.17 13.87
C MET A 207 6.15 -33.09 12.74
N LEU A 208 7.18 -33.90 12.98
CA LEU A 208 7.64 -34.84 11.97
C LEU A 208 6.67 -35.99 11.76
N LEU A 209 5.72 -36.20 12.69
CA LEU A 209 4.70 -37.21 12.49
C LEU A 209 3.88 -36.92 11.23
N SER A 210 3.66 -35.63 10.94
CA SER A 210 2.95 -35.27 9.71
C SER A 210 3.74 -35.66 8.47
N HIS A 211 5.07 -35.57 8.54
CA HIS A 211 5.90 -35.97 7.40
C HIS A 211 5.86 -37.48 7.20
N VAL A 212 5.83 -38.24 8.29
CA VAL A 212 5.68 -39.69 8.17
C VAL A 212 4.30 -40.04 7.63
N ARG A 213 3.26 -39.33 8.09
CA ARG A 213 1.92 -39.54 7.55
C ARG A 213 1.86 -39.19 6.07
N HIS A 214 2.54 -38.12 5.67
CA HIS A 214 2.56 -37.74 4.26
C HIS A 214 3.25 -38.80 3.41
N ALA A 215 4.38 -39.33 3.88
CA ALA A 215 5.06 -40.39 3.16
C ALA A 215 4.20 -41.64 3.04
N SER A 216 3.44 -41.95 4.10
CA SER A 216 2.57 -43.11 4.08
C SER A 216 1.44 -42.96 3.05
N ASN A 217 0.85 -41.76 2.97
CA ASN A 217 -0.24 -41.55 2.03
C ASN A 217 0.21 -41.68 0.59
N LYS A 218 1.36 -41.10 0.25
CA LYS A 218 1.88 -41.23 -1.11
C LYS A 218 2.33 -42.66 -1.40
N GLY A 219 2.91 -43.33 -0.40
CA GLY A 219 3.27 -44.73 -0.58
C GLY A 219 2.04 -45.62 -0.71
N MET A 220 0.98 -45.30 0.02
CA MET A 220 -0.28 -46.03 -0.12
C MET A 220 -0.83 -45.88 -1.53
N GLU A 221 -0.82 -44.65 -2.05
CA GLU A 221 -1.30 -44.40 -3.41
C GLU A 221 -0.46 -45.15 -4.44
N HIS A 222 0.85 -45.20 -4.24
CA HIS A 222 1.73 -45.88 -5.18
C HIS A 222 1.50 -47.40 -5.17
N LEU A 223 1.40 -47.99 -3.98
CA LEU A 223 1.18 -49.42 -3.88
C LEU A 223 -0.16 -49.82 -4.49
N LEU A 224 -1.21 -49.05 -4.23
CA LEU A 224 -2.50 -49.33 -4.83
C LEU A 224 -2.44 -49.20 -6.35
N ASN A 225 -1.64 -48.25 -6.85
CA ASN A 225 -1.48 -48.10 -8.30
C ASN A 225 -0.71 -49.26 -8.89
N MET A 226 0.36 -49.71 -8.21
CA MET A 226 1.11 -50.87 -8.70
C MET A 226 0.24 -52.11 -8.75
N LYS A 227 -0.66 -52.27 -7.78
CA LYS A 227 -1.59 -53.40 -7.84
C LYS A 227 -2.58 -53.23 -8.99
N CYS A 228 -3.06 -52.00 -9.21
CA CYS A 228 -3.99 -51.75 -10.30
C CYS A 228 -3.35 -52.00 -11.65
N LYS A 229 -2.09 -51.62 -11.82
CA LYS A 229 -1.38 -51.85 -13.07
C LYS A 229 -0.87 -53.29 -13.20
N ASN A 230 -1.18 -54.15 -12.22
CA ASN A 230 -0.77 -55.56 -12.24
C ASN A 230 0.74 -55.71 -12.32
N VAL A 231 1.47 -54.77 -11.74
CA VAL A 231 2.93 -54.85 -11.74
C VAL A 231 3.40 -55.78 -10.62
N VAL A 232 2.95 -55.55 -9.40
CA VAL A 232 3.26 -56.44 -8.28
C VAL A 232 2.00 -57.23 -7.93
N PRO A 233 2.11 -58.51 -7.61
CA PRO A 233 0.98 -59.20 -6.99
C PRO A 233 0.97 -58.93 -5.48
N VAL A 234 -0.23 -58.99 -4.90
CA VAL A 234 -0.42 -58.74 -3.48
C VAL A 234 -1.10 -59.97 -2.89
N TYR A 235 -0.54 -60.48 -1.80
CA TYR A 235 -0.93 -61.77 -1.24
C TYR A 235 -1.05 -61.68 0.28
N ASP A 236 -1.88 -62.58 0.82
CA ASP A 236 -2.13 -62.81 2.25
C ASP A 236 -2.25 -61.57 3.12
N LEU A 237 -1.32 -61.38 4.07
CA LEU A 237 -1.48 -60.34 5.07
C LEU A 237 -1.42 -58.95 4.46
N LEU A 238 -0.45 -58.70 3.57
CA LEU A 238 -0.35 -57.41 2.92
C LEU A 238 -1.64 -57.06 2.18
N LEU A 239 -2.26 -58.05 1.53
CA LEU A 239 -3.52 -57.82 0.83
C LEU A 239 -4.61 -57.38 1.80
N GLU A 240 -4.74 -58.09 2.93
CA GLU A 240 -5.76 -57.73 3.91
C GLU A 240 -5.60 -56.29 4.38
N MET A 241 -4.36 -55.89 4.69
CA MET A 241 -4.12 -54.52 5.14
C MET A 241 -4.39 -53.51 4.03
N LEU A 242 -4.28 -53.91 2.77
CA LEU A 242 -4.56 -53.00 1.67
C LEU A 242 -6.06 -52.87 1.40
N ASN A 243 -6.84 -53.89 1.72
CA ASN A 243 -8.26 -53.87 1.45
C ASN A 243 -8.96 -52.86 2.37
N SER B 11 9.26 -11.32 19.94
CA SER B 11 8.82 -11.86 21.22
C SER B 11 7.51 -12.64 21.04
N PRO B 12 7.25 -13.59 21.94
CA PRO B 12 6.01 -14.37 21.83
C PRO B 12 4.75 -13.52 21.84
N GLU B 13 4.66 -12.54 22.76
CA GLU B 13 3.47 -11.70 22.82
C GLU B 13 3.34 -10.82 21.58
N GLN B 14 4.45 -10.26 21.10
CA GLN B 14 4.41 -9.44 19.89
C GLN B 14 4.10 -10.28 18.65
N LEU B 15 4.65 -11.50 18.59
CA LEU B 15 4.43 -12.36 17.43
C LEU B 15 2.97 -12.80 17.32
N VAL B 16 2.36 -13.17 18.45
CA VAL B 16 0.97 -13.61 18.42
C VAL B 16 0.07 -12.48 17.93
N LEU B 17 0.31 -11.26 18.40
CA LEU B 17 -0.49 -10.13 17.93
C LEU B 17 -0.22 -9.82 16.46
N THR B 18 1.01 -10.02 16.00
CA THR B 18 1.31 -9.84 14.58
C THR B 18 0.58 -10.88 13.74
N LEU B 19 0.50 -12.12 14.22
CA LEU B 19 -0.24 -13.14 13.49
C LEU B 19 -1.72 -12.81 13.42
N LEU B 20 -2.26 -12.19 14.48
CA LEU B 20 -3.68 -11.84 14.49
C LEU B 20 -4.00 -10.83 13.39
N GLU B 21 -3.18 -9.78 13.27
CA GLU B 21 -3.43 -8.76 12.26
C GLU B 21 -3.22 -9.27 10.85
N ALA B 22 -2.45 -10.35 10.68
CA ALA B 22 -2.20 -10.91 9.36
C ALA B 22 -3.33 -11.85 8.90
N GLU B 23 -4.36 -12.04 9.72
CA GLU B 23 -5.43 -12.95 9.36
C GLU B 23 -6.11 -12.48 8.07
N PRO B 24 -6.37 -13.39 7.14
CA PRO B 24 -6.95 -13.00 5.85
C PRO B 24 -8.39 -12.55 5.98
N PRO B 25 -8.89 -11.73 5.06
CA PRO B 25 -10.29 -11.34 5.08
C PRO B 25 -11.20 -12.49 4.67
N HIS B 26 -12.48 -12.34 5.01
CA HIS B 26 -13.47 -13.33 4.58
C HIS B 26 -13.57 -13.33 3.06
N VAL B 27 -13.69 -14.52 2.48
CA VAL B 27 -13.80 -14.69 1.04
C VAL B 27 -15.24 -14.99 0.65
N LEU B 28 -15.77 -14.22 -0.29
CA LEU B 28 -17.15 -14.33 -0.77
C LEU B 28 -17.13 -14.96 -2.16
N ILE B 29 -17.38 -16.26 -2.24
CA ILE B 29 -17.58 -16.93 -3.52
C ILE B 29 -18.65 -16.24 -4.35
N PHE B 36 -27.70 -27.64 -6.06
CA PHE B 36 -26.30 -28.05 -6.06
C PHE B 36 -26.08 -29.33 -6.88
N THR B 37 -25.17 -29.26 -7.84
CA THR B 37 -24.73 -30.40 -8.62
C THR B 37 -23.27 -30.71 -8.29
N GLU B 38 -22.80 -31.86 -8.79
CA GLU B 38 -21.41 -32.22 -8.57
C GLU B 38 -20.47 -31.21 -9.19
N ALA B 39 -20.83 -30.67 -10.35
CA ALA B 39 -19.98 -29.67 -11.00
C ALA B 39 -20.09 -28.32 -10.30
N SER B 40 -21.28 -27.95 -9.82
CA SER B 40 -21.45 -26.65 -9.21
C SER B 40 -20.79 -26.59 -7.83
N MET B 41 -20.89 -27.67 -7.05
CA MET B 41 -20.25 -27.70 -5.74
C MET B 41 -18.73 -27.68 -5.88
N MET B 42 -18.19 -28.48 -6.81
CA MET B 42 -16.76 -28.45 -7.06
C MET B 42 -16.30 -27.11 -7.62
N MET B 43 -17.14 -26.45 -8.42
CA MET B 43 -16.79 -25.13 -8.93
C MET B 43 -16.72 -24.11 -7.81
N SER B 44 -17.65 -24.17 -6.85
CA SER B 44 -17.64 -23.23 -5.74
C SER B 44 -16.43 -23.46 -4.84
N LEU B 45 -16.08 -24.73 -4.58
CA LEU B 45 -14.96 -25.03 -3.71
C LEU B 45 -13.63 -24.63 -4.35
N THR B 46 -13.47 -24.90 -5.65
CA THR B 46 -12.23 -24.55 -6.33
C THR B 46 -12.10 -23.04 -6.51
N LYS B 47 -13.20 -22.36 -6.82
CA LYS B 47 -13.15 -20.89 -6.90
C LYS B 47 -12.82 -20.28 -5.55
N LEU B 48 -13.39 -20.83 -4.48
CA LEU B 48 -13.05 -20.37 -3.13
C LEU B 48 -11.58 -20.60 -2.83
N ALA B 49 -11.06 -21.78 -3.19
CA ALA B 49 -9.66 -22.10 -2.92
C ALA B 49 -8.72 -21.16 -3.68
N ASP B 50 -9.07 -20.81 -4.92
CA ASP B 50 -8.23 -19.91 -5.69
C ASP B 50 -8.17 -18.53 -5.06
N LYS B 51 -9.32 -18.01 -4.61
CA LYS B 51 -9.33 -16.70 -3.96
C LYS B 51 -8.58 -16.74 -2.63
N GLU B 52 -8.77 -17.81 -1.85
CA GLU B 52 -8.06 -17.93 -0.59
C GLU B 52 -6.56 -18.08 -0.79
N LEU B 53 -6.14 -18.67 -1.92
CA LEU B 53 -4.71 -18.82 -2.18
C LEU B 53 -4.04 -17.46 -2.35
N VAL B 54 -4.73 -16.50 -2.96
CA VAL B 54 -4.18 -15.16 -3.10
C VAL B 54 -3.99 -14.53 -1.73
N HIS B 55 -4.99 -14.66 -0.86
CA HIS B 55 -4.90 -14.07 0.47
C HIS B 55 -3.89 -14.79 1.35
N MET B 56 -3.66 -16.08 1.10
CA MET B 56 -2.68 -16.81 1.91
C MET B 56 -1.26 -16.31 1.64
N ILE B 57 -0.96 -15.95 0.39
CA ILE B 57 0.34 -15.39 0.06
C ILE B 57 0.53 -14.05 0.77
N SER B 58 -0.51 -13.20 0.75
CA SER B 58 -0.45 -11.95 1.49
C SER B 58 -0.32 -12.20 2.98
N TRP B 59 -0.98 -13.24 3.48
CA TRP B 59 -0.87 -13.59 4.90
C TRP B 59 0.55 -14.04 5.25
N ALA B 60 1.15 -14.87 4.39
CA ALA B 60 2.51 -15.35 4.67
C ALA B 60 3.52 -14.20 4.61
N LYS B 61 3.31 -13.24 3.71
CA LYS B 61 4.24 -12.12 3.60
C LYS B 61 4.21 -11.21 4.81
N LYS B 62 3.17 -11.28 5.63
CA LYS B 62 3.10 -10.51 6.87
C LYS B 62 3.74 -11.23 8.05
N ILE B 63 4.07 -12.51 7.91
CA ILE B 63 4.79 -13.25 8.95
C ILE B 63 6.17 -12.62 9.09
N PRO B 64 6.56 -12.18 10.28
CA PRO B 64 7.85 -11.49 10.44
C PRO B 64 9.01 -12.39 10.04
N GLY B 65 9.78 -11.94 9.06
CA GLY B 65 10.94 -12.66 8.59
C GLY B 65 10.70 -13.56 7.40
N PHE B 66 9.43 -13.78 7.01
CA PHE B 66 9.16 -14.67 5.88
C PHE B 66 9.68 -14.07 4.58
N VAL B 67 9.49 -12.76 4.37
CA VAL B 67 9.98 -12.12 3.15
C VAL B 67 11.49 -12.04 3.13
N GLU B 68 12.16 -12.22 4.27
CA GLU B 68 13.61 -12.24 4.30
C GLU B 68 14.18 -13.56 3.80
N LEU B 69 13.37 -14.61 3.74
CA LEU B 69 13.81 -15.87 3.15
C LEU B 69 13.97 -15.72 1.64
N SER B 70 14.72 -16.65 1.06
CA SER B 70 14.88 -16.68 -0.39
C SER B 70 13.55 -16.99 -1.07
N LEU B 71 13.42 -16.52 -2.31
CA LEU B 71 12.22 -16.80 -3.09
C LEU B 71 12.02 -18.30 -3.28
N PHE B 72 13.11 -19.04 -3.43
CA PHE B 72 13.02 -20.50 -3.57
C PHE B 72 12.40 -21.12 -2.33
N ASP B 73 12.84 -20.68 -1.14
CA ASP B 73 12.26 -21.21 0.09
C ASP B 73 10.82 -20.74 0.28
N GLN B 74 10.54 -19.47 -0.06
CA GLN B 74 9.18 -18.95 0.07
C GLN B 74 8.22 -19.71 -0.84
N VAL B 75 8.63 -19.98 -2.08
CA VAL B 75 7.78 -20.73 -2.99
C VAL B 75 7.62 -22.17 -2.53
N ARG B 76 8.70 -22.78 -2.04
CA ARG B 76 8.65 -24.18 -1.64
C ARG B 76 7.75 -24.38 -0.41
N LEU B 77 7.81 -23.45 0.54
CA LEU B 77 6.97 -23.57 1.74
C LEU B 77 5.50 -23.46 1.39
N LEU B 78 5.13 -22.50 0.54
CA LEU B 78 3.73 -22.32 0.17
C LEU B 78 3.24 -23.45 -0.74
N GLU B 79 4.12 -24.03 -1.56
CA GLU B 79 3.71 -25.09 -2.47
C GLU B 79 3.26 -26.34 -1.71
N SER B 80 3.94 -26.67 -0.61
CA SER B 80 3.67 -27.92 0.11
C SER B 80 2.58 -27.78 1.15
N CYS B 81 2.27 -26.57 1.61
CA CYS B 81 1.38 -26.38 2.74
C CYS B 81 0.01 -25.81 2.39
N TRP B 82 -0.21 -25.35 1.15
CA TRP B 82 -1.38 -24.53 0.87
C TRP B 82 -2.68 -25.28 1.12
N MET B 83 -2.71 -26.59 0.82
CA MET B 83 -3.92 -27.37 1.06
C MET B 83 -4.14 -27.57 2.56
N GLU B 84 -3.07 -27.82 3.31
CA GLU B 84 -3.20 -27.99 4.75
C GLU B 84 -3.64 -26.70 5.42
N VAL B 85 -3.09 -25.56 4.98
CA VAL B 85 -3.43 -24.28 5.59
C VAL B 85 -4.89 -23.93 5.34
N LEU B 86 -5.38 -24.18 4.12
CA LEU B 86 -6.78 -23.91 3.83
C LEU B 86 -7.70 -24.80 4.67
N MET B 87 -7.36 -26.08 4.80
CA MET B 87 -8.17 -26.98 5.61
C MET B 87 -8.09 -26.62 7.09
N MET B 88 -6.93 -26.13 7.54
CA MET B 88 -6.82 -25.69 8.93
C MET B 88 -7.75 -24.51 9.20
N GLY B 89 -7.85 -23.58 8.26
CA GLY B 89 -8.79 -22.48 8.40
C GLY B 89 -10.24 -22.95 8.38
N LEU B 90 -10.54 -23.95 7.54
CA LEU B 90 -11.90 -24.47 7.48
C LEU B 90 -12.32 -25.10 8.80
N MET B 91 -11.43 -25.88 9.42
CA MET B 91 -11.76 -26.51 10.70
C MET B 91 -11.96 -25.46 11.79
N TRP B 92 -11.19 -24.37 11.75
CA TRP B 92 -11.35 -23.31 12.72
C TRP B 92 -12.69 -22.60 12.54
N ARG B 93 -13.08 -22.33 11.29
CA ARG B 93 -14.36 -21.69 11.03
C ARG B 93 -15.53 -22.58 11.43
N SER B 94 -15.35 -23.91 11.36
CA SER B 94 -16.40 -24.88 11.62
C SER B 94 -16.31 -25.50 13.00
N ILE B 95 -15.46 -24.97 13.89
CA ILE B 95 -15.15 -25.65 15.13
C ILE B 95 -16.36 -25.71 16.08
N ASP B 96 -17.26 -24.74 15.98
CA ASP B 96 -18.38 -24.64 16.92
C ASP B 96 -19.71 -25.09 16.33
N HIS B 97 -19.69 -25.80 15.19
CA HIS B 97 -20.90 -26.30 14.56
C HIS B 97 -20.68 -27.72 14.08
N PRO B 98 -20.91 -28.72 14.94
CA PRO B 98 -20.70 -30.11 14.53
C PRO B 98 -21.59 -30.49 13.36
N GLY B 99 -21.04 -31.29 12.45
CA GLY B 99 -21.76 -31.72 11.27
C GLY B 99 -21.88 -30.69 10.17
N LYS B 100 -21.22 -29.53 10.31
CA LYS B 100 -21.27 -28.48 9.31
C LYS B 100 -19.86 -28.00 8.98
N LEU B 101 -19.65 -27.65 7.71
CA LEU B 101 -18.37 -27.11 7.25
C LEU B 101 -18.60 -25.69 6.75
N ILE B 102 -18.04 -24.72 7.46
CA ILE B 102 -18.22 -23.29 7.09
C ILE B 102 -17.09 -22.97 6.10
N PHE B 103 -17.31 -23.35 4.85
CA PHE B 103 -16.33 -23.06 3.81
C PHE B 103 -16.17 -21.56 3.59
N ALA B 104 -17.26 -20.81 3.64
CA ALA B 104 -17.26 -19.38 3.37
C ALA B 104 -18.53 -18.79 3.95
N PRO B 105 -18.58 -17.46 4.14
CA PRO B 105 -19.82 -16.83 4.64
C PRO B 105 -21.07 -17.20 3.84
N ASP B 106 -20.96 -17.36 2.52
N ASP B 106 -20.95 -17.36 2.53
CA ASP B 106 -22.09 -17.74 1.70
CA ASP B 106 -22.07 -17.74 1.68
C ASP B 106 -21.95 -19.16 1.16
C ASP B 106 -21.95 -19.17 1.16
N LEU B 107 -21.18 -20.02 1.86
CA LEU B 107 -20.97 -21.41 1.45
C LEU B 107 -20.88 -22.27 2.72
N VAL B 108 -22.03 -22.63 3.26
CA VAL B 108 -22.13 -23.50 4.42
C VAL B 108 -22.68 -24.84 3.93
N LEU B 109 -21.91 -25.91 4.17
CA LEU B 109 -22.24 -27.23 3.66
C LEU B 109 -22.51 -28.19 4.81
N ASP B 110 -23.61 -28.93 4.71
CA ASP B 110 -23.90 -30.01 5.64
C ASP B 110 -23.09 -31.25 5.29
N ARG B 111 -22.96 -32.15 6.27
CA ARG B 111 -22.22 -33.39 6.06
C ARG B 111 -22.84 -34.21 4.92
N ASP B 112 -24.17 -34.37 4.94
CA ASP B 112 -24.83 -35.17 3.93
C ASP B 112 -24.75 -34.54 2.54
N GLU B 113 -24.45 -33.24 2.46
CA GLU B 113 -24.26 -32.61 1.16
C GLU B 113 -23.00 -33.10 0.46
N GLY B 114 -22.11 -33.80 1.17
CA GLY B 114 -20.96 -34.42 0.52
C GLY B 114 -21.35 -35.57 -0.39
N LYS B 115 -22.57 -36.09 -0.26
CA LYS B 115 -23.07 -37.10 -1.18
C LYS B 115 -23.25 -36.55 -2.59
N CYS B 116 -23.20 -35.23 -2.76
CA CYS B 116 -23.41 -34.63 -4.07
C CYS B 116 -22.19 -34.81 -4.98
N VAL B 117 -21.00 -34.90 -4.39
CA VAL B 117 -19.76 -35.07 -5.15
C VAL B 117 -19.21 -36.46 -4.84
N GLU B 118 -18.88 -37.21 -5.88
CA GLU B 118 -18.38 -38.57 -5.71
C GLU B 118 -17.04 -38.56 -4.99
N GLY B 119 -16.95 -39.35 -3.92
CA GLY B 119 -15.71 -39.52 -3.19
C GLY B 119 -15.38 -38.46 -2.16
N ILE B 120 -16.11 -37.33 -2.15
CA ILE B 120 -15.80 -36.26 -1.21
C ILE B 120 -16.44 -36.48 0.16
N LEU B 121 -17.40 -37.40 0.27
CA LEU B 121 -18.06 -37.63 1.56
C LEU B 121 -17.08 -38.16 2.59
N GLU B 122 -16.14 -39.01 2.17
CA GLU B 122 -15.14 -39.52 3.12
C GLU B 122 -14.24 -38.40 3.61
N ILE B 123 -13.90 -37.46 2.74
CA ILE B 123 -13.06 -36.33 3.13
C ILE B 123 -13.82 -35.40 4.07
N PHE B 124 -15.11 -35.18 3.81
CA PHE B 124 -15.92 -34.37 4.71
C PHE B 124 -15.94 -34.96 6.12
N ASP B 125 -16.10 -36.28 6.23
CA ASP B 125 -16.09 -36.91 7.54
C ASP B 125 -14.72 -36.78 8.21
N MET B 126 -13.65 -36.86 7.43
CA MET B 126 -12.31 -36.68 7.97
C MET B 126 -12.13 -35.26 8.49
N LEU B 127 -12.57 -34.26 7.72
CA LEU B 127 -12.46 -32.87 8.17
C LEU B 127 -13.32 -32.62 9.40
N LEU B 128 -14.54 -33.17 9.43
CA LEU B 128 -15.41 -32.95 10.57
C LEU B 128 -14.92 -33.67 11.81
N ALA B 129 -14.33 -34.86 11.64
CA ALA B 129 -13.81 -35.61 12.78
C ALA B 129 -12.62 -34.88 13.41
N THR B 130 -11.70 -34.38 12.60
CA THR B 130 -10.58 -33.61 13.13
C THR B 130 -11.05 -32.31 13.74
N THR B 131 -12.07 -31.69 13.15
CA THR B 131 -12.65 -30.48 13.72
C THR B 131 -13.22 -30.75 15.11
N SER B 132 -13.90 -31.89 15.28
CA SER B 132 -14.46 -32.23 16.58
C SER B 132 -13.38 -32.38 17.64
N ARG B 133 -12.21 -32.90 17.27
CA ARG B 133 -11.12 -33.03 18.24
C ARG B 133 -10.59 -31.67 18.66
N PHE B 134 -10.47 -30.73 17.71
CA PHE B 134 -10.08 -29.37 18.09
C PHE B 134 -11.14 -28.72 18.97
N ARG B 135 -12.41 -29.07 18.76
CA ARG B 135 -13.46 -28.56 19.63
C ARG B 135 -13.39 -29.15 21.02
N GLU B 136 -13.16 -30.47 21.11
CA GLU B 136 -13.03 -31.12 22.41
C GLU B 136 -11.83 -30.60 23.18
N LEU B 137 -10.72 -30.32 22.49
CA LEU B 137 -9.55 -29.74 23.11
C LEU B 137 -9.72 -28.26 23.44
N LYS B 138 -10.81 -27.64 22.99
CA LYS B 138 -11.06 -26.21 23.17
C LYS B 138 -9.89 -25.38 22.63
N LEU B 139 -9.62 -25.58 21.34
CA LEU B 139 -8.55 -24.85 20.67
C LEU B 139 -8.74 -23.34 20.82
N GLN B 140 -7.71 -22.66 21.29
CA GLN B 140 -7.77 -21.22 21.54
C GLN B 140 -7.43 -20.44 20.28
N HIS B 141 -7.86 -19.17 20.27
CA HIS B 141 -7.51 -18.28 19.15
C HIS B 141 -6.01 -18.13 19.04
N LYS B 142 -5.33 -17.91 20.16
CA LYS B 142 -3.88 -17.73 20.14
C LYS B 142 -3.16 -19.01 19.75
N GLU B 143 -3.70 -20.17 20.12
CA GLU B 143 -3.12 -21.43 19.69
C GLU B 143 -3.29 -21.64 18.19
N TYR B 144 -4.47 -21.30 17.66
CA TYR B 144 -4.73 -21.49 16.24
C TYR B 144 -3.80 -20.63 15.38
N LEU B 145 -3.52 -19.42 15.83
CA LEU B 145 -2.62 -18.54 15.07
C LEU B 145 -1.22 -19.12 14.98
N CYS B 146 -0.72 -19.66 16.09
CA CYS B 146 0.61 -20.26 16.08
C CYS B 146 0.64 -21.54 15.25
N VAL B 147 -0.37 -22.41 15.43
CA VAL B 147 -0.39 -23.69 14.76
C VAL B 147 -0.44 -23.52 13.25
N LYS B 148 -1.28 -22.59 12.77
CA LYS B 148 -1.41 -22.39 11.33
C LYS B 148 -0.12 -21.83 10.72
N ALA B 149 0.59 -20.98 11.47
CA ALA B 149 1.88 -20.50 10.99
C ALA B 149 2.93 -21.61 11.02
N MET B 150 2.86 -22.49 12.02
CA MET B 150 3.78 -23.62 12.08
C MET B 150 3.60 -24.55 10.89
N ILE B 151 2.37 -24.73 10.43
CA ILE B 151 2.11 -25.60 9.29
C ILE B 151 2.81 -25.07 8.04
N LEU B 152 2.77 -23.75 7.83
CA LEU B 152 3.43 -23.16 6.67
C LEU B 152 4.94 -23.36 6.72
N LEU B 153 5.55 -23.19 7.89
CA LEU B 153 7.00 -23.24 8.00
C LEU B 153 7.53 -24.66 8.11
N ASN B 154 6.69 -25.64 8.46
CA ASN B 154 7.12 -27.02 8.70
C ASN B 154 6.74 -28.03 7.62
N SER B 155 5.69 -27.76 6.83
CA SER B 155 5.17 -28.77 5.91
C SER B 155 6.22 -29.28 4.93
N SER B 156 7.21 -28.46 4.56
CA SER B 156 8.15 -28.84 3.52
C SER B 156 8.91 -30.10 3.90
N MET B 157 8.74 -31.15 3.10
CA MET B 157 9.35 -32.44 3.36
C MET B 157 10.88 -32.36 3.33
N ARG B 171 18.44 -21.48 7.30
CA ARG B 171 18.94 -20.96 8.56
C ARG B 171 17.94 -19.97 9.17
N LYS B 172 17.54 -18.98 8.38
CA LYS B 172 16.54 -18.02 8.84
C LYS B 172 15.17 -18.69 9.01
N LEU B 173 14.91 -19.75 8.25
CA LEU B 173 13.66 -20.49 8.39
C LEU B 173 13.59 -21.18 9.75
N ALA B 174 14.68 -21.82 10.16
CA ALA B 174 14.70 -22.50 11.46
C ALA B 174 14.52 -21.50 12.60
N HIS B 175 15.10 -20.32 12.48
CA HIS B 175 14.92 -19.29 13.51
C HIS B 175 13.47 -18.83 13.56
N LEU B 176 12.83 -18.71 12.40
CA LEU B 176 11.42 -18.31 12.38
C LEU B 176 10.53 -19.38 12.97
N LEU B 177 10.74 -20.64 12.58
CA LEU B 177 9.96 -21.73 13.16
C LEU B 177 10.19 -21.87 14.66
N ASN B 178 11.42 -21.60 15.12
CA ASN B 178 11.70 -21.63 16.55
C ASN B 178 10.91 -20.55 17.29
N ALA B 179 10.77 -19.38 16.66
CA ALA B 179 10.04 -18.29 17.30
C ALA B 179 8.55 -18.60 17.42
N VAL B 180 7.95 -19.13 16.36
CA VAL B 180 6.53 -19.45 16.40
C VAL B 180 6.28 -20.60 17.36
N THR B 181 7.20 -21.58 17.40
CA THR B 181 7.08 -22.66 18.38
C THR B 181 7.19 -22.12 19.80
N ASP B 182 8.16 -21.23 20.05
CA ASP B 182 8.27 -20.59 21.36
C ASP B 182 6.99 -19.84 21.72
N ALA B 183 6.34 -19.23 20.73
CA ALA B 183 5.09 -18.54 20.99
C ALA B 183 4.01 -19.52 21.45
N LEU B 184 3.93 -20.68 20.82
CA LEU B 184 2.91 -21.66 21.18
C LEU B 184 3.12 -22.19 22.61
N VAL B 185 4.36 -22.50 22.97
CA VAL B 185 4.63 -22.92 24.36
C VAL B 185 4.31 -21.79 25.32
N TRP B 186 4.54 -20.54 24.90
CA TRP B 186 4.20 -19.41 25.76
C TRP B 186 2.68 -19.30 25.94
N VAL B 187 1.92 -19.49 24.86
CA VAL B 187 0.46 -19.45 24.96
C VAL B 187 -0.04 -20.54 25.90
N ILE B 188 0.52 -21.74 25.79
CA ILE B 188 0.08 -22.84 26.65
C ILE B 188 0.54 -22.59 28.08
N ALA B 189 1.72 -22.00 28.26
CA ALA B 189 2.20 -21.71 29.60
C ALA B 189 1.34 -20.65 30.28
N LYS B 190 0.79 -19.71 29.51
CA LYS B 190 -0.08 -18.67 30.06
C LYS B 190 -1.44 -19.21 30.49
N SER B 191 -1.78 -20.45 30.11
CA SER B 191 -3.06 -21.03 30.52
C SER B 191 -3.10 -21.41 31.98
N GLY B 192 -1.96 -21.43 32.67
CA GLY B 192 -1.92 -21.74 34.08
C GLY B 192 -1.93 -23.21 34.44
N ILE B 193 -2.04 -24.10 33.46
CA ILE B 193 -2.08 -25.53 33.75
C ILE B 193 -0.68 -26.02 34.12
N SER B 194 -0.62 -27.21 34.70
CA SER B 194 0.64 -27.75 35.19
C SER B 194 1.60 -28.04 34.04
N SER B 195 2.87 -28.23 34.39
CA SER B 195 3.90 -28.47 33.38
C SER B 195 3.65 -29.78 32.64
N GLN B 196 3.11 -30.80 33.33
CA GLN B 196 2.77 -32.05 32.65
C GLN B 196 1.61 -31.85 31.69
N GLN B 197 0.63 -31.03 32.08
CA GLN B 197 -0.50 -30.76 31.20
C GLN B 197 -0.10 -29.86 30.03
N GLN B 198 0.89 -28.98 30.24
CA GLN B 198 1.38 -28.15 29.14
C GLN B 198 2.03 -29.00 28.06
N SER B 199 2.85 -29.97 28.46
CA SER B 199 3.46 -30.87 27.49
C SER B 199 2.42 -31.77 26.84
N MET B 200 1.37 -32.15 27.58
CA MET B 200 0.33 -32.98 27.01
C MET B 200 -0.51 -32.22 26.00
N ARG B 201 -0.88 -30.98 26.31
CA ARG B 201 -1.65 -30.18 25.37
C ARG B 201 -0.84 -29.85 24.12
N LEU B 202 0.43 -29.48 24.29
CA LEU B 202 1.30 -29.24 23.14
C LEU B 202 1.38 -30.49 22.26
N ALA B 203 1.47 -31.66 22.88
CA ALA B 203 1.53 -32.90 22.11
C ALA B 203 0.21 -33.16 21.39
N ASN B 204 -0.91 -33.00 22.10
CA ASN B 204 -2.21 -33.28 21.50
C ASN B 204 -2.49 -32.36 20.32
N LEU B 205 -2.11 -31.08 20.44
CA LEU B 205 -2.34 -30.14 19.34
C LEU B 205 -1.52 -30.52 18.11
N LEU B 206 -0.23 -30.81 18.31
CA LEU B 206 0.63 -31.12 17.17
C LEU B 206 0.35 -32.51 16.61
N MET B 207 -0.15 -33.43 17.44
CA MET B 207 -0.54 -34.73 16.93
C MET B 207 -1.74 -34.62 15.99
N LEU B 208 -2.61 -33.63 16.20
CA LEU B 208 -3.73 -33.44 15.29
C LEU B 208 -3.29 -32.88 13.95
N LEU B 209 -2.10 -32.26 13.89
CA LEU B 209 -1.58 -31.79 12.61
C LEU B 209 -1.33 -32.95 11.65
N SER B 210 -1.01 -34.13 12.17
N SER B 210 -1.02 -34.13 12.18
CA SER B 210 -0.87 -35.31 11.32
CA SER B 210 -0.86 -35.31 11.33
C SER B 210 -2.17 -35.64 10.62
C SER B 210 -2.17 -35.67 10.65
N HIS B 211 -3.30 -35.46 11.31
CA HIS B 211 -4.59 -35.72 10.70
C HIS B 211 -4.96 -34.63 9.71
N VAL B 212 -4.59 -33.38 9.99
CA VAL B 212 -4.82 -32.30 9.04
C VAL B 212 -4.00 -32.53 7.78
N ARG B 213 -2.76 -32.99 7.95
CA ARG B 213 -1.95 -33.38 6.80
C ARG B 213 -2.57 -34.55 6.06
N HIS B 214 -3.16 -35.49 6.81
CA HIS B 214 -3.84 -36.62 6.19
C HIS B 214 -5.03 -36.16 5.36
N ALA B 215 -5.82 -35.23 5.90
CA ALA B 215 -6.93 -34.67 5.13
C ALA B 215 -6.42 -33.91 3.91
N SER B 216 -5.29 -33.22 4.05
CA SER B 216 -4.71 -32.50 2.91
C SER B 216 -4.29 -33.44 1.81
N ASN B 217 -3.69 -34.58 2.17
CA ASN B 217 -3.26 -35.55 1.17
C ASN B 217 -4.45 -36.16 0.44
N LYS B 218 -5.51 -36.52 1.18
CA LYS B 218 -6.70 -37.08 0.54
C LYS B 218 -7.40 -36.04 -0.32
N GLY B 219 -7.44 -34.78 0.13
CA GLY B 219 -8.02 -33.73 -0.68
C GLY B 219 -7.22 -33.48 -1.95
N MET B 220 -5.90 -33.61 -1.85
CA MET B 220 -5.05 -33.50 -3.04
C MET B 220 -5.40 -34.57 -4.06
N GLU B 221 -5.53 -35.82 -3.60
CA GLU B 221 -5.87 -36.92 -4.50
C GLU B 221 -7.24 -36.72 -5.13
N HIS B 222 -8.21 -36.24 -4.36
CA HIS B 222 -9.56 -36.06 -4.88
C HIS B 222 -9.61 -34.94 -5.91
N LEU B 223 -8.95 -33.82 -5.63
CA LEU B 223 -8.96 -32.70 -6.57
C LEU B 223 -8.29 -33.08 -7.88
N LEU B 224 -7.15 -33.77 -7.81
CA LEU B 224 -6.49 -34.22 -9.04
C LEU B 224 -7.38 -35.18 -9.83
N ASN B 225 -8.15 -36.01 -9.14
CA ASN B 225 -9.07 -36.90 -9.83
C ASN B 225 -10.23 -36.14 -10.44
N MET B 226 -10.78 -35.17 -9.70
CA MET B 226 -11.86 -34.35 -10.24
C MET B 226 -11.39 -33.57 -11.47
N LYS B 227 -10.15 -33.08 -11.45
CA LYS B 227 -9.60 -32.40 -12.61
C LYS B 227 -9.39 -33.38 -13.77
N CYS B 228 -8.89 -34.58 -13.46
CA CYS B 228 -8.68 -35.59 -14.50
C CYS B 228 -9.99 -36.04 -15.11
N LYS B 229 -11.03 -36.20 -14.30
CA LYS B 229 -12.34 -36.62 -14.79
C LYS B 229 -13.15 -35.49 -15.40
N ASN B 230 -12.58 -34.29 -15.51
CA ASN B 230 -13.25 -33.13 -16.12
C ASN B 230 -14.53 -32.77 -15.39
N VAL B 231 -14.57 -32.97 -14.07
CA VAL B 231 -15.76 -32.56 -13.32
C VAL B 231 -15.70 -31.07 -13.01
N VAL B 232 -14.60 -30.63 -12.40
CA VAL B 232 -14.35 -29.21 -12.14
C VAL B 232 -13.23 -28.72 -13.05
N PRO B 233 -13.30 -27.51 -13.58
CA PRO B 233 -12.11 -26.91 -14.17
C PRO B 233 -11.25 -26.24 -13.12
N VAL B 234 -9.94 -26.18 -13.38
CA VAL B 234 -8.96 -25.61 -12.48
C VAL B 234 -8.20 -24.51 -13.22
N TYR B 235 -8.06 -23.35 -12.59
CA TYR B 235 -7.56 -22.16 -13.26
C TYR B 235 -6.54 -21.41 -12.39
N ASP B 236 -5.67 -20.67 -13.09
CA ASP B 236 -4.61 -19.80 -12.59
C ASP B 236 -3.85 -20.32 -11.38
N LEU B 237 -3.98 -19.67 -10.22
CA LEU B 237 -3.13 -20.01 -9.09
C LEU B 237 -3.38 -21.43 -8.59
N LEU B 238 -4.65 -21.82 -8.47
CA LEU B 238 -4.99 -23.17 -8.04
C LEU B 238 -4.35 -24.21 -8.96
N LEU B 239 -4.36 -23.96 -10.26
CA LEU B 239 -3.72 -24.86 -11.21
C LEU B 239 -2.23 -24.97 -10.94
N GLU B 240 -1.55 -23.83 -10.76
CA GLU B 240 -0.11 -23.86 -10.46
C GLU B 240 0.20 -24.60 -9.16
N MET B 241 -0.56 -24.31 -8.10
CA MET B 241 -0.34 -24.98 -6.83
C MET B 241 -0.68 -26.47 -6.90
N LEU B 242 -1.51 -26.86 -7.87
CA LEU B 242 -1.88 -28.26 -8.04
C LEU B 242 -0.80 -29.04 -8.79
N ASN B 243 -0.05 -28.37 -9.65
CA ASN B 243 1.03 -29.02 -10.40
C ASN B 243 2.31 -29.08 -9.57
N HIS C 2 -11.09 -60.08 7.64
CA HIS C 2 -9.72 -60.11 8.14
C HIS C 2 -9.42 -61.38 8.91
N LYS C 3 -9.20 -62.48 8.19
CA LYS C 3 -8.99 -63.77 8.82
C LYS C 3 -7.64 -63.84 9.53
N ILE C 4 -6.56 -63.57 8.78
CA ILE C 4 -5.23 -63.69 9.35
C ILE C 4 -5.00 -62.66 10.45
N LEU C 5 -5.49 -61.44 10.24
CA LEU C 5 -5.32 -60.40 11.26
C LEU C 5 -6.05 -60.75 12.55
N HIS C 6 -7.30 -61.23 12.42
CA HIS C 6 -8.02 -61.67 13.61
C HIS C 6 -7.29 -62.83 14.29
N ARG C 7 -6.76 -63.77 13.51
CA ARG C 7 -6.06 -64.90 14.08
C ARG C 7 -4.79 -64.45 14.80
N LEU C 8 -3.98 -63.62 14.13
CA LEU C 8 -2.74 -63.14 14.73
C LEU C 8 -2.98 -62.24 15.94
N LEU C 9 -4.17 -61.67 16.08
CA LEU C 9 -4.47 -60.83 17.23
C LEU C 9 -4.94 -61.63 18.43
N GLN C 10 -5.55 -62.79 18.21
CA GLN C 10 -5.98 -63.65 19.31
C GLN C 10 -4.87 -64.59 19.74
N HIS D 2 6.71 -21.52 -12.23
CA HIS D 2 5.78 -20.98 -11.25
C HIS D 2 5.74 -19.45 -11.33
N LYS D 3 5.05 -18.95 -12.35
CA LYS D 3 5.03 -17.51 -12.61
C LYS D 3 4.18 -16.77 -11.59
N ILE D 4 2.92 -17.17 -11.41
CA ILE D 4 2.02 -16.40 -10.56
C ILE D 4 2.51 -16.37 -9.12
N LEU D 5 3.01 -17.51 -8.60
CA LEU D 5 3.50 -17.51 -7.23
C LEU D 5 4.73 -16.62 -7.06
N HIS D 6 5.67 -16.69 -8.01
CA HIS D 6 6.82 -15.81 -7.99
C HIS D 6 6.41 -14.34 -8.09
N ARG D 7 5.44 -14.05 -8.95
CA ARG D 7 5.01 -12.66 -9.13
C ARG D 7 4.37 -12.11 -7.87
N LEU D 8 3.44 -12.86 -7.27
CA LEU D 8 2.76 -12.39 -6.08
C LEU D 8 3.70 -12.26 -4.87
N LEU D 9 4.85 -12.93 -4.91
CA LEU D 9 5.82 -12.82 -3.83
C LEU D 9 6.78 -11.65 -4.00
N GLN D 10 6.99 -11.19 -5.23
CA GLN D 10 7.85 -10.04 -5.48
C GLN D 10 7.08 -8.73 -5.32
N SER E 11 28.28 11.76 32.53
CA SER E 11 29.24 12.85 32.44
C SER E 11 29.72 13.02 31.00
N PRO E 12 30.18 14.23 30.65
CA PRO E 12 30.67 14.46 29.27
C PRO E 12 31.78 13.50 28.86
N GLU E 13 32.76 13.27 29.72
CA GLU E 13 33.84 12.35 29.37
C GLU E 13 33.33 10.91 29.25
N GLN E 14 32.39 10.51 30.11
CA GLN E 14 31.86 9.16 30.03
C GLN E 14 31.12 8.95 28.71
N LEU E 15 30.39 9.96 28.24
CA LEU E 15 29.71 9.84 26.96
C LEU E 15 30.69 9.75 25.80
N VAL E 16 31.74 10.57 25.82
CA VAL E 16 32.74 10.54 24.76
C VAL E 16 33.43 9.19 24.71
N LEU E 17 33.81 8.66 25.87
CA LEU E 17 34.46 7.34 25.90
C LEU E 17 33.50 6.24 25.49
N THR E 18 32.21 6.38 25.81
CA THR E 18 31.23 5.40 25.33
C THR E 18 31.10 5.43 23.82
N LEU E 19 31.14 6.64 23.23
CA LEU E 19 31.10 6.74 21.78
C LEU E 19 32.34 6.12 21.14
N LEU E 20 33.50 6.30 21.79
CA LEU E 20 34.72 5.66 21.30
C LEU E 20 34.60 4.14 21.32
N GLU E 21 34.06 3.59 22.40
CA GLU E 21 33.87 2.15 22.50
C GLU E 21 32.87 1.65 21.48
N ALA E 22 31.91 2.49 21.09
CA ALA E 22 30.85 2.10 20.17
C ALA E 22 31.26 2.22 18.70
N GLU E 23 32.49 2.63 18.42
CA GLU E 23 32.93 2.81 17.04
C GLU E 23 32.81 1.51 16.26
N PRO E 24 32.26 1.53 15.04
CA PRO E 24 32.06 0.30 14.29
C PRO E 24 33.38 -0.27 13.81
N PRO E 25 33.44 -1.57 13.53
CA PRO E 25 34.67 -2.16 13.01
C PRO E 25 34.93 -1.75 11.57
N HIS E 26 36.19 -1.86 11.17
CA HIS E 26 36.57 -1.60 9.80
C HIS E 26 35.95 -2.63 8.86
N VAL E 27 35.57 -2.17 7.67
CA VAL E 27 34.98 -3.03 6.65
C VAL E 27 36.06 -3.39 5.64
N LEU E 28 36.20 -4.69 5.37
CA LEU E 28 37.30 -5.16 4.53
C LEU E 28 36.81 -5.48 3.11
N ILE E 29 36.54 -4.41 2.36
CA ILE E 29 36.33 -4.50 0.92
C ILE E 29 37.63 -4.10 0.24
N SER E 30 37.97 -4.80 -0.84
CA SER E 30 39.23 -4.58 -1.55
C SER E 30 38.96 -4.02 -2.93
N ARG E 31 40.02 -3.46 -3.53
CA ARG E 31 39.95 -2.87 -4.86
C ARG E 31 39.73 -3.94 -5.93
N PRO E 35 41.12 -2.83 -13.98
CA PRO E 35 40.83 -1.49 -13.49
C PRO E 35 39.36 -1.29 -13.14
N PHE E 36 38.99 -0.05 -12.82
CA PHE E 36 37.65 0.29 -12.40
C PHE E 36 36.83 0.81 -13.58
N THR E 37 35.63 0.27 -13.73
CA THR E 37 34.64 0.78 -14.67
C THR E 37 33.56 1.53 -13.90
N GLU E 38 32.68 2.22 -14.64
CA GLU E 38 31.59 2.94 -13.99
C GLU E 38 30.67 1.99 -13.23
N ALA E 39 30.45 0.79 -13.77
CA ALA E 39 29.62 -0.18 -13.09
C ALA E 39 30.36 -0.83 -11.92
N SER E 40 31.66 -1.08 -12.08
CA SER E 40 32.41 -1.77 -11.04
C SER E 40 32.67 -0.87 -9.84
N MET E 41 32.98 0.41 -10.08
CA MET E 41 33.18 1.34 -8.97
C MET E 41 31.89 1.56 -8.20
N MET E 42 30.77 1.70 -8.93
CA MET E 42 29.47 1.84 -8.26
C MET E 42 29.12 0.57 -7.49
N MET E 43 29.53 -0.59 -7.99
CA MET E 43 29.28 -1.84 -7.25
C MET E 43 30.08 -1.89 -5.96
N SER E 44 31.34 -1.46 -6.00
CA SER E 44 32.18 -1.48 -4.80
C SER E 44 31.67 -0.48 -3.76
N LEU E 45 31.29 0.72 -4.20
CA LEU E 45 30.84 1.74 -3.26
C LEU E 45 29.49 1.36 -2.63
N THR E 46 28.58 0.82 -3.44
CA THR E 46 27.27 0.46 -2.90
C THR E 46 27.37 -0.76 -1.97
N LYS E 47 28.22 -1.72 -2.33
CA LYS E 47 28.44 -2.85 -1.44
C LYS E 47 29.08 -2.41 -0.13
N LEU E 48 30.05 -1.49 -0.20
CA LEU E 48 30.64 -0.92 1.01
C LEU E 48 29.61 -0.18 1.83
N ALA E 49 28.77 0.62 1.19
CA ALA E 49 27.74 1.38 1.91
C ALA E 49 26.74 0.44 2.57
N ASP E 50 26.39 -0.65 1.89
CA ASP E 50 25.43 -1.60 2.46
C ASP E 50 25.99 -2.24 3.72
N LYS E 51 27.27 -2.66 3.68
CA LYS E 51 27.89 -3.25 4.86
C LYS E 51 28.04 -2.24 5.98
N GLU E 52 28.45 -1.00 5.64
CA GLU E 52 28.59 0.03 6.66
C GLU E 52 27.25 0.40 7.27
N LEU E 53 26.16 0.29 6.51
CA LEU E 53 24.84 0.58 7.06
C LEU E 53 24.48 -0.40 8.15
N VAL E 54 24.90 -1.67 8.01
CA VAL E 54 24.65 -2.66 9.05
C VAL E 54 25.36 -2.27 10.34
N HIS E 55 26.62 -1.85 10.23
CA HIS E 55 27.38 -1.47 11.42
C HIS E 55 26.87 -0.17 12.03
N MET E 56 26.29 0.70 11.22
CA MET E 56 25.77 1.96 11.74
C MET E 56 24.56 1.72 12.63
N ILE E 57 23.73 0.73 12.29
CA ILE E 57 22.57 0.41 13.10
C ILE E 57 23.02 -0.07 14.48
N SER E 58 24.01 -0.97 14.52
CA SER E 58 24.55 -1.42 15.79
C SER E 58 25.24 -0.29 16.53
N TRP E 59 25.92 0.60 15.80
CA TRP E 59 26.59 1.74 16.44
C TRP E 59 25.60 2.69 17.08
N ALA E 60 24.49 3.00 16.39
CA ALA E 60 23.51 3.92 16.94
C ALA E 60 22.86 3.34 18.19
N LYS E 61 22.67 2.02 18.23
CA LYS E 61 22.07 1.37 19.39
C LYS E 61 22.96 1.44 20.62
N LYS E 62 24.26 1.64 20.44
CA LYS E 62 25.19 1.74 21.55
C LYS E 62 25.37 3.16 22.07
N ILE E 63 24.85 4.15 21.35
CA ILE E 63 24.82 5.52 21.88
C ILE E 63 23.88 5.56 23.07
N PRO E 64 24.31 6.04 24.23
CA PRO E 64 23.49 5.94 25.45
C PRO E 64 22.16 6.68 25.30
N GLY E 65 21.07 5.94 25.41
CA GLY E 65 19.74 6.51 25.37
C GLY E 65 19.05 6.45 24.02
N PHE E 66 19.74 6.00 22.97
CA PHE E 66 19.13 5.97 21.64
C PHE E 66 17.99 4.95 21.58
N VAL E 67 18.18 3.78 22.21
CA VAL E 67 17.14 2.76 22.22
C VAL E 67 15.94 3.15 23.07
N GLU E 68 16.07 4.16 23.93
CA GLU E 68 14.94 4.61 24.72
C GLU E 68 13.96 5.44 23.91
N LEU E 69 14.37 5.94 22.75
CA LEU E 69 13.44 6.62 21.86
C LEU E 69 12.46 5.61 21.27
N SER E 70 11.34 6.13 20.76
CA SER E 70 10.39 5.27 20.08
C SER E 70 11.03 4.70 18.81
N LEU E 71 10.54 3.52 18.40
CA LEU E 71 11.05 2.91 17.18
C LEU E 71 10.82 3.82 15.97
N PHE E 72 9.70 4.54 15.96
CA PHE E 72 9.44 5.49 14.89
C PHE E 72 10.50 6.58 14.84
N ASP E 73 10.90 7.10 15.99
CA ASP E 73 11.94 8.13 16.03
C ASP E 73 13.30 7.55 15.63
N GLN E 74 13.59 6.32 16.07
CA GLN E 74 14.87 5.71 15.73
C GLN E 74 15.02 5.50 14.23
N VAL E 75 13.98 5.01 13.56
CA VAL E 75 14.06 4.78 12.12
C VAL E 75 14.16 6.09 11.36
N ARG E 76 13.40 7.11 11.77
CA ARG E 76 13.41 8.37 11.02
C ARG E 76 14.76 9.08 11.14
N LEU E 77 15.40 9.02 12.31
CA LEU E 77 16.70 9.64 12.47
C LEU E 77 17.74 8.95 11.59
N LEU E 78 17.72 7.62 11.55
CA LEU E 78 18.66 6.88 10.72
C LEU E 78 18.34 7.02 9.24
N GLU E 79 17.07 7.19 8.89
CA GLU E 79 16.69 7.34 7.49
C GLU E 79 17.26 8.63 6.90
N SER E 80 17.29 9.70 7.69
CA SER E 80 17.71 11.00 7.20
C SER E 80 19.21 11.23 7.30
N CYS E 81 19.92 10.47 8.15
CA CYS E 81 21.33 10.73 8.43
C CYS E 81 22.29 9.73 7.82
N TRP E 82 21.79 8.61 7.28
CA TRP E 82 22.68 7.50 6.96
C TRP E 82 23.74 7.89 5.92
N MET E 83 23.37 8.71 4.94
CA MET E 83 24.35 9.13 3.95
C MET E 83 25.35 10.12 4.55
N GLU E 84 24.88 11.03 5.39
CA GLU E 84 25.78 12.00 6.02
C GLU E 84 26.76 11.32 6.96
N VAL E 85 26.29 10.34 7.75
CA VAL E 85 27.16 9.67 8.70
C VAL E 85 28.26 8.89 7.99
N LEU E 86 27.91 8.22 6.89
CA LEU E 86 28.92 7.48 6.13
C LEU E 86 29.97 8.42 5.55
N MET E 87 29.55 9.57 5.02
CA MET E 87 30.51 10.52 4.47
C MET E 87 31.36 11.15 5.55
N MET E 88 30.79 11.39 6.74
CA MET E 88 31.59 11.93 7.84
C MET E 88 32.68 10.94 8.26
N GLY E 89 32.35 9.65 8.30
CA GLY E 89 33.36 8.65 8.59
C GLY E 89 34.43 8.58 7.52
N LEU E 90 34.03 8.72 6.25
CA LEU E 90 34.99 8.75 5.16
C LEU E 90 35.95 9.92 5.29
N MET E 91 35.43 11.10 5.67
CA MET E 91 36.29 12.26 5.82
C MET E 91 37.29 12.05 6.95
N TRP E 92 36.88 11.38 8.03
CA TRP E 92 37.80 11.09 9.12
C TRP E 92 38.87 10.09 8.70
N ARG E 93 38.49 9.05 7.95
CA ARG E 93 39.48 8.08 7.50
C ARG E 93 40.49 8.70 6.55
N SER E 94 40.09 9.75 5.82
CA SER E 94 40.95 10.37 4.83
C SER E 94 41.60 11.65 5.32
N ILE E 95 41.48 11.97 6.62
CA ILE E 95 41.94 13.27 7.10
C ILE E 95 43.47 13.34 7.04
N ASP E 96 44.15 12.20 7.14
CA ASP E 96 45.60 12.13 7.15
C ASP E 96 46.15 11.63 5.82
N HIS E 97 45.34 11.66 4.77
CA HIS E 97 45.74 11.20 3.44
C HIS E 97 45.25 12.23 2.44
N PRO E 98 46.01 13.29 2.21
CA PRO E 98 45.59 14.34 1.27
C PRO E 98 45.45 13.80 -0.15
N GLY E 99 44.40 14.25 -0.84
CA GLY E 99 44.17 13.83 -2.21
C GLY E 99 43.66 12.42 -2.38
N LYS E 100 43.36 11.73 -1.28
CA LYS E 100 42.91 10.35 -1.32
C LYS E 100 41.68 10.18 -0.43
N LEU E 101 40.81 9.27 -0.84
CA LEU E 101 39.59 8.95 -0.11
C LEU E 101 39.72 7.53 0.42
N ILE E 102 39.82 7.39 1.74
CA ILE E 102 40.00 6.08 2.36
C ILE E 102 38.60 5.52 2.59
N PHE E 103 38.04 4.96 1.52
CA PHE E 103 36.73 4.31 1.63
C PHE E 103 36.80 3.11 2.56
N ALA E 104 37.93 2.40 2.54
CA ALA E 104 38.16 1.23 3.36
C ALA E 104 39.66 1.00 3.43
N PRO E 105 40.14 0.23 4.42
CA PRO E 105 41.58 -0.07 4.46
C PRO E 105 42.15 -0.60 3.17
N ASP E 106 41.41 -1.43 2.44
CA ASP E 106 41.87 -2.01 1.18
C ASP E 106 41.21 -1.37 -0.03
N LEU E 107 40.58 -0.20 0.13
CA LEU E 107 39.89 0.50 -0.96
C LEU E 107 40.24 1.98 -0.85
N VAL E 108 41.40 2.34 -1.37
CA VAL E 108 41.89 3.72 -1.39
C VAL E 108 41.84 4.23 -2.82
N LEU E 109 41.11 5.33 -3.03
CA LEU E 109 40.90 5.90 -4.36
C LEU E 109 41.51 7.29 -4.44
N ASP E 110 42.24 7.55 -5.51
CA ASP E 110 42.72 8.89 -5.82
C ASP E 110 41.59 9.75 -6.38
N ARG E 111 41.80 11.06 -6.36
CA ARG E 111 40.79 12.00 -6.85
C ARG E 111 40.45 11.75 -8.31
N ASP E 112 41.47 11.58 -9.15
CA ASP E 112 41.23 11.42 -10.58
C ASP E 112 40.51 10.13 -10.92
N GLU E 113 40.49 9.15 -10.01
CA GLU E 113 39.75 7.92 -10.28
C GLU E 113 38.25 8.14 -10.30
N GLY E 114 37.76 9.28 -9.81
CA GLY E 114 36.35 9.59 -9.93
C GLY E 114 35.91 9.92 -11.34
N LYS E 115 36.86 10.18 -12.25
CA LYS E 115 36.51 10.43 -13.64
C LYS E 115 35.95 9.19 -14.33
N CYS E 116 36.11 8.00 -13.74
CA CYS E 116 35.56 6.80 -14.35
C CYS E 116 34.05 6.70 -14.19
N VAL E 117 33.47 7.43 -13.25
CA VAL E 117 32.02 7.50 -13.06
C VAL E 117 31.57 8.92 -13.37
N GLU E 118 30.56 9.05 -14.22
CA GLU E 118 30.06 10.36 -14.60
C GLU E 118 29.42 11.07 -13.40
N GLY E 119 29.86 12.30 -13.15
CA GLY E 119 29.28 13.14 -12.13
C GLY E 119 29.79 12.93 -10.72
N ILE E 120 30.56 11.87 -10.46
CA ILE E 120 31.06 11.63 -9.10
C ILE E 120 32.32 12.41 -8.79
N LEU E 121 32.99 12.95 -9.81
CA LEU E 121 34.21 13.71 -9.57
C LEU E 121 33.92 14.97 -8.74
N GLU E 122 32.77 15.61 -9.00
CA GLU E 122 32.41 16.78 -8.22
C GLU E 122 32.14 16.40 -6.76
N ILE E 123 31.53 15.25 -6.53
CA ILE E 123 31.29 14.81 -5.15
C ILE E 123 32.60 14.43 -4.48
N PHE E 124 33.50 13.78 -5.22
CA PHE E 124 34.82 13.47 -4.66
C PHE E 124 35.56 14.74 -4.28
N ASP E 125 35.49 15.77 -5.13
CA ASP E 125 36.14 17.04 -4.81
C ASP E 125 35.49 17.69 -3.60
N MET E 126 34.17 17.61 -3.51
CA MET E 126 33.48 18.14 -2.34
C MET E 126 33.88 17.40 -1.07
N LEU E 127 33.94 16.07 -1.12
CA LEU E 127 34.37 15.31 0.04
C LEU E 127 35.82 15.61 0.40
N LEU E 128 36.69 15.74 -0.62
CA LEU E 128 38.09 16.02 -0.36
C LEU E 128 38.28 17.45 0.14
N ALA E 129 37.50 18.39 -0.36
CA ALA E 129 37.61 19.78 0.08
C ALA E 129 37.20 19.92 1.55
N THR E 130 36.08 19.30 1.92
CA THR E 130 35.64 19.34 3.32
C THR E 130 36.62 18.58 4.21
N THR E 131 37.18 17.47 3.72
CA THR E 131 38.20 16.76 4.48
C THR E 131 39.43 17.63 4.73
N SER E 132 39.85 18.38 3.71
CA SER E 132 40.98 19.29 3.89
C SER E 132 40.68 20.37 4.92
N ARG E 133 39.43 20.84 4.99
CA ARG E 133 39.06 21.84 5.98
C ARG E 133 39.14 21.27 7.40
N PHE E 134 38.69 20.04 7.59
CA PHE E 134 38.83 19.41 8.90
C PHE E 134 40.29 19.16 9.26
N ARG E 135 41.14 18.89 8.26
CA ARG E 135 42.56 18.70 8.54
C ARG E 135 43.22 20.01 8.97
N GLU E 136 42.89 21.11 8.29
CA GLU E 136 43.45 22.41 8.67
C GLU E 136 43.03 22.80 10.08
N LEU E 137 41.79 22.48 10.47
CA LEU E 137 41.32 22.73 11.82
C LEU E 137 41.88 21.75 12.84
N LYS E 138 42.60 20.73 12.39
CA LYS E 138 43.13 19.67 13.24
C LYS E 138 42.01 19.01 14.05
N LEU E 139 41.03 18.49 13.31
CA LEU E 139 39.91 17.79 13.94
C LEU E 139 40.41 16.63 14.79
N GLN E 140 40.15 16.68 16.09
CA GLN E 140 40.59 15.63 16.97
C GLN E 140 39.64 14.44 16.91
N HIS E 141 40.17 13.28 17.32
CA HIS E 141 39.37 12.05 17.25
C HIS E 141 38.13 12.15 18.13
N LYS E 142 38.28 12.66 19.35
CA LYS E 142 37.13 12.81 20.23
C LYS E 142 36.15 13.87 19.73
N GLU E 143 36.64 14.91 19.04
CA GLU E 143 35.72 15.87 18.43
C GLU E 143 34.93 15.22 17.31
N TYR E 144 35.59 14.37 16.51
CA TYR E 144 34.92 13.66 15.44
C TYR E 144 33.83 12.74 15.99
N LEU E 145 34.10 12.10 17.13
CA LEU E 145 33.11 11.19 17.72
C LEU E 145 31.84 11.94 18.11
N CYS E 146 31.98 13.12 18.70
CA CYS E 146 30.82 13.91 19.07
C CYS E 146 30.09 14.43 17.85
N VAL E 147 30.83 14.93 16.86
CA VAL E 147 30.23 15.50 15.66
C VAL E 147 29.43 14.45 14.91
N LYS E 148 29.97 13.24 14.79
CA LYS E 148 29.25 12.19 14.06
C LYS E 148 27.98 11.78 14.77
N ALA E 149 28.01 11.77 16.11
CA ALA E 149 26.79 11.48 16.86
C ALA E 149 25.78 12.60 16.74
N MET E 150 26.25 13.86 16.68
CA MET E 150 25.35 14.97 16.48
C MET E 150 24.66 14.89 15.13
N ILE E 151 25.37 14.41 14.12
CA ILE E 151 24.78 14.28 12.79
C ILE E 151 23.58 13.34 12.83
N LEU E 152 23.71 12.22 13.55
CA LEU E 152 22.59 11.30 13.68
C LEU E 152 21.42 11.95 14.41
N LEU E 153 21.71 12.70 15.47
CA LEU E 153 20.65 13.29 16.29
C LEU E 153 20.10 14.57 15.70
N ASN E 154 20.84 15.23 14.80
CA ASN E 154 20.43 16.48 14.17
C ASN E 154 20.00 16.26 12.72
N SER E 155 19.41 15.11 12.44
CA SER E 155 19.06 14.73 11.07
C SER E 155 17.60 14.98 10.73
N SER E 156 16.72 14.95 11.72
CA SER E 156 15.28 15.13 11.50
C SER E 156 14.72 14.11 10.51
N SER E 169 9.29 11.02 23.77
CA SER E 169 10.45 10.54 23.03
C SER E 169 11.27 11.73 22.51
N SER E 170 10.58 12.76 22.04
CA SER E 170 11.28 13.98 21.60
C SER E 170 11.97 14.67 22.76
N ARG E 171 11.38 14.61 23.96
CA ARG E 171 12.03 15.17 25.14
C ARG E 171 13.31 14.42 25.47
N LYS E 172 13.37 13.12 25.16
CA LYS E 172 14.59 12.37 25.34
C LYS E 172 15.59 12.64 24.21
N LEU E 173 15.10 12.93 23.01
CA LEU E 173 16.00 13.24 21.90
C LEU E 173 16.70 14.59 22.12
N ALA E 174 15.95 15.60 22.58
CA ALA E 174 16.56 16.88 22.89
C ALA E 174 17.60 16.74 24.00
N HIS E 175 17.32 15.91 25.00
CA HIS E 175 18.29 15.65 26.05
C HIS E 175 19.52 14.92 25.50
N LEU E 176 19.30 14.02 24.55
CA LEU E 176 20.42 13.30 23.94
C LEU E 176 21.29 14.23 23.11
N LEU E 177 20.69 15.07 22.27
CA LEU E 177 21.46 16.02 21.48
C LEU E 177 22.16 17.04 22.37
N ASN E 178 21.52 17.43 23.48
CA ASN E 178 22.16 18.34 24.42
C ASN E 178 23.36 17.68 25.09
N ALA E 179 23.27 16.39 25.39
CA ALA E 179 24.37 15.70 26.05
C ALA E 179 25.57 15.58 25.13
N VAL E 180 25.36 15.20 23.87
CA VAL E 180 26.46 15.08 22.93
C VAL E 180 27.05 16.46 22.63
N THR E 181 26.20 17.49 22.57
CA THR E 181 26.71 18.84 22.42
C THR E 181 27.56 19.25 23.62
N ASP E 182 27.07 18.96 24.83
CA ASP E 182 27.87 19.20 26.03
C ASP E 182 29.17 18.42 25.99
N ALA E 183 29.16 17.23 25.39
CA ALA E 183 30.39 16.47 25.24
C ALA E 183 31.38 17.19 24.34
N LEU E 184 30.89 17.74 23.22
CA LEU E 184 31.78 18.40 22.27
C LEU E 184 32.43 19.65 22.86
N VAL E 185 31.63 20.49 23.54
CA VAL E 185 32.20 21.67 24.18
C VAL E 185 33.21 21.28 25.24
N TRP E 186 32.99 20.14 25.91
CA TRP E 186 33.94 19.67 26.92
C TRP E 186 35.27 19.27 26.29
N VAL E 187 35.23 18.57 25.14
CA VAL E 187 36.47 18.21 24.46
C VAL E 187 37.25 19.44 24.03
N ILE E 188 36.54 20.45 23.53
CA ILE E 188 37.22 21.68 23.08
C ILE E 188 37.80 22.43 24.28
N ALA E 189 37.11 22.39 25.42
CA ALA E 189 37.62 23.06 26.61
C ALA E 189 38.88 22.41 27.15
N LYS E 190 39.11 21.13 26.87
CA LYS E 190 40.30 20.43 27.32
C LYS E 190 41.53 20.74 26.47
N SER E 191 41.40 21.57 25.43
CA SER E 191 42.54 21.91 24.59
C SER E 191 43.35 23.07 25.14
N GLY E 192 42.89 23.73 26.20
CA GLY E 192 43.63 24.82 26.80
C GLY E 192 43.53 26.15 26.09
N ILE E 193 42.76 26.24 25.00
CA ILE E 193 42.61 27.51 24.30
C ILE E 193 41.66 28.41 25.07
N SER E 194 41.68 29.70 24.73
CA SER E 194 40.89 30.68 25.45
C SER E 194 39.39 30.45 25.21
N SER E 195 38.58 31.09 26.04
CA SER E 195 37.13 30.93 25.95
C SER E 195 36.61 31.44 24.61
N GLN E 196 37.20 32.52 24.10
CA GLN E 196 36.79 33.01 22.78
C GLN E 196 37.17 32.02 21.69
N GLN E 197 38.36 31.41 21.80
CA GLN E 197 38.77 30.41 20.81
C GLN E 197 37.95 29.14 20.92
N GLN E 198 37.39 28.85 22.11
CA GLN E 198 36.53 27.69 22.25
C GLN E 198 35.23 27.88 21.49
N SER E 199 34.65 29.09 21.57
CA SER E 199 33.44 29.37 20.81
C SER E 199 33.72 29.41 19.30
N MET E 200 34.88 29.98 18.92
CA MET E 200 35.24 30.03 17.51
C MET E 200 35.46 28.63 16.96
N ARG E 201 36.13 27.76 17.72
CA ARG E 201 36.35 26.38 17.28
C ARG E 201 35.03 25.62 17.19
N LEU E 202 34.16 25.79 18.18
CA LEU E 202 32.84 25.17 18.13
C LEU E 202 32.08 25.62 16.89
N ALA E 203 32.18 26.92 16.56
CA ALA E 203 31.48 27.44 15.38
C ALA E 203 32.09 26.89 14.09
N ASN E 204 33.41 26.88 13.98
CA ASN E 204 34.06 26.42 12.75
C ASN E 204 33.74 24.95 12.47
N LEU E 205 33.72 24.11 13.52
CA LEU E 205 33.41 22.70 13.32
C LEU E 205 31.96 22.53 12.89
N LEU E 206 31.03 23.23 13.54
CA LEU E 206 29.61 23.04 13.25
C LEU E 206 29.22 23.66 11.91
N MET E 207 29.95 24.69 11.46
CA MET E 207 29.67 25.24 10.14
C MET E 207 30.00 24.24 9.03
N LEU E 208 30.96 23.35 9.28
CA LEU E 208 31.31 22.35 8.28
C LEU E 208 30.25 21.27 8.12
N LEU E 209 29.34 21.13 9.09
CA LEU E 209 28.25 20.17 8.96
C LEU E 209 27.36 20.50 7.76
N SER E 210 27.13 21.78 7.50
CA SER E 210 26.35 22.16 6.33
C SER E 210 27.05 21.75 5.04
N HIS E 211 28.39 21.72 5.05
CA HIS E 211 29.12 21.23 3.89
C HIS E 211 29.02 19.72 3.76
N VAL E 212 29.02 19.01 4.90
CA VAL E 212 28.84 17.56 4.87
C VAL E 212 27.43 17.21 4.44
N ARG E 213 26.43 17.95 4.94
CA ARG E 213 25.06 17.72 4.50
C ARG E 213 24.90 18.02 3.02
N HIS E 214 25.60 19.04 2.52
CA HIS E 214 25.56 19.34 1.09
C HIS E 214 26.12 18.18 0.28
N ALA E 215 27.24 17.61 0.74
CA ALA E 215 27.80 16.44 0.06
C ALA E 215 26.84 15.26 0.11
N SER E 216 26.13 15.11 1.22
CA SER E 216 25.17 14.00 1.35
C SER E 216 24.03 14.16 0.35
N ASN E 217 23.53 15.38 0.16
CA ASN E 217 22.44 15.59 -0.79
C ASN E 217 22.88 15.31 -2.21
N LYS E 218 24.07 15.77 -2.59
CA LYS E 218 24.56 15.51 -3.95
C LYS E 218 24.86 14.03 -4.17
N GLY E 219 25.37 13.35 -3.14
CA GLY E 219 25.59 11.92 -3.27
C GLY E 219 24.29 11.14 -3.38
N MET E 220 23.26 11.57 -2.66
CA MET E 220 21.94 10.94 -2.80
C MET E 220 21.41 11.08 -4.22
N GLU E 221 21.50 12.29 -4.79
CA GLU E 221 21.03 12.51 -6.16
C GLU E 221 21.82 11.65 -7.15
N HIS E 222 23.13 11.53 -6.94
CA HIS E 222 23.95 10.75 -7.85
C HIS E 222 23.59 9.27 -7.79
N LEU E 223 23.42 8.73 -6.59
CA LEU E 223 23.08 7.32 -6.44
C LEU E 223 21.72 7.02 -7.05
N LEU E 224 20.73 7.89 -6.82
CA LEU E 224 19.42 7.70 -7.41
C LEU E 224 19.48 7.78 -8.94
N ASN E 225 20.34 8.65 -9.48
CA ASN E 225 20.47 8.75 -10.92
C ASN E 225 21.15 7.51 -11.50
N MET E 226 22.20 7.02 -10.84
CA MET E 226 22.85 5.80 -11.31
C MET E 226 21.90 4.61 -11.27
N LYS E 227 21.05 4.53 -10.25
CA LYS E 227 20.09 3.43 -10.19
C LYS E 227 19.03 3.56 -11.29
N CYS E 228 18.57 4.78 -11.56
CA CYS E 228 17.59 4.98 -12.63
C CYS E 228 18.16 4.62 -13.98
N LYS E 229 19.44 4.94 -14.22
CA LYS E 229 20.09 4.59 -15.47
C LYS E 229 20.50 3.13 -15.53
N ASN E 230 20.15 2.35 -14.50
CA ASN E 230 20.43 0.92 -14.44
C ASN E 230 21.93 0.63 -14.51
N VAL E 231 22.74 1.55 -13.97
CA VAL E 231 24.19 1.33 -13.97
C VAL E 231 24.59 0.45 -12.80
N VAL E 232 24.19 0.82 -11.58
CA VAL E 232 24.46 0.00 -10.40
C VAL E 232 23.18 -0.67 -9.92
N PRO E 233 23.23 -1.93 -9.48
CA PRO E 233 22.11 -2.49 -8.72
C PRO E 233 22.23 -2.14 -7.24
N VAL E 234 21.08 -2.07 -6.57
CA VAL E 234 21.00 -1.74 -5.16
C VAL E 234 20.25 -2.84 -4.43
N TYR E 235 20.80 -3.27 -3.29
CA TYR E 235 20.35 -4.48 -2.61
C TYR E 235 20.17 -4.23 -1.11
N ASP E 236 19.28 -5.02 -0.53
CA ASP E 236 18.91 -5.10 0.90
C ASP E 236 18.79 -3.77 1.64
N LEU E 237 19.68 -3.53 2.62
CA LEU E 237 19.51 -2.38 3.51
C LEU E 237 19.65 -1.06 2.77
N LEU E 238 20.64 -0.96 1.88
CA LEU E 238 20.85 0.27 1.13
C LEU E 238 19.59 0.66 0.36
N LEU E 239 18.90 -0.32 -0.24
CA LEU E 239 17.65 -0.05 -0.93
C LEU E 239 16.59 0.49 0.02
N GLU E 240 16.42 -0.16 1.18
CA GLU E 240 15.45 0.31 2.16
C GLU E 240 15.74 1.74 2.60
N MET E 241 17.00 2.04 2.87
CA MET E 241 17.38 3.41 3.23
C MET E 241 17.23 4.34 2.03
N LEU E 242 17.32 3.80 0.82
CA LEU E 242 17.19 4.60 -0.39
C LEU E 242 15.74 4.87 -0.76
N ASN E 243 14.82 3.98 -0.38
CA ASN E 243 13.43 4.11 -0.77
C ASN E 243 12.70 5.25 -0.06
N ALA E 244 13.39 6.04 0.76
CA ALA E 244 12.81 7.20 1.43
C ALA E 244 11.56 6.82 2.24
N LEU F 10 33.47 46.43 11.87
CA LEU F 10 33.76 45.02 12.12
C LEU F 10 33.60 44.69 13.60
N SER F 11 33.47 45.73 14.41
CA SER F 11 33.18 45.53 15.82
C SER F 11 31.85 44.79 15.96
N PRO F 12 31.65 44.05 17.05
CA PRO F 12 30.37 43.32 17.20
C PRO F 12 29.14 44.20 17.15
N GLU F 13 29.12 45.30 17.90
CA GLU F 13 27.95 46.19 17.88
C GLU F 13 27.83 46.90 16.53
N GLN F 14 28.95 47.36 15.98
CA GLN F 14 28.92 48.06 14.69
C GLN F 14 28.50 47.14 13.56
N LEU F 15 28.97 45.89 13.58
CA LEU F 15 28.62 44.94 12.52
C LEU F 15 27.14 44.61 12.53
N VAL F 16 26.58 44.35 13.71
CA VAL F 16 25.15 44.02 13.81
C VAL F 16 24.30 45.18 13.30
N LEU F 17 24.65 46.41 13.68
CA LEU F 17 23.88 47.57 13.22
C LEU F 17 24.04 47.78 11.72
N THR F 18 25.24 47.49 11.19
CA THR F 18 25.42 47.58 9.74
C THR F 18 24.58 46.55 9.00
N LEU F 19 24.49 45.33 9.53
CA LEU F 19 23.66 44.31 8.92
C LEU F 19 22.19 44.69 8.95
N LEU F 20 21.75 45.37 10.01
CA LEU F 20 20.36 45.79 10.11
C LEU F 20 20.01 46.79 9.01
N GLU F 21 20.91 47.75 8.76
CA GLU F 21 20.64 48.77 7.75
C GLU F 21 20.71 48.22 6.33
N ALA F 22 21.35 47.06 6.14
CA ALA F 22 21.48 46.43 4.83
C ALA F 22 20.30 45.53 4.51
N GLU F 23 19.31 45.43 5.40
CA GLU F 23 18.18 44.54 5.16
C GLU F 23 17.43 44.95 3.89
N PRO F 24 17.09 44.00 3.02
CA PRO F 24 16.45 44.35 1.75
C PRO F 24 15.04 44.83 1.94
N PRO F 25 14.53 45.61 0.99
CA PRO F 25 13.13 46.05 1.06
C PRO F 25 12.17 44.90 0.79
N HIS F 26 10.93 45.10 1.23
CA HIS F 26 9.88 44.12 0.96
C HIS F 26 9.62 44.03 -0.54
N VAL F 27 9.40 42.82 -1.03
CA VAL F 27 9.14 42.54 -2.44
C VAL F 27 7.66 42.23 -2.63
N LEU F 28 7.02 42.92 -3.58
CA LEU F 28 5.61 42.79 -3.87
C LEU F 28 5.41 41.99 -5.15
N ILE F 29 4.82 40.81 -5.04
CA ILE F 29 4.40 40.07 -6.23
C ILE F 29 2.94 40.35 -6.55
N PHE F 36 -5.51 29.11 -7.84
CA PHE F 36 -4.09 28.75 -7.96
C PHE F 36 -3.91 27.45 -8.73
N THR F 37 -3.06 27.49 -9.76
CA THR F 37 -2.66 26.31 -10.51
C THR F 37 -1.17 26.03 -10.25
N GLU F 38 -0.73 24.87 -10.72
CA GLU F 38 0.68 24.53 -10.56
C GLU F 38 1.58 25.50 -11.31
N ALA F 39 1.14 25.99 -12.47
CA ALA F 39 1.93 26.96 -13.22
C ALA F 39 1.87 28.33 -12.58
N SER F 40 0.71 28.72 -12.04
CA SER F 40 0.57 30.05 -11.48
C SER F 40 1.31 30.18 -10.15
N MET F 41 1.25 29.14 -9.31
CA MET F 41 1.97 29.18 -8.04
C MET F 41 3.48 29.20 -8.27
N MET F 42 3.96 28.35 -9.19
CA MET F 42 5.38 28.36 -9.51
C MET F 42 5.80 29.66 -10.17
N MET F 43 4.91 30.29 -10.93
CA MET F 43 5.23 31.58 -11.55
C MET F 43 5.41 32.67 -10.49
N SER F 44 4.55 32.67 -9.48
CA SER F 44 4.67 33.67 -8.42
C SER F 44 5.94 33.46 -7.60
N LEU F 45 6.29 32.21 -7.31
CA LEU F 45 7.46 31.94 -6.49
C LEU F 45 8.75 32.30 -7.24
N THR F 46 8.81 31.97 -8.53
CA THR F 46 10.02 32.27 -9.30
C THR F 46 10.15 33.77 -9.55
N LYS F 47 9.03 34.45 -9.82
CA LYS F 47 9.08 35.91 -9.98
C LYS F 47 9.52 36.58 -8.69
N LEU F 48 9.04 36.10 -7.54
CA LEU F 48 9.49 36.63 -6.25
C LEU F 48 10.99 36.37 -6.07
N ALA F 49 11.44 35.16 -6.39
CA ALA F 49 12.85 34.83 -6.23
C ALA F 49 13.73 35.69 -7.14
N ASP F 50 13.25 35.98 -8.35
CA ASP F 50 14.03 36.80 -9.28
C ASP F 50 14.19 38.22 -8.74
N LYS F 51 13.11 38.81 -8.23
CA LYS F 51 13.20 40.16 -7.66
C LYS F 51 14.04 40.17 -6.39
N GLU F 52 13.86 39.16 -5.52
CA GLU F 52 14.63 39.12 -4.29
C GLU F 52 16.12 38.91 -4.56
N LEU F 53 16.46 38.23 -5.66
CA LEU F 53 17.87 38.02 -5.97
C LEU F 53 18.58 39.33 -6.26
N VAL F 54 17.88 40.28 -6.90
CA VAL F 54 18.48 41.58 -7.17
C VAL F 54 18.80 42.31 -5.87
N HIS F 55 17.86 42.29 -4.92
CA HIS F 55 18.08 42.97 -3.64
C HIS F 55 19.13 42.26 -2.81
N MET F 56 19.28 40.94 -2.97
CA MET F 56 20.30 40.21 -2.22
C MET F 56 21.69 40.63 -2.64
N ILE F 57 21.88 40.91 -3.93
CA ILE F 57 23.18 41.37 -4.42
C ILE F 57 23.53 42.71 -3.76
N SER F 58 22.57 43.63 -3.71
CA SER F 58 22.79 44.89 -3.02
C SER F 58 23.03 44.68 -1.53
N TRP F 59 22.34 43.70 -0.94
CA TRP F 59 22.52 43.40 0.48
C TRP F 59 23.93 42.89 0.76
N ALA F 60 24.43 41.98 -0.08
CA ALA F 60 25.76 41.42 0.15
C ALA F 60 26.83 42.49 0.01
N LYS F 61 26.65 43.43 -0.93
CA LYS F 61 27.64 44.48 -1.14
C LYS F 61 27.71 45.45 0.03
N LYS F 62 26.70 45.46 0.91
CA LYS F 62 26.71 46.34 2.07
C LYS F 62 27.32 45.69 3.30
N ILE F 63 27.55 44.38 3.28
CA ILE F 63 28.28 43.73 4.37
C ILE F 63 29.74 44.18 4.33
N PRO F 64 30.27 44.71 5.44
CA PRO F 64 31.61 45.32 5.41
C PRO F 64 32.68 44.33 4.97
N GLY F 65 33.39 44.69 3.90
CA GLY F 65 34.50 43.90 3.39
C GLY F 65 34.14 42.95 2.27
N PHE F 66 32.85 42.81 1.93
CA PHE F 66 32.46 41.86 0.89
C PHE F 66 32.94 42.32 -0.48
N VAL F 67 32.79 43.61 -0.79
CA VAL F 67 33.20 44.11 -2.09
C VAL F 67 34.72 44.13 -2.23
N GLU F 68 35.45 44.04 -1.12
CA GLU F 68 36.90 43.96 -1.17
C GLU F 68 37.39 42.57 -1.55
N LEU F 69 36.52 41.56 -1.48
CA LEU F 69 36.88 40.23 -1.95
C LEU F 69 37.03 40.24 -3.46
N SER F 70 37.72 39.23 -3.98
CA SER F 70 37.88 39.10 -5.42
C SER F 70 36.52 38.87 -6.08
N LEU F 71 36.42 39.29 -7.34
CA LEU F 71 35.19 39.09 -8.10
C LEU F 71 34.86 37.60 -8.20
N PHE F 72 35.88 36.75 -8.32
CA PHE F 72 35.66 35.31 -8.35
C PHE F 72 35.03 34.82 -7.05
N ASP F 73 35.53 35.30 -5.90
CA ASP F 73 34.97 34.86 -4.62
C ASP F 73 33.56 35.41 -4.42
N GLN F 74 33.33 36.67 -4.80
CA GLN F 74 32.00 37.24 -4.65
C GLN F 74 30.97 36.48 -5.48
N VAL F 75 31.32 36.14 -6.72
CA VAL F 75 30.41 35.37 -7.56
C VAL F 75 30.20 33.97 -6.99
N ARG F 76 31.28 33.35 -6.52
CA ARG F 76 31.19 31.98 -6.01
C ARG F 76 30.36 31.92 -4.73
N LEU F 77 30.53 32.90 -3.83
CA LEU F 77 29.77 32.89 -2.59
C LEU F 77 28.28 33.10 -2.86
N LEU F 78 27.93 34.02 -3.75
CA LEU F 78 26.53 34.27 -4.06
C LEU F 78 25.91 33.12 -4.84
N GLU F 79 26.71 32.40 -5.64
CA GLU F 79 26.16 31.29 -6.41
C GLU F 79 25.66 30.17 -5.51
N SER F 80 26.39 29.88 -4.44
CA SER F 80 26.08 28.74 -3.58
C SER F 80 25.09 29.04 -2.47
N CYS F 81 24.93 30.31 -2.10
CA CYS F 81 24.14 30.66 -0.92
C CYS F 81 22.79 31.28 -1.24
N TRP F 82 22.54 31.67 -2.49
CA TRP F 82 21.38 32.52 -2.77
C TRP F 82 20.07 31.81 -2.44
N MET F 83 20.00 30.50 -2.65
CA MET F 83 18.80 29.76 -2.28
C MET F 83 18.68 29.66 -0.76
N GLU F 84 19.79 29.45 -0.07
CA GLU F 84 19.76 29.40 1.39
C GLU F 84 19.35 30.74 1.99
N VAL F 85 19.87 31.83 1.44
CA VAL F 85 19.57 33.15 1.97
C VAL F 85 18.09 33.48 1.79
N LEU F 86 17.54 33.16 0.62
CA LEU F 86 16.12 33.41 0.38
C LEU F 86 15.25 32.57 1.31
N MET F 87 15.60 31.30 1.49
CA MET F 87 14.82 30.45 2.39
C MET F 87 14.99 30.86 3.85
N MET F 88 16.17 31.35 4.23
CA MET F 88 16.37 31.83 5.60
C MET F 88 15.49 33.05 5.87
N GLY F 89 15.37 33.95 4.88
CA GLY F 89 14.47 35.08 5.04
C GLY F 89 13.02 34.65 5.15
N LEU F 90 12.63 33.64 4.37
CA LEU F 90 11.27 33.12 4.45
C LEU F 90 10.96 32.56 5.83
N MET F 91 11.92 31.82 6.41
CA MET F 91 11.71 31.27 7.75
C MET F 91 11.58 32.36 8.79
N TRP F 92 12.32 33.45 8.63
CA TRP F 92 12.23 34.57 9.55
C TRP F 92 10.88 35.28 9.43
N ARG F 93 10.40 35.48 8.21
CA ARG F 93 9.10 36.11 8.01
C ARG F 93 7.96 35.25 8.52
N SER F 94 8.12 33.93 8.52
CA SER F 94 7.07 32.99 8.91
C SER F 94 7.25 32.44 10.32
N ILE F 95 8.17 33.01 11.10
CA ILE F 95 8.55 32.39 12.37
C ILE F 95 7.40 32.40 13.38
N ASP F 96 6.49 33.37 13.29
CA ASP F 96 5.43 33.53 14.27
C ASP F 96 4.07 33.06 13.76
N HIS F 97 4.03 32.29 12.68
CA HIS F 97 2.79 31.79 12.11
C HIS F 97 2.97 30.32 11.71
N PRO F 98 2.76 29.40 12.64
CA PRO F 98 2.91 27.97 12.31
C PRO F 98 1.93 27.55 11.23
N GLY F 99 2.40 26.68 10.33
CA GLY F 99 1.58 26.20 9.24
C GLY F 99 1.41 27.16 8.08
N LYS F 100 2.09 28.30 8.10
CA LYS F 100 1.98 29.28 7.04
C LYS F 100 3.37 29.76 6.62
N LEU F 101 3.52 30.04 5.33
CA LEU F 101 4.77 30.53 4.76
C LEU F 101 4.53 31.93 4.21
N ILE F 102 5.15 32.93 4.84
CA ILE F 102 4.98 34.33 4.43
C ILE F 102 6.04 34.59 3.37
N PHE F 103 5.73 34.16 2.14
CA PHE F 103 6.65 34.38 1.03
C PHE F 103 6.83 35.87 0.73
N ALA F 104 5.75 36.64 0.83
CA ALA F 104 5.77 38.06 0.51
C ALA F 104 4.56 38.71 1.14
N PRO F 105 4.55 40.04 1.30
CA PRO F 105 3.36 40.72 1.82
C PRO F 105 2.07 40.37 1.10
N ASP F 106 2.12 40.04 -0.18
CA ASP F 106 0.95 39.67 -0.96
C ASP F 106 0.99 38.22 -1.42
N LEU F 107 1.71 37.37 -0.69
CA LEU F 107 1.84 35.95 -1.05
C LEU F 107 2.01 35.14 0.24
N VAL F 108 0.87 34.87 0.90
CA VAL F 108 0.84 34.05 2.10
C VAL F 108 0.20 32.73 1.74
N LEU F 109 0.95 31.64 1.94
CA LEU F 109 0.54 30.31 1.52
C LEU F 109 0.36 29.40 2.73
N ASP F 110 -0.75 28.68 2.77
CA ASP F 110 -0.95 27.65 3.76
C ASP F 110 -0.15 26.41 3.39
N ARG F 111 0.10 25.56 4.39
CA ARG F 111 0.84 24.33 4.14
C ARG F 111 0.11 23.45 3.14
N ASP F 112 -1.21 23.29 3.32
CA ASP F 112 -1.99 22.42 2.45
C ASP F 112 -2.06 22.94 1.02
N GLU F 113 -1.78 24.24 0.81
CA GLU F 113 -1.76 24.78 -0.55
C GLU F 113 -0.57 24.26 -1.36
N GLY F 114 0.43 23.66 -0.71
CA GLY F 114 1.52 23.04 -1.42
C GLY F 114 1.14 21.82 -2.23
N LYS F 115 -0.04 21.24 -1.95
CA LYS F 115 -0.52 20.12 -2.73
C LYS F 115 -0.84 20.51 -4.17
N CYS F 116 -0.84 21.81 -4.49
CA CYS F 116 -1.14 22.25 -5.84
C CYS F 116 0.04 22.04 -6.79
N VAL F 117 1.26 22.14 -6.28
CA VAL F 117 2.47 21.92 -7.08
C VAL F 117 3.07 20.57 -6.70
N GLU F 118 3.36 19.76 -7.71
CA GLU F 118 3.89 18.42 -7.46
C GLU F 118 5.27 18.50 -6.82
N GLY F 119 5.43 17.79 -5.70
CA GLY F 119 6.70 17.69 -5.02
C GLY F 119 7.07 18.83 -4.11
N ILE F 120 6.34 19.94 -4.14
CA ILE F 120 6.70 21.07 -3.29
C ILE F 120 6.14 20.93 -1.87
N LEU F 121 5.20 20.02 -1.65
CA LEU F 121 4.64 19.85 -0.31
C LEU F 121 5.70 19.37 0.68
N GLU F 122 6.60 18.50 0.24
CA GLU F 122 7.68 18.04 1.11
C GLU F 122 8.64 19.18 1.45
N ILE F 123 8.90 20.06 0.48
CA ILE F 123 9.77 21.20 0.74
C ILE F 123 9.09 22.20 1.66
N PHE F 124 7.78 22.40 1.49
CA PHE F 124 7.03 23.26 2.40
C PHE F 124 7.13 22.74 3.82
N ASP F 125 7.04 21.42 3.99
CA ASP F 125 7.17 20.83 5.33
C ASP F 125 8.58 21.03 5.88
N MET F 126 9.59 20.97 5.01
CA MET F 126 10.97 21.22 5.45
C MET F 126 11.13 22.65 5.93
N LEU F 127 10.60 23.61 5.15
CA LEU F 127 10.70 25.01 5.53
C LEU F 127 9.94 25.30 6.82
N LEU F 128 8.76 24.71 6.98
CA LEU F 128 7.97 24.94 8.18
C LEU F 128 8.59 24.28 9.40
N ALA F 129 9.19 23.09 9.21
CA ALA F 129 9.82 22.40 10.33
C ALA F 129 11.03 23.18 10.85
N THR F 130 11.89 23.65 9.93
CA THR F 130 13.03 24.44 10.35
C THR F 130 12.59 25.77 10.95
N THR F 131 11.51 26.35 10.40
CA THR F 131 10.95 27.57 10.99
C THR F 131 10.47 27.33 12.41
N SER F 132 9.82 26.18 12.66
CA SER F 132 9.37 25.86 14.00
C SER F 132 10.56 25.73 14.96
N ARG F 133 11.68 25.20 14.48
CA ARG F 133 12.86 25.09 15.34
C ARG F 133 13.42 26.46 15.67
N PHE F 134 13.43 27.38 14.70
CA PHE F 134 13.83 28.75 14.99
C PHE F 134 12.84 29.43 15.93
N ARG F 135 11.55 29.08 15.84
CA ARG F 135 10.56 29.64 16.74
C ARG F 135 10.73 29.08 18.16
N GLU F 136 10.97 27.78 18.29
CA GLU F 136 11.17 27.18 19.60
C GLU F 136 12.41 27.76 20.28
N LEU F 137 13.46 28.01 19.51
CA LEU F 137 14.66 28.64 20.06
C LEU F 137 14.48 30.13 20.33
N LYS F 138 13.37 30.71 19.90
CA LYS F 138 13.12 32.15 20.02
C LYS F 138 14.26 32.95 19.41
N LEU F 139 14.49 32.71 18.12
CA LEU F 139 15.54 33.37 17.37
C LEU F 139 15.40 34.88 17.47
N GLN F 140 16.48 35.55 17.86
CA GLN F 140 16.46 36.99 18.05
C GLN F 140 16.70 37.71 16.72
N HIS F 141 16.32 38.99 16.69
CA HIS F 141 16.57 39.81 15.51
C HIS F 141 18.06 39.93 15.25
N LYS F 142 18.84 40.19 16.30
CA LYS F 142 20.28 40.31 16.17
C LYS F 142 20.93 38.98 15.81
N GLU F 143 20.37 37.86 16.30
CA GLU F 143 20.88 36.55 15.91
C GLU F 143 20.58 36.25 14.45
N TYR F 144 19.39 36.62 13.98
CA TYR F 144 19.01 36.37 12.59
C TYR F 144 19.93 37.12 11.64
N LEU F 145 20.31 38.36 11.99
CA LEU F 145 21.20 39.12 11.12
C LEU F 145 22.57 38.46 10.99
N CYS F 146 23.10 37.94 12.09
CA CYS F 146 24.40 37.26 12.04
C CYS F 146 24.29 35.94 11.27
N VAL F 147 23.25 35.16 11.53
CA VAL F 147 23.12 33.85 10.89
C VAL F 147 22.98 33.99 9.39
N LYS F 148 22.18 34.97 8.93
CA LYS F 148 21.98 35.13 7.50
C LYS F 148 23.26 35.60 6.82
N ALA F 149 24.06 36.43 7.49
CA ALA F 149 25.36 36.81 6.94
C ALA F 149 26.32 35.64 6.99
N MET F 150 26.22 34.78 8.01
CA MET F 150 27.05 33.59 8.10
C MET F 150 26.79 32.65 6.93
N ILE F 151 25.54 32.55 6.50
CA ILE F 151 25.19 31.66 5.39
C ILE F 151 25.91 32.07 4.12
N LEU F 152 25.94 33.38 3.83
CA LEU F 152 26.64 33.85 2.64
C LEU F 152 28.13 33.58 2.72
N LEU F 153 28.74 33.82 3.88
CA LEU F 153 30.19 33.70 4.00
C LEU F 153 30.66 32.27 4.17
N ASN F 154 29.79 31.35 4.59
CA ASN F 154 30.15 29.95 4.78
C ASN F 154 29.59 29.07 3.68
N SER F 155 29.45 29.60 2.47
CA SER F 155 28.74 28.87 1.43
C SER F 155 29.65 28.15 0.46
N ALA F 167 44.10 34.32 -3.22
CA ALA F 167 44.98 34.05 -2.09
C ALA F 167 44.78 35.08 -0.99
N ASP F 168 44.84 36.36 -1.38
CA ASP F 168 44.58 37.45 -0.43
C ASP F 168 43.09 37.65 -0.18
N SER F 169 42.23 37.25 -1.13
CA SER F 169 40.80 37.32 -0.90
C SER F 169 40.33 36.21 0.04
N SER F 170 41.04 35.07 0.04
CA SER F 170 40.68 33.98 0.94
C SER F 170 41.01 34.33 2.39
N ARG F 171 42.15 35.00 2.61
CA ARG F 171 42.47 35.47 3.95
C ARG F 171 41.47 36.52 4.42
N LYS F 172 40.95 37.34 3.50
CA LYS F 172 39.97 38.34 3.89
C LYS F 172 38.62 37.71 4.18
N LEU F 173 38.21 36.73 3.36
CA LEU F 173 36.94 36.05 3.59
C LEU F 173 36.94 35.32 4.94
N ALA F 174 38.05 34.66 5.27
CA ALA F 174 38.15 34.01 6.57
C ALA F 174 38.05 35.03 7.71
N HIS F 175 38.66 36.20 7.53
CA HIS F 175 38.55 37.26 8.52
C HIS F 175 37.12 37.78 8.60
N LEU F 176 36.43 37.85 7.46
CA LEU F 176 35.04 38.30 7.46
C LEU F 176 34.13 37.32 8.19
N LEU F 177 34.27 36.03 7.89
CA LEU F 177 33.46 35.03 8.58
C LEU F 177 33.76 34.98 10.07
N ASN F 178 35.02 35.22 10.46
CA ASN F 178 35.36 35.28 11.87
C ASN F 178 34.68 36.45 12.56
N ALA F 179 34.56 37.59 11.86
CA ALA F 179 33.96 38.77 12.47
C ALA F 179 32.47 38.55 12.74
N VAL F 180 31.75 37.98 11.77
CA VAL F 180 30.34 37.72 11.95
C VAL F 180 30.12 36.64 13.01
N THR F 181 31.02 35.65 13.04
CA THR F 181 30.96 34.63 14.09
C THR F 181 31.18 35.25 15.46
N ASP F 182 32.20 36.10 15.58
CA ASP F 182 32.43 36.81 16.84
C ASP F 182 31.21 37.64 17.22
N ALA F 183 30.53 38.21 16.22
CA ALA F 183 29.31 38.96 16.51
C ALA F 183 28.23 38.06 17.10
N LEU F 184 28.06 36.85 16.56
CA LEU F 184 27.01 35.97 17.06
C LEU F 184 27.30 35.54 18.50
N VAL F 185 28.55 35.18 18.81
CA VAL F 185 28.89 34.89 20.20
C VAL F 185 28.66 36.12 21.07
N TRP F 186 28.89 37.31 20.52
CA TRP F 186 28.64 38.54 21.26
C TRP F 186 27.15 38.72 21.54
N VAL F 187 26.29 38.44 20.55
CA VAL F 187 24.84 38.53 20.77
C VAL F 187 24.38 37.53 21.81
N ILE F 188 24.91 36.30 21.76
CA ILE F 188 24.45 35.28 22.71
C ILE F 188 24.91 35.62 24.13
N ALA F 189 26.09 36.23 24.27
CA ALA F 189 26.57 36.61 25.60
C ALA F 189 25.71 37.69 26.23
N LYS F 190 25.00 38.49 25.42
CA LYS F 190 24.15 39.56 25.96
C LYS F 190 22.87 39.04 26.57
N SER F 191 22.44 37.82 26.23
CA SER F 191 21.23 37.27 26.80
C SER F 191 21.35 37.02 28.30
N GLY F 192 22.57 36.95 28.83
CA GLY F 192 22.78 36.76 30.24
C GLY F 192 22.64 35.34 30.74
N ILE F 193 22.44 34.38 29.85
CA ILE F 193 22.31 32.98 30.24
C ILE F 193 23.68 32.44 30.62
N SER F 194 23.72 31.25 31.21
CA SER F 194 24.98 30.68 31.67
C SER F 194 25.88 30.35 30.48
N SER F 195 27.16 30.16 30.78
CA SER F 195 28.13 29.86 29.73
C SER F 195 27.85 28.52 29.06
N GLN F 196 27.30 27.56 29.82
CA GLN F 196 26.91 26.29 29.22
C GLN F 196 25.69 26.47 28.31
N GLN F 197 24.78 27.36 28.69
CA GLN F 197 23.63 27.63 27.84
C GLN F 197 24.01 28.45 26.62
N GLN F 198 25.03 29.31 26.74
CA GLN F 198 25.50 30.06 25.58
C GLN F 198 26.10 29.14 24.53
N SER F 199 26.95 28.20 24.97
CA SER F 199 27.52 27.23 24.04
C SER F 199 26.44 26.34 23.45
N MET F 200 25.43 25.98 24.26
CA MET F 200 24.34 25.15 23.76
C MET F 200 23.51 25.90 22.72
N ARG F 201 23.20 27.18 22.98
CA ARG F 201 22.43 27.96 22.02
C ARG F 201 23.23 28.19 20.73
N LEU F 202 24.52 28.52 20.85
CA LEU F 202 25.36 28.68 19.67
C LEU F 202 25.38 27.41 18.83
N ALA F 203 25.46 26.25 19.49
CA ALA F 203 25.48 24.98 18.77
C ALA F 203 24.14 24.72 18.09
N ASN F 204 23.03 24.95 18.80
CA ASN F 204 21.72 24.69 18.24
C ASN F 204 21.46 25.57 17.02
N LEU F 205 21.88 26.84 17.09
CA LEU F 205 21.70 27.74 15.96
C LEU F 205 22.53 27.30 14.76
N LEU F 206 23.79 26.93 14.99
CA LEU F 206 24.67 26.56 13.89
C LEU F 206 24.30 25.21 13.30
N MET F 207 23.72 24.31 14.10
CA MET F 207 23.24 23.05 13.55
C MET F 207 22.07 23.26 12.60
N LEU F 208 21.30 24.34 12.80
CA LEU F 208 20.19 24.64 11.90
C LEU F 208 20.67 25.11 10.54
N LEU F 209 21.93 25.54 10.44
CA LEU F 209 22.49 25.90 9.13
C LEU F 209 22.47 24.72 8.18
N SER F 210 22.63 23.50 8.70
CA SER F 210 22.57 22.32 7.85
C SER F 210 21.15 22.03 7.38
N HIS F 211 20.15 22.40 8.18
CA HIS F 211 18.76 22.24 7.75
C HIS F 211 18.39 23.26 6.68
N VAL F 212 18.90 24.48 6.79
CA VAL F 212 18.67 25.47 5.75
C VAL F 212 19.36 25.05 4.46
N ARG F 213 20.58 24.51 4.57
CA ARG F 213 21.27 23.99 3.40
C ARG F 213 20.53 22.80 2.81
N HIS F 214 19.96 21.94 3.68
CA HIS F 214 19.21 20.79 3.20
C HIS F 214 17.96 21.22 2.43
N ALA F 215 17.23 22.19 2.95
CA ALA F 215 16.06 22.71 2.24
C ALA F 215 16.47 23.35 0.93
N SER F 216 17.61 24.02 0.91
CA SER F 216 18.10 24.65 -0.32
C SER F 216 18.41 23.61 -1.39
N ASN F 217 19.04 22.50 -1.00
CA ASN F 217 19.37 21.46 -1.97
C ASN F 217 18.12 20.81 -2.54
N LYS F 218 17.13 20.53 -1.69
CA LYS F 218 15.89 19.92 -2.19
C LYS F 218 15.10 20.91 -3.05
N GLY F 219 15.07 22.18 -2.65
CA GLY F 219 14.42 23.18 -3.47
C GLY F 219 15.14 23.43 -4.78
N MET F 220 16.47 23.37 -4.75
CA MET F 220 17.26 23.51 -5.97
C MET F 220 16.93 22.40 -6.97
N GLU F 221 16.88 21.17 -6.49
CA GLU F 221 16.52 20.03 -7.36
C GLU F 221 15.11 20.19 -7.90
N HIS F 222 14.18 20.68 -7.07
CA HIS F 222 12.80 20.83 -7.50
C HIS F 222 12.68 21.93 -8.57
N LEU F 223 13.35 23.06 -8.35
CA LEU F 223 13.28 24.15 -9.32
C LEU F 223 13.88 23.75 -10.66
N LEU F 224 15.00 23.03 -10.64
CA LEU F 224 15.60 22.56 -11.88
C LEU F 224 14.67 21.61 -12.62
N ASN F 225 13.93 20.78 -11.89
CA ASN F 225 12.98 19.88 -12.53
C ASN F 225 11.77 20.64 -13.08
N MET F 226 11.25 21.60 -12.32
CA MET F 226 10.15 22.41 -12.82
C MET F 226 10.56 23.20 -14.05
N LYS F 227 11.79 23.70 -14.07
CA LYS F 227 12.30 24.38 -15.26
C LYS F 227 12.49 23.42 -16.42
N CYS F 228 13.08 22.26 -16.17
CA CYS F 228 13.35 21.32 -17.24
C CYS F 228 12.05 20.74 -17.80
N LYS F 229 11.07 20.49 -16.93
CA LYS F 229 9.77 19.97 -17.35
C LYS F 229 8.86 21.06 -17.90
N ASN F 230 9.34 22.29 -18.02
CA ASN F 230 8.58 23.41 -18.60
C ASN F 230 7.31 23.71 -17.83
N VAL F 231 7.33 23.54 -16.51
CA VAL F 231 6.15 23.91 -15.73
C VAL F 231 6.14 25.41 -15.47
N VAL F 232 7.23 25.92 -14.91
CA VAL F 232 7.44 27.36 -14.73
C VAL F 232 8.52 27.81 -15.71
N PRO F 233 8.43 28.99 -16.30
CA PRO F 233 9.60 29.53 -16.99
C PRO F 233 10.53 30.23 -16.00
N VAL F 234 11.81 30.20 -16.33
CA VAL F 234 12.86 30.79 -15.51
C VAL F 234 13.64 31.78 -16.37
N TYR F 235 13.84 32.98 -15.84
CA TYR F 235 14.33 34.11 -16.63
C TYR F 235 15.45 34.83 -15.90
N ASP F 236 16.33 35.45 -16.70
CA ASP F 236 17.45 36.30 -16.31
C ASP F 236 18.26 35.83 -15.10
N LEU F 237 18.20 36.60 -14.00
CA LEU F 237 19.10 36.32 -12.88
C LEU F 237 18.80 34.97 -12.24
N LEU F 238 17.51 34.67 -12.03
CA LEU F 238 17.14 33.39 -11.45
C LEU F 238 17.66 32.23 -12.30
N LEU F 239 17.55 32.35 -13.63
CA LEU F 239 18.13 31.36 -14.52
C LEU F 239 19.64 31.30 -14.34
N GLU F 240 20.29 32.46 -14.29
CA GLU F 240 21.72 32.50 -14.07
C GLU F 240 22.12 31.79 -12.79
N MET F 241 21.43 32.10 -11.69
CA MET F 241 21.73 31.46 -10.41
C MET F 241 21.36 29.98 -10.43
N LEU F 242 20.43 29.58 -11.31
CA LEU F 242 20.02 28.18 -11.38
C LEU F 242 21.03 27.32 -12.12
N ASN F 243 21.58 27.82 -13.23
CA ASN F 243 22.59 27.06 -13.96
C ASN F 243 23.90 26.93 -13.18
N ALA F 244 24.09 27.75 -12.14
CA ALA F 244 25.29 27.67 -11.34
C ALA F 244 25.33 26.41 -10.47
N HIS F 245 24.19 25.82 -10.17
CA HIS F 245 24.14 24.58 -9.39
C HIS F 245 23.93 23.38 -10.29
N LYS G 3 11.54 -2.97 6.93
CA LYS G 3 11.53 -4.32 7.47
C LYS G 3 12.88 -4.69 8.08
N ILE G 4 13.94 -4.55 7.28
CA ILE G 4 15.27 -4.88 7.76
C ILE G 4 15.70 -3.89 8.84
N LEU G 5 15.39 -2.61 8.65
CA LEU G 5 15.76 -1.60 9.64
C LEU G 5 15.07 -1.85 10.97
N HIS G 6 13.79 -2.25 10.92
CA HIS G 6 13.07 -2.57 12.14
C HIS G 6 13.66 -3.79 12.83
N ARG G 7 14.13 -4.77 12.05
CA ARG G 7 14.70 -5.97 12.64
C ARG G 7 16.02 -5.68 13.34
N LEU G 8 16.94 -5.01 12.65
CA LEU G 8 18.25 -4.73 13.24
C LEU G 8 18.18 -3.71 14.37
N LEU G 9 17.09 -2.96 14.48
CA LEU G 9 16.92 -2.06 15.61
C LEU G 9 16.30 -2.74 16.82
N GLN G 10 15.73 -3.94 16.64
CA GLN G 10 15.06 -4.66 17.72
C GLN G 10 15.78 -5.94 18.11
N ASP G 11 16.94 -6.23 17.54
CA ASP G 11 17.69 -7.42 17.91
C ASP G 11 18.87 -7.04 18.80
N SER G 12 19.49 -8.06 19.40
CA SER G 12 20.62 -7.83 20.29
C SER G 12 21.91 -7.65 19.48
N HIS H 2 28.42 34.42 -16.44
CA HIS H 2 27.62 35.16 -15.48
C HIS H 2 27.54 36.65 -15.83
N LYS H 3 26.70 36.97 -16.82
CA LYS H 3 26.66 38.34 -17.31
C LYS H 3 26.01 39.28 -16.30
N ILE H 4 24.77 38.96 -15.88
CA ILE H 4 24.04 39.87 -15.01
C ILE H 4 24.71 39.98 -13.63
N LEU H 5 25.18 38.85 -13.08
CA LEU H 5 25.79 38.89 -11.76
C LEU H 5 27.09 39.70 -11.75
N HIS H 6 27.93 39.52 -12.78
CA HIS H 6 29.14 40.32 -12.88
C HIS H 6 28.81 41.81 -12.95
N ARG H 7 27.78 42.17 -13.73
CA ARG H 7 27.41 43.58 -13.85
C ARG H 7 26.90 44.14 -12.53
N LEU H 8 25.96 43.44 -11.89
CA LEU H 8 25.38 43.92 -10.64
C LEU H 8 26.38 43.97 -9.50
N LEU H 9 27.50 43.25 -9.60
CA LEU H 9 28.51 43.26 -8.56
C LEU H 9 29.50 44.41 -8.69
N GLN H 10 29.69 44.94 -9.89
CA GLN H 10 30.60 46.06 -10.09
C GLN H 10 29.93 47.39 -9.79
N SER I 11 -1.78 -5.54 31.54
CA SER I 11 -1.04 -4.84 30.49
C SER I 11 -1.90 -4.70 29.24
N PRO I 12 -1.62 -3.68 28.42
CA PRO I 12 -2.39 -3.51 27.18
C PRO I 12 -2.39 -4.73 26.28
N GLU I 13 -1.23 -5.36 26.06
CA GLU I 13 -1.17 -6.55 25.23
C GLU I 13 -1.94 -7.70 25.85
N GLN I 14 -1.85 -7.87 27.17
CA GLN I 14 -2.58 -8.94 27.84
C GLN I 14 -4.09 -8.74 27.73
N LEU I 15 -4.54 -7.49 27.84
CA LEU I 15 -5.97 -7.21 27.72
C LEU I 15 -6.49 -7.49 26.32
N VAL I 16 -5.73 -7.09 25.29
CA VAL I 16 -6.15 -7.34 23.91
C VAL I 16 -6.27 -8.83 23.64
N LEU I 17 -5.29 -9.62 24.12
CA LEU I 17 -5.34 -11.06 23.91
C LEU I 17 -6.50 -11.71 24.66
N THR I 18 -6.84 -11.18 25.85
CA THR I 18 -8.00 -11.69 26.57
C THR I 18 -9.28 -11.43 25.80
N LEU I 19 -9.40 -10.24 25.19
CA LEU I 19 -10.57 -9.95 24.38
C LEU I 19 -10.66 -10.85 23.16
N LEU I 20 -9.51 -11.27 22.61
CA LEU I 20 -9.51 -12.15 21.46
C LEU I 20 -10.09 -13.52 21.82
N GLU I 21 -9.67 -14.08 22.96
CA GLU I 21 -10.19 -15.36 23.39
C GLU I 21 -11.66 -15.30 23.77
N ALA I 22 -12.17 -14.12 24.10
CA ALA I 22 -13.57 -13.95 24.45
C ALA I 22 -14.47 -13.79 23.23
N GLU I 23 -13.92 -13.83 22.02
CA GLU I 23 -14.70 -13.63 20.81
C GLU I 23 -15.79 -14.70 20.70
N PRO I 24 -17.01 -14.32 20.37
CA PRO I 24 -18.11 -15.30 20.32
C PRO I 24 -17.96 -16.22 19.12
N PRO I 25 -18.57 -17.40 19.17
CA PRO I 25 -18.55 -18.31 18.02
C PRO I 25 -19.42 -17.80 16.88
N HIS I 26 -19.16 -18.32 15.70
CA HIS I 26 -20.00 -18.01 14.55
C HIS I 26 -21.40 -18.54 14.78
N VAL I 27 -22.40 -17.76 14.36
CA VAL I 27 -23.80 -18.13 14.50
C VAL I 27 -24.33 -18.58 13.15
N LEU I 28 -24.98 -19.74 13.12
CA LEU I 28 -25.45 -20.37 11.87
C LEU I 28 -26.96 -20.18 11.75
N ILE I 29 -27.37 -19.17 10.99
CA ILE I 29 -28.77 -19.03 10.59
C ILE I 29 -28.97 -19.62 9.21
N ARG I 31 -31.30 -19.31 6.27
CA ARG I 31 -31.90 -18.77 5.06
C ARG I 31 -33.06 -19.65 4.59
N PRO I 32 -34.22 -19.03 4.37
CA PRO I 32 -35.40 -19.79 3.96
C PRO I 32 -35.26 -20.36 2.56
N SER I 33 -36.11 -21.34 2.27
CA SER I 33 -36.10 -21.97 0.94
C SER I 33 -36.73 -21.05 -0.09
N ALA I 34 -37.93 -20.55 0.18
CA ALA I 34 -38.61 -19.65 -0.73
C ALA I 34 -37.88 -18.30 -0.75
N PRO I 35 -38.10 -17.49 -1.79
CA PRO I 35 -37.53 -16.14 -1.81
C PRO I 35 -37.97 -15.33 -0.59
N PHE I 36 -37.14 -14.35 -0.26
CA PHE I 36 -37.35 -13.58 0.96
C PHE I 36 -38.64 -12.77 0.88
N THR I 37 -39.44 -12.83 1.94
CA THR I 37 -40.56 -11.93 2.17
C THR I 37 -40.23 -11.01 3.34
N GLU I 38 -41.08 -10.01 3.55
CA GLU I 38 -40.85 -9.09 4.66
C GLU I 38 -40.88 -9.82 6.00
N ALA I 39 -41.76 -10.81 6.13
CA ALA I 39 -41.83 -11.58 7.35
C ALA I 39 -40.67 -12.57 7.47
N SER I 40 -40.24 -13.15 6.36
CA SER I 40 -39.18 -14.14 6.40
C SER I 40 -37.82 -13.50 6.67
N MET I 41 -37.55 -12.35 6.04
CA MET I 41 -36.28 -11.68 6.29
C MET I 41 -36.21 -11.16 7.72
N MET I 42 -37.30 -10.58 8.21
CA MET I 42 -37.33 -10.14 9.61
C MET I 42 -37.24 -11.32 10.55
N MET I 43 -37.79 -12.48 10.17
CA MET I 43 -37.67 -13.67 10.98
C MET I 43 -36.22 -14.15 11.07
N SER I 44 -35.50 -14.11 9.94
CA SER I 44 -34.10 -14.53 9.95
C SER I 44 -33.24 -13.57 10.75
N LEU I 45 -33.48 -12.26 10.62
CA LEU I 45 -32.68 -11.28 11.34
C LEU I 45 -32.92 -11.35 12.84
N THR I 46 -34.19 -11.50 13.25
CA THR I 46 -34.50 -11.57 14.67
C THR I 46 -34.01 -12.87 15.28
N LYS I 47 -34.14 -13.98 14.55
CA LYS I 47 -33.61 -15.25 15.04
C LYS I 47 -32.10 -15.19 15.18
N LEU I 48 -31.41 -14.55 14.23
CA LEU I 48 -29.97 -14.37 14.34
C LEU I 48 -29.61 -13.53 15.56
N ALA I 49 -30.35 -12.44 15.79
CA ALA I 49 -30.07 -11.59 16.95
C ALA I 49 -30.30 -12.35 18.25
N ASP I 50 -31.33 -13.19 18.29
CA ASP I 50 -31.62 -13.96 19.50
C ASP I 50 -30.49 -14.92 19.84
N LYS I 51 -29.98 -15.63 18.83
CA LYS I 51 -28.87 -16.55 19.05
C LYS I 51 -27.59 -15.79 19.41
N GLU I 52 -27.32 -14.68 18.73
CA GLU I 52 -26.13 -13.89 19.03
C GLU I 52 -26.18 -13.30 20.42
N LEU I 53 -27.38 -13.02 20.94
CA LEU I 53 -27.49 -12.45 22.28
C LEU I 53 -27.00 -13.41 23.35
N VAL I 54 -27.22 -14.72 23.15
CA VAL I 54 -26.72 -15.71 24.09
C VAL I 54 -25.20 -15.68 24.14
N HIS I 55 -24.56 -15.64 22.97
CA HIS I 55 -23.10 -15.64 22.92
C HIS I 55 -22.52 -14.32 23.42
N MET I 56 -23.27 -13.21 23.28
CA MET I 56 -22.77 -11.93 23.78
C MET I 56 -22.71 -11.92 25.30
N ILE I 57 -23.64 -12.60 25.96
CA ILE I 57 -23.61 -12.69 27.42
C ILE I 57 -22.34 -13.40 27.87
N SER I 58 -22.01 -14.51 27.21
CA SER I 58 -20.77 -15.22 27.52
C SER I 58 -19.55 -14.35 27.20
N TRP I 59 -19.62 -13.57 26.12
CA TRP I 59 -18.51 -12.69 25.76
C TRP I 59 -18.28 -11.63 26.81
N ALA I 60 -19.36 -11.01 27.30
CA ALA I 60 -19.22 -9.97 28.33
C ALA I 60 -18.67 -10.55 29.64
N LYS I 61 -19.07 -11.78 29.97
CA LYS I 61 -18.61 -12.41 31.20
C LYS I 61 -17.12 -12.74 31.17
N LYS I 62 -16.53 -12.82 29.98
CA LYS I 62 -15.10 -13.05 29.84
C LYS I 62 -14.29 -11.77 29.81
N ILE I 63 -14.94 -10.61 29.72
CA ILE I 63 -14.27 -9.32 29.88
C ILE I 63 -13.75 -9.28 31.32
N PRO I 64 -12.46 -9.06 31.53
CA PRO I 64 -11.89 -9.15 32.89
C PRO I 64 -12.51 -8.12 33.82
N GLY I 65 -13.14 -8.61 34.89
CA GLY I 65 -13.76 -7.76 35.88
C GLY I 65 -15.23 -7.47 35.67
N PHE I 66 -15.81 -7.89 34.54
CA PHE I 66 -17.22 -7.63 34.29
C PHE I 66 -18.11 -8.39 35.27
N VAL I 67 -17.73 -9.64 35.59
CA VAL I 67 -18.53 -10.42 36.54
C VAL I 67 -18.36 -9.91 37.96
N GLU I 68 -17.34 -9.10 38.23
CA GLU I 68 -17.16 -8.52 39.55
C GLU I 68 -18.14 -7.37 39.81
N LEU I 69 -18.74 -6.81 38.76
CA LEU I 69 -19.77 -5.79 38.94
C LEU I 69 -21.03 -6.42 39.52
N SER I 70 -21.89 -5.58 40.08
CA SER I 70 -23.17 -6.04 40.58
C SER I 70 -24.03 -6.58 39.45
N LEU I 71 -24.95 -7.49 39.79
CA LEU I 71 -25.87 -8.03 38.79
C LEU I 71 -26.68 -6.91 38.14
N PHE I 72 -27.04 -5.89 38.92
CA PHE I 72 -27.75 -4.74 38.36
C PHE I 72 -26.93 -4.05 37.29
N ASP I 73 -25.62 -3.86 37.54
CA ASP I 73 -24.77 -3.20 36.55
C ASP I 73 -24.58 -4.08 35.31
N GLN I 74 -24.43 -5.39 35.50
CA GLN I 74 -24.26 -6.29 34.37
C GLN I 74 -25.49 -6.26 33.47
N VAL I 75 -26.68 -6.29 34.07
CA VAL I 75 -27.91 -6.23 33.28
C VAL I 75 -28.07 -4.87 32.62
N ARG I 76 -27.73 -3.79 33.34
CA ARG I 76 -27.90 -2.45 32.80
C ARG I 76 -26.98 -2.19 31.61
N LEU I 77 -25.73 -2.65 31.69
CA LEU I 77 -24.79 -2.43 30.59
C LEU I 77 -25.21 -3.20 29.34
N LEU I 78 -25.64 -4.45 29.51
CA LEU I 78 -26.05 -5.26 28.37
C LEU I 78 -27.36 -4.78 27.76
N GLU I 79 -28.26 -4.21 28.58
CA GLU I 79 -29.53 -3.73 28.07
C GLU I 79 -29.36 -2.57 27.09
N SER I 80 -28.42 -1.67 27.37
CA SER I 80 -28.27 -0.47 26.57
C SER I 80 -27.35 -0.64 25.37
N CYS I 81 -26.45 -1.63 25.38
CA CYS I 81 -25.42 -1.76 24.36
C CYS I 81 -25.64 -2.89 23.38
N TRP I 82 -26.59 -3.80 23.65
CA TRP I 82 -26.64 -5.07 22.92
C TRP I 82 -26.87 -4.84 21.43
N MET I 83 -27.65 -3.83 21.05
CA MET I 83 -27.86 -3.56 19.64
C MET I 83 -26.61 -2.99 18.99
N GLU I 84 -25.88 -2.13 19.71
CA GLU I 84 -24.65 -1.56 19.16
C GLU I 84 -23.59 -2.63 18.94
N VAL I 85 -23.45 -3.56 19.89
CA VAL I 85 -22.43 -4.58 19.79
C VAL I 85 -22.71 -5.51 18.61
N LEU I 86 -23.97 -5.88 18.41
CA LEU I 86 -24.32 -6.73 17.28
C LEU I 86 -24.04 -6.04 15.96
N MET I 87 -24.40 -4.76 15.86
CA MET I 87 -24.14 -4.01 14.63
C MET I 87 -22.65 -3.79 14.42
N MET I 88 -21.91 -3.58 15.51
CA MET I 88 -20.46 -3.43 15.39
C MET I 88 -19.82 -4.71 14.87
N GLY I 89 -20.31 -5.87 15.35
CA GLY I 89 -19.83 -7.13 14.81
C GLY I 89 -20.20 -7.30 13.35
N LEU I 90 -21.40 -6.86 12.97
CA LEU I 90 -21.81 -6.93 11.57
C LEU I 90 -20.91 -6.08 10.69
N MET I 91 -20.54 -4.88 11.15
CA MET I 91 -19.65 -4.03 10.38
C MET I 91 -18.27 -4.65 10.25
N TRP I 92 -17.82 -5.35 11.30
CA TRP I 92 -16.52 -6.02 11.23
C TRP I 92 -16.54 -7.18 10.23
N ARG I 93 -17.62 -7.96 10.23
CA ARG I 93 -17.73 -9.07 9.29
C ARG I 93 -17.84 -8.58 7.85
N SER I 94 -18.40 -7.39 7.64
CA SER I 94 -18.64 -6.86 6.30
C SER I 94 -17.62 -5.81 5.89
N ILE I 95 -16.53 -5.66 6.65
CA ILE I 95 -15.62 -4.53 6.43
C ILE I 95 -14.90 -4.64 5.10
N ASP I 96 -14.70 -5.85 4.59
CA ASP I 96 -13.92 -6.06 3.37
C ASP I 96 -14.78 -6.37 2.15
N HIS I 97 -16.08 -6.12 2.23
CA HIS I 97 -17.00 -6.35 1.11
C HIS I 97 -17.97 -5.20 1.01
N PRO I 98 -17.61 -4.12 0.31
CA PRO I 98 -18.51 -2.97 0.17
C PRO I 98 -19.80 -3.37 -0.53
N GLY I 99 -20.91 -2.78 -0.08
CA GLY I 99 -22.21 -3.06 -0.64
C GLY I 99 -22.83 -4.37 -0.21
N LYS I 100 -22.21 -5.09 0.73
CA LYS I 100 -22.73 -6.36 1.21
C LYS I 100 -22.66 -6.38 2.73
N LEU I 101 -23.65 -7.03 3.35
CA LEU I 101 -23.73 -7.17 4.80
C LEU I 101 -23.61 -8.64 5.16
N ILE I 102 -22.52 -9.01 5.82
CA ILE I 102 -22.28 -10.41 6.23
C ILE I 102 -22.92 -10.56 7.60
N PHE I 103 -24.24 -10.78 7.61
CA PHE I 103 -24.94 -10.93 8.88
C PHE I 103 -24.48 -12.18 9.63
N ALA I 104 -24.32 -13.29 8.93
CA ALA I 104 -23.91 -14.54 9.53
C ALA I 104 -23.51 -15.50 8.41
N PRO I 105 -22.75 -16.54 8.71
CA PRO I 105 -22.52 -17.59 7.72
C PRO I 105 -23.85 -18.11 7.19
N ASP I 106 -23.90 -18.35 5.88
CA ASP I 106 -25.12 -18.75 5.17
C ASP I 106 -26.20 -17.67 5.18
N LEU I 107 -25.82 -16.41 5.46
CA LEU I 107 -26.76 -15.29 5.37
C LEU I 107 -25.95 -14.05 4.94
N VAL I 108 -25.68 -13.97 3.64
CA VAL I 108 -25.00 -12.83 3.04
C VAL I 108 -26.01 -12.09 2.19
N LEU I 109 -26.22 -10.80 2.50
CA LEU I 109 -27.24 -10.00 1.85
C LEU I 109 -26.60 -8.84 1.10
N ASP I 110 -27.03 -8.63 -0.14
CA ASP I 110 -26.68 -7.41 -0.85
C ASP I 110 -27.52 -6.25 -0.29
N ARG I 111 -27.04 -5.03 -0.54
CA ARG I 111 -27.78 -3.86 -0.05
C ARG I 111 -29.19 -3.81 -0.62
N ASP I 112 -29.33 -4.06 -1.93
CA ASP I 112 -30.61 -3.96 -2.59
C ASP I 112 -31.61 -5.01 -2.10
N GLU I 113 -31.13 -6.09 -1.47
CA GLU I 113 -32.05 -7.07 -0.91
C GLU I 113 -32.82 -6.52 0.27
N GLY I 114 -32.43 -5.37 0.80
CA GLY I 114 -33.18 -4.69 1.85
C GLY I 114 -34.52 -4.15 1.43
N LYS I 115 -34.79 -4.08 0.12
CA LYS I 115 -36.11 -3.65 -0.35
C LYS I 115 -37.21 -4.60 0.09
N CYS I 116 -36.85 -5.76 0.63
CA CYS I 116 -37.83 -6.75 1.05
C CYS I 116 -38.59 -6.29 2.29
N VAL I 117 -37.98 -5.45 3.12
CA VAL I 117 -38.57 -5.02 4.39
C VAL I 117 -38.70 -3.51 4.35
N GLU I 118 -39.89 -3.01 4.71
CA GLU I 118 -40.16 -1.59 4.68
C GLU I 118 -39.28 -0.85 5.68
N GLY I 119 -38.57 0.17 5.21
CA GLY I 119 -37.79 1.02 6.09
C GLY I 119 -36.41 0.50 6.44
N ILE I 120 -36.08 -0.74 6.11
CA ILE I 120 -34.78 -1.29 6.50
C ILE I 120 -33.67 -0.88 5.54
N LEU I 121 -34.00 -0.39 4.34
CA LEU I 121 -32.98 0.02 3.39
C LEU I 121 -32.16 1.20 3.92
N GLU I 122 -32.82 2.13 4.61
CA GLU I 122 -32.10 3.26 5.19
C GLU I 122 -31.16 2.80 6.29
N ILE I 123 -31.58 1.80 7.07
CA ILE I 123 -30.71 1.26 8.11
C ILE I 123 -29.55 0.51 7.50
N PHE I 124 -29.79 -0.23 6.41
CA PHE I 124 -28.72 -0.90 5.71
C PHE I 124 -27.67 0.10 5.22
N ASP I 125 -28.13 1.25 4.71
CA ASP I 125 -27.21 2.27 4.24
C ASP I 125 -26.39 2.86 5.38
N MET I 126 -26.99 3.03 6.56
CA MET I 126 -26.22 3.51 7.70
C MET I 126 -25.15 2.51 8.10
N LEU I 127 -25.50 1.22 8.14
CA LEU I 127 -24.53 0.19 8.50
C LEU I 127 -23.41 0.11 7.47
N LEU I 128 -23.76 0.21 6.19
CA LEU I 128 -22.74 0.12 5.13
C LEU I 128 -21.87 1.37 5.10
N ALA I 129 -22.45 2.54 5.37
CA ALA I 129 -21.65 3.76 5.37
C ALA I 129 -20.64 3.77 6.51
N THR I 130 -21.08 3.38 7.71
CA THR I 130 -20.15 3.28 8.83
C THR I 130 -19.14 2.18 8.60
N THR I 131 -19.55 1.08 7.97
CA THR I 131 -18.61 0.02 7.61
C THR I 131 -17.54 0.52 6.66
N SER I 132 -17.94 1.31 5.66
CA SER I 132 -16.97 1.89 4.73
C SER I 132 -16.01 2.83 5.44
N ARG I 133 -16.50 3.55 6.46
CA ARG I 133 -15.64 4.45 7.22
C ARG I 133 -14.61 3.67 8.02
N PHE I 134 -15.01 2.54 8.61
CA PHE I 134 -14.05 1.68 9.31
C PHE I 134 -13.05 1.08 8.34
N ARG I 135 -13.46 0.81 7.10
CA ARG I 135 -12.54 0.27 6.11
C ARG I 135 -11.52 1.31 5.67
N GLU I 136 -11.96 2.56 5.46
CA GLU I 136 -11.03 3.62 5.06
C GLU I 136 -9.98 3.85 6.14
N LEU I 137 -10.38 3.78 7.41
CA LEU I 137 -9.45 3.92 8.52
C LEU I 137 -8.57 2.69 8.72
N LYS I 138 -8.82 1.60 7.99
CA LYS I 138 -8.11 0.34 8.15
C LYS I 138 -8.18 -0.14 9.60
N LEU I 139 -9.41 -0.32 10.07
CA LEU I 139 -9.65 -0.79 11.43
C LEU I 139 -8.93 -2.12 11.65
N GLN I 140 -8.02 -2.15 12.61
N GLN I 140 -8.03 -2.15 12.62
CA GLN I 140 -7.22 -3.34 12.88
CA GLN I 140 -7.22 -3.33 12.89
C GLN I 140 -7.94 -4.26 13.87
C GLN I 140 -7.94 -4.27 13.86
N HIS I 141 -7.43 -5.50 13.96
CA HIS I 141 -8.02 -6.48 14.85
C HIS I 141 -7.93 -6.03 16.31
N LYS I 142 -6.77 -5.51 16.72
CA LYS I 142 -6.62 -5.06 18.10
C LYS I 142 -7.50 -3.85 18.38
N GLU I 143 -7.70 -2.99 17.37
CA GLU I 143 -8.57 -1.84 17.53
C GLU I 143 -10.03 -2.26 17.66
N TYR I 144 -10.47 -3.22 16.85
CA TYR I 144 -11.86 -3.66 16.90
C TYR I 144 -12.19 -4.31 18.23
N LEU I 145 -11.27 -5.11 18.78
CA LEU I 145 -11.52 -5.76 20.06
C LEU I 145 -11.71 -4.74 21.17
N CYS I 146 -10.88 -3.70 21.20
CA CYS I 146 -11.03 -2.66 22.21
C CYS I 146 -12.30 -1.85 21.99
N VAL I 147 -12.59 -1.47 20.74
CA VAL I 147 -13.75 -0.63 20.46
C VAL I 147 -15.04 -1.34 20.84
N LYS I 148 -15.16 -2.63 20.52
CA LYS I 148 -16.38 -3.37 20.83
C LYS I 148 -16.55 -3.55 22.33
N ALA I 149 -15.45 -3.73 23.05
CA ALA I 149 -15.55 -3.82 24.51
C ALA I 149 -15.88 -2.47 25.13
N MET I 150 -15.37 -1.37 24.53
CA MET I 150 -15.71 -0.05 25.03
C MET I 150 -17.19 0.26 24.86
N ILE I 151 -17.80 -0.24 23.78
CA ILE I 151 -19.23 -0.02 23.57
C ILE I 151 -20.04 -0.62 24.70
N LEU I 152 -19.67 -1.84 25.13
CA LEU I 152 -20.37 -2.48 26.23
C LEU I 152 -20.23 -1.69 27.53
N LEU I 153 -19.03 -1.19 27.81
CA LEU I 153 -18.76 -0.53 29.08
C LEU I 153 -19.21 0.92 29.11
N ASN I 154 -19.43 1.55 27.96
CA ASN I 154 -19.80 2.96 27.87
C ASN I 154 -21.27 3.07 27.50
N SER I 155 -22.08 3.50 28.46
CA SER I 155 -23.53 3.62 28.28
C SER I 155 -24.17 4.29 29.50
N LYS I 172 -16.09 -0.18 40.16
CA LYS I 172 -15.02 -0.82 39.40
C LYS I 172 -15.30 -0.73 37.90
N LEU I 173 -16.53 -0.35 37.55
CA LEU I 173 -16.90 -0.22 36.14
C LEU I 173 -16.08 0.87 35.47
N ALA I 174 -15.85 1.99 36.18
CA ALA I 174 -14.98 3.04 35.65
C ALA I 174 -13.56 2.53 35.44
N HIS I 175 -13.08 1.68 36.36
CA HIS I 175 -11.74 1.12 36.22
C HIS I 175 -11.65 0.19 35.01
N LEU I 176 -12.71 -0.58 34.74
CA LEU I 176 -12.68 -1.46 33.58
C LEU I 176 -12.66 -0.65 32.28
N LEU I 177 -13.51 0.36 32.18
CA LEU I 177 -13.47 1.25 31.02
C LEU I 177 -12.14 1.98 30.94
N ASN I 178 -11.54 2.27 32.08
CA ASN I 178 -10.21 2.89 32.09
C ASN I 178 -9.17 1.94 31.51
N ALA I 179 -9.28 0.64 31.81
CA ALA I 179 -8.31 -0.33 31.32
C ALA I 179 -8.44 -0.52 29.81
N VAL I 180 -9.66 -0.70 29.32
CA VAL I 180 -9.86 -0.92 27.89
C VAL I 180 -9.53 0.33 27.09
N THR I 181 -9.87 1.51 27.64
CA THR I 181 -9.51 2.75 26.97
C THR I 181 -7.99 2.92 26.91
N ASP I 182 -7.29 2.65 28.02
CA ASP I 182 -5.84 2.70 28.03
C ASP I 182 -5.25 1.71 27.03
N ALA I 183 -5.89 0.55 26.86
CA ALA I 183 -5.41 -0.43 25.89
C ALA I 183 -5.51 0.11 24.46
N LEU I 184 -6.59 0.83 24.16
CA LEU I 184 -6.78 1.35 22.81
C LEU I 184 -5.70 2.37 22.43
N VAL I 185 -5.35 3.27 23.37
CA VAL I 185 -4.29 4.22 23.09
C VAL I 185 -2.96 3.51 22.82
N TRP I 186 -2.73 2.38 23.48
CA TRP I 186 -1.48 1.65 23.28
C TRP I 186 -1.37 1.06 21.88
N VAL I 187 -2.45 0.49 21.34
CA VAL I 187 -2.39 -0.13 20.01
C VAL I 187 -2.04 0.91 18.95
N ILE I 188 -2.58 2.12 19.08
CA ILE I 188 -2.32 3.17 18.11
C ILE I 188 -0.89 3.66 18.22
N ALA I 189 -0.35 3.70 19.44
CA ALA I 189 1.04 4.12 19.63
C ALA I 189 2.00 3.10 19.04
N LYS I 190 1.63 1.81 19.04
CA LYS I 190 2.45 0.77 18.45
C LYS I 190 2.38 0.75 16.93
N SER I 191 1.45 1.50 16.33
CA SER I 191 1.32 1.51 14.87
C SER I 191 2.43 2.29 14.19
N GLY I 192 3.31 2.95 14.95
CA GLY I 192 4.42 3.67 14.37
C GLY I 192 4.08 4.96 13.68
N ILE I 193 2.86 5.46 13.83
CA ILE I 193 2.46 6.72 13.21
C ILE I 193 2.86 7.87 14.13
N SER I 194 2.83 9.10 13.61
CA SER I 194 3.24 10.25 14.39
C SER I 194 2.26 10.51 15.52
N SER I 195 2.72 11.29 16.50
CA SER I 195 1.87 11.62 17.65
C SER I 195 0.65 12.42 17.23
N GLN I 196 0.77 13.23 16.17
CA GLN I 196 -0.39 13.97 15.67
C GLN I 196 -1.41 13.03 15.06
N GLN I 197 -0.94 11.99 14.36
CA GLN I 197 -1.85 11.00 13.79
C GLN I 197 -2.38 10.02 14.83
N GLN I 198 -1.75 9.95 16.00
CA GLN I 198 -2.26 9.08 17.05
C GLN I 198 -3.52 9.65 17.67
N SER I 199 -3.47 10.91 18.12
CA SER I 199 -4.66 11.55 18.67
C SER I 199 -5.74 11.72 17.60
N MET I 200 -5.34 11.82 16.34
CA MET I 200 -6.32 11.92 15.26
C MET I 200 -7.03 10.59 15.04
N ARG I 201 -6.28 9.49 15.05
CA ARG I 201 -6.88 8.17 14.85
C ARG I 201 -7.82 7.81 16.00
N LEU I 202 -7.41 8.06 17.24
CA LEU I 202 -8.29 7.81 18.38
C LEU I 202 -9.59 8.60 18.25
N ALA I 203 -9.50 9.84 17.78
CA ALA I 203 -10.71 10.65 17.63
C ALA I 203 -11.62 10.11 16.54
N ASN I 204 -11.04 9.75 15.38
CA ASN I 204 -11.85 9.29 14.26
C ASN I 204 -12.59 7.99 14.59
N LEU I 205 -11.93 7.07 15.29
CA LEU I 205 -12.60 5.82 15.66
C LEU I 205 -13.73 6.06 16.65
N LEU I 206 -13.48 6.88 17.68
CA LEU I 206 -14.50 7.10 18.69
C LEU I 206 -15.63 7.98 18.16
N MET I 207 -15.36 8.84 17.18
CA MET I 207 -16.44 9.61 16.57
C MET I 207 -17.40 8.70 15.81
N LEU I 208 -16.90 7.57 15.30
CA LEU I 208 -17.77 6.63 14.61
C LEU I 208 -18.66 5.85 15.58
N LEU I 209 -18.31 5.83 16.88
CA LEU I 209 -19.17 5.17 17.85
C LEU I 209 -20.53 5.86 17.95
N SER I 210 -20.57 7.17 17.75
CA SER I 210 -21.86 7.86 17.71
C SER I 210 -22.66 7.45 16.48
N HIS I 211 -21.97 7.20 15.36
CA HIS I 211 -22.66 6.71 14.17
C HIS I 211 -23.18 5.30 14.39
N VAL I 212 -22.41 4.47 15.10
CA VAL I 212 -22.89 3.12 15.43
C VAL I 212 -24.06 3.21 16.40
N ARG I 213 -23.97 4.10 17.38
CA ARG I 213 -25.08 4.32 18.31
C ARG I 213 -26.31 4.85 17.56
N HIS I 214 -26.10 5.73 16.58
CA HIS I 214 -27.22 6.23 15.79
C HIS I 214 -27.90 5.11 15.01
N ALA I 215 -27.11 4.23 14.40
CA ALA I 215 -27.69 3.08 13.70
C ALA I 215 -28.42 2.17 14.68
N SER I 216 -27.90 2.04 15.90
CA SER I 216 -28.57 1.22 16.91
C SER I 216 -29.91 1.82 17.30
N ASN I 217 -29.97 3.14 17.46
CA ASN I 217 -31.22 3.78 17.84
C ASN I 217 -32.26 3.64 16.73
N LYS I 218 -31.83 3.84 15.47
CA LYS I 218 -32.76 3.69 14.35
C LYS I 218 -33.17 2.25 14.15
N GLY I 219 -32.24 1.31 14.37
CA GLY I 219 -32.60 -0.10 14.27
C GLY I 219 -33.57 -0.53 15.37
N MET I 220 -33.40 0.01 16.57
CA MET I 220 -34.34 -0.27 17.66
C MET I 220 -35.75 0.22 17.29
N GLU I 221 -35.85 1.44 16.77
CA GLU I 221 -37.14 1.98 16.37
C GLU I 221 -37.78 1.13 15.29
N HIS I 222 -36.99 0.65 14.32
CA HIS I 222 -37.53 -0.16 13.24
C HIS I 222 -38.05 -1.50 13.74
N LEU I 223 -37.27 -2.15 14.62
CA LEU I 223 -37.71 -3.44 15.15
C LEU I 223 -38.98 -3.29 15.96
N LEU I 224 -39.08 -2.23 16.77
CA LEU I 224 -40.30 -1.99 17.54
C LEU I 224 -41.50 -1.77 16.61
N ASN I 225 -41.27 -1.14 15.46
CA ASN I 225 -42.36 -0.94 14.51
C ASN I 225 -42.79 -2.26 13.86
N MET I 226 -41.82 -3.10 13.49
CA MET I 226 -42.15 -4.39 12.91
C MET I 226 -42.93 -5.27 13.88
N LYS I 227 -42.59 -5.23 15.16
CA LYS I 227 -43.37 -5.97 16.14
C LYS I 227 -44.76 -5.38 16.31
N CYS I 228 -44.86 -4.05 16.30
CA CYS I 228 -46.17 -3.40 16.43
C CYS I 228 -47.07 -3.76 15.25
N LYS I 229 -46.51 -3.83 14.04
CA LYS I 229 -47.27 -4.22 12.87
C LYS I 229 -47.47 -5.72 12.77
N ASN I 230 -47.00 -6.48 13.76
CA ASN I 230 -47.17 -7.93 13.83
C ASN I 230 -46.56 -8.63 12.61
N VAL I 231 -45.50 -8.05 12.05
CA VAL I 231 -44.86 -8.66 10.90
C VAL I 231 -43.88 -9.75 11.32
N VAL I 232 -42.96 -9.42 12.23
CA VAL I 232 -42.03 -10.42 12.75
C VAL I 232 -42.46 -10.81 14.15
N PRO I 233 -42.42 -12.08 14.53
CA PRO I 233 -42.51 -12.40 15.96
C PRO I 233 -41.13 -12.30 16.56
N VAL I 234 -41.11 -11.98 17.83
CA VAL I 234 -39.90 -11.83 18.63
C VAL I 234 -40.08 -12.72 19.84
N TYR I 235 -39.07 -13.51 20.15
CA TYR I 235 -39.19 -14.53 21.18
C TYR I 235 -37.98 -14.56 22.11
N ASP I 236 -38.23 -15.09 23.31
CA ASP I 236 -37.29 -15.34 24.41
C ASP I 236 -36.30 -14.21 24.70
N LEU I 237 -35.00 -14.45 24.45
CA LEU I 237 -33.99 -13.51 24.92
C LEU I 237 -34.12 -12.16 24.21
N LEU I 238 -34.32 -12.17 22.89
CA LEU I 238 -34.49 -10.92 22.16
C LEU I 238 -35.62 -10.09 22.75
N LEU I 239 -36.70 -10.77 23.16
CA LEU I 239 -37.81 -10.08 23.84
C LEU I 239 -37.37 -9.43 25.13
N GLU I 240 -36.65 -10.18 25.98
CA GLU I 240 -36.19 -9.63 27.24
C GLU I 240 -35.36 -8.38 27.02
N MET I 241 -34.42 -8.46 26.07
CA MET I 241 -33.60 -7.29 25.74
C MET I 241 -34.41 -6.19 25.07
N LEU I 242 -35.51 -6.52 24.40
CA LEU I 242 -36.32 -5.50 23.73
C LEU I 242 -37.23 -4.77 24.70
N ASN I 243 -37.70 -5.44 25.74
CA ASN I 243 -38.60 -4.84 26.72
C ASN I 243 -37.83 -3.84 27.58
N SER J 11 -5.54 28.39 12.63
CA SER J 11 -4.77 27.92 13.79
C SER J 11 -5.68 27.40 14.88
N PRO J 12 -5.18 26.50 15.72
CA PRO J 12 -6.02 25.98 16.83
C PRO J 12 -6.53 27.09 17.74
N GLU J 13 -5.69 28.03 18.13
CA GLU J 13 -6.14 29.13 18.98
C GLU J 13 -7.12 30.04 18.24
N GLN J 14 -6.86 30.30 16.96
CA GLN J 14 -7.78 31.13 16.17
C GLN J 14 -9.13 30.46 16.01
N LEU J 15 -9.14 29.14 15.80
CA LEU J 15 -10.41 28.42 15.64
C LEU J 15 -11.20 28.40 16.94
N VAL J 16 -10.53 28.16 18.07
CA VAL J 16 -11.20 28.14 19.37
C VAL J 16 -11.80 29.50 19.67
N LEU J 17 -11.05 30.57 19.40
CA LEU J 17 -11.56 31.91 19.64
C LEU J 17 -12.70 32.24 18.69
N THR J 18 -12.66 31.72 17.46
CA THR J 18 -13.76 31.94 16.53
C THR J 18 -15.04 31.29 17.04
N LEU J 19 -14.93 30.09 17.60
CA LEU J 19 -16.08 29.40 18.17
C LEU J 19 -16.64 30.15 19.37
N ALA J 22 -18.43 33.10 18.06
CA ALA J 22 -19.57 32.69 17.26
C ALA J 22 -20.67 32.11 18.13
N GLU J 23 -20.44 32.10 19.44
CA GLU J 23 -21.41 31.53 20.36
C GLU J 23 -22.74 32.28 20.20
N PRO J 24 -23.86 31.57 20.12
CA PRO J 24 -25.14 32.25 19.89
C PRO J 24 -25.55 33.03 21.13
N PRO J 25 -26.37 34.07 20.98
CA PRO J 25 -26.82 34.81 22.15
C PRO J 25 -27.79 33.98 22.97
N HIS J 26 -27.88 34.31 24.25
CA HIS J 26 -28.84 33.66 25.12
C HIS J 26 -30.25 34.04 24.70
N VAL J 27 -31.16 33.07 24.76
CA VAL J 27 -32.56 33.29 24.44
C VAL J 27 -33.29 33.38 25.77
N LEU J 28 -34.07 34.45 25.94
CA LEU J 28 -34.71 34.72 27.23
C LEU J 28 -36.17 34.28 27.16
N ILE J 29 -36.40 33.02 27.54
CA ILE J 29 -37.73 32.50 27.79
C ILE J 29 -37.98 32.57 29.29
N SER J 30 -39.23 32.76 29.67
CA SER J 30 -39.60 32.83 31.08
C SER J 30 -40.70 31.82 31.36
N ARG J 31 -40.85 31.48 32.64
CA ARG J 31 -41.87 30.52 33.04
C ARG J 31 -43.26 31.12 32.82
N PRO J 32 -44.25 30.30 32.43
CA PRO J 32 -45.64 30.74 32.35
C PRO J 32 -46.26 30.89 33.74
N ALA J 34 -49.15 30.41 35.21
CA ALA J 34 -49.97 29.24 35.51
C ALA J 34 -49.10 28.01 35.75
N PRO J 35 -49.60 27.08 36.58
CA PRO J 35 -48.85 25.84 36.81
C PRO J 35 -48.55 25.11 35.52
N PHE J 36 -47.39 24.46 35.47
CA PHE J 36 -46.93 23.79 34.27
C PHE J 36 -47.84 22.60 33.93
N THR J 37 -48.35 22.60 32.71
CA THR J 37 -49.06 21.46 32.15
C THR J 37 -48.20 20.86 31.04
N GLU J 38 -48.64 19.69 30.55
CA GLU J 38 -47.91 19.05 29.46
C GLU J 38 -47.90 19.92 28.20
N ALA J 39 -49.00 20.63 27.95
CA ALA J 39 -49.05 21.51 26.79
C ALA J 39 -48.23 22.78 26.99
N SER J 40 -48.24 23.34 28.21
CA SER J 40 -47.53 24.58 28.46
C SER J 40 -46.03 24.36 28.51
N MET J 41 -45.58 23.27 29.14
CA MET J 41 -44.15 22.98 29.19
C MET J 41 -43.60 22.63 27.82
N MET J 42 -44.34 21.82 27.05
CA MET J 42 -43.90 21.51 25.69
C MET J 42 -43.92 22.76 24.81
N MET J 43 -44.85 23.68 25.06
CA MET J 43 -44.86 24.93 24.31
C MET J 43 -43.64 25.78 24.66
N SER J 44 -43.27 25.81 25.94
CA SER J 44 -42.10 26.58 26.35
C SER J 44 -40.82 26.00 25.78
N LEU J 45 -40.68 24.67 25.76
CA LEU J 45 -39.48 24.05 25.24
C LEU J 45 -39.37 24.21 23.73
N THR J 46 -40.49 24.06 23.02
CA THR J 46 -40.46 24.19 21.56
C THR J 46 -40.22 25.63 21.12
N LYS J 47 -40.83 26.59 21.83
CA LYS J 47 -40.56 27.98 21.51
C LYS J 47 -39.10 28.32 21.76
N LEU J 48 -38.53 27.78 22.83
CA LEU J 48 -37.09 27.92 23.06
C LEU J 48 -36.29 27.25 21.95
N ALA J 49 -36.68 26.03 21.57
CA ALA J 49 -35.97 25.32 20.52
C ALA J 49 -36.09 26.04 19.17
N ASP J 50 -37.27 26.58 18.87
CA ASP J 50 -37.46 27.30 17.61
C ASP J 50 -36.60 28.56 17.55
N LYS J 51 -36.56 29.32 18.65
CA LYS J 51 -35.72 30.51 18.68
C LYS J 51 -34.24 30.13 18.60
N GLU J 52 -33.84 29.09 19.33
CA GLU J 52 -32.45 28.65 19.31
C GLU J 52 -32.04 28.12 17.93
N LEU J 53 -32.99 27.55 17.18
CA LEU J 53 -32.67 27.04 15.85
C LEU J 53 -32.25 28.16 14.90
N VAL J 54 -32.88 29.33 15.03
CA VAL J 54 -32.50 30.47 14.20
C VAL J 54 -31.07 30.90 14.51
N HIS J 55 -30.73 30.97 15.80
CA HIS J 55 -29.38 31.39 16.18
C HIS J 55 -28.33 30.35 15.83
N MET J 56 -28.72 29.06 15.79
CA MET J 56 -27.76 28.01 15.47
C MET J 56 -27.27 28.11 14.03
N ILE J 57 -28.15 28.50 13.10
CA ILE J 57 -27.73 28.68 11.71
C ILE J 57 -26.69 29.78 11.61
N SER J 58 -26.91 30.91 12.29
CA SER J 58 -25.92 31.97 12.31
C SER J 58 -24.63 31.50 12.98
N TRP J 59 -24.75 30.66 14.02
CA TRP J 59 -23.56 30.13 14.67
C TRP J 59 -22.79 29.21 13.72
N ALA J 60 -23.50 28.34 13.00
CA ALA J 60 -22.83 27.41 12.09
C ALA J 60 -22.17 28.14 10.93
N LYS J 61 -22.80 29.16 10.38
CA LYS J 61 -22.21 29.90 9.27
C LYS J 61 -21.02 30.72 9.75
N VAL J 67 -19.76 27.64 5.35
CA VAL J 67 -20.44 28.28 4.23
C VAL J 67 -19.81 27.85 2.91
N GLU J 68 -18.60 27.28 2.99
CA GLU J 68 -17.94 26.77 1.81
C GLU J 68 -18.49 25.42 1.35
N LEU J 69 -19.23 24.73 2.21
CA LEU J 69 -19.86 23.48 1.81
C LEU J 69 -20.99 23.72 0.81
N SER J 70 -21.34 22.65 0.10
CA SER J 70 -22.47 22.67 -0.82
C SER J 70 -23.78 22.87 -0.07
N LEU J 71 -24.78 23.39 -0.78
CA LEU J 71 -26.10 23.58 -0.18
C LEU J 71 -26.66 22.26 0.35
N PHE J 72 -26.40 21.16 -0.35
CA PHE J 72 -26.84 19.85 0.11
C PHE J 72 -26.21 19.48 1.45
N ASP J 73 -24.90 19.72 1.59
CA ASP J 73 -24.21 19.36 2.82
C ASP J 73 -24.64 20.24 3.99
N GLN J 74 -24.83 21.54 3.76
CA GLN J 74 -25.22 22.43 4.85
C GLN J 74 -26.58 22.04 5.42
N VAL J 75 -27.56 21.75 4.55
CA VAL J 75 -28.87 21.34 5.03
C VAL J 75 -28.81 19.98 5.71
N ARG J 76 -28.03 19.05 5.15
CA ARG J 76 -27.97 17.70 5.71
C ARG J 76 -27.32 17.70 7.09
N LEU J 77 -26.25 18.49 7.27
CA LEU J 77 -25.59 18.55 8.56
C LEU J 77 -26.49 19.18 9.62
N LEU J 78 -27.18 20.27 9.26
CA LEU J 78 -28.06 20.93 10.23
C LEU J 78 -29.30 20.10 10.52
N GLU J 79 -29.80 19.35 9.53
CA GLU J 79 -30.97 18.51 9.77
C GLU J 79 -30.64 17.40 10.76
N SER J 80 -29.44 16.83 10.68
CA SER J 80 -29.08 15.68 11.49
C SER J 80 -28.50 16.03 12.85
N CYS J 81 -27.97 17.25 13.02
CA CYS J 81 -27.25 17.60 14.24
C CYS J 81 -27.96 18.59 15.14
N TRP J 82 -29.03 19.25 14.66
CA TRP J 82 -29.54 20.42 15.38
C TRP J 82 -30.06 20.03 16.77
N MET J 83 -30.64 18.85 16.92
CA MET J 83 -31.10 18.42 18.23
C MET J 83 -29.92 18.15 19.16
N GLU J 84 -28.83 17.58 18.61
CA GLU J 84 -27.64 17.32 19.42
C GLU J 84 -27.02 18.63 19.92
N VAL J 85 -26.96 19.65 19.05
CA VAL J 85 -26.32 20.90 19.41
C VAL J 85 -27.10 21.61 20.52
N LEU J 86 -28.44 21.61 20.42
CA LEU J 86 -29.25 22.24 21.45
C LEU J 86 -29.09 21.53 22.80
N MET J 87 -29.08 20.19 22.79
CA MET J 87 -28.91 19.46 24.04
C MET J 87 -27.51 19.63 24.60
N MET J 88 -26.50 19.74 23.74
CA MET J 88 -25.14 19.98 24.22
C MET J 88 -25.03 21.31 24.93
N GLY J 89 -25.68 22.35 24.39
CA GLY J 89 -25.70 23.63 25.07
C GLY J 89 -26.43 23.58 26.40
N LEU J 90 -27.52 22.83 26.46
CA LEU J 90 -28.26 22.68 27.71
C LEU J 90 -27.40 22.06 28.79
N MET J 91 -26.62 21.04 28.45
CA MET J 91 -25.76 20.39 29.43
C MET J 91 -24.70 21.34 29.96
N TRP J 92 -24.18 22.21 29.10
CA TRP J 92 -23.19 23.19 29.56
C TRP J 92 -23.82 24.21 30.51
N ARG J 93 -25.04 24.68 30.18
CA ARG J 93 -25.70 25.63 31.07
C ARG J 93 -26.03 25.00 32.42
N SER J 94 -26.23 23.69 32.45
CA SER J 94 -26.62 22.97 33.65
C SER J 94 -25.43 22.26 34.32
N ILE J 95 -24.21 22.57 33.89
CA ILE J 95 -23.05 21.79 34.34
C ILE J 95 -22.79 22.01 35.83
N ASP J 96 -23.16 23.17 36.37
CA ASP J 96 -22.88 23.53 37.75
C ASP J 96 -24.13 23.44 38.64
N HIS J 97 -25.18 22.76 38.18
CA HIS J 97 -26.42 22.63 38.93
C HIS J 97 -26.92 21.20 38.85
N PRO J 98 -26.45 20.33 39.75
CA PRO J 98 -26.91 18.94 39.72
C PRO J 98 -28.42 18.87 39.96
N GLY J 99 -29.08 17.97 39.22
CA GLY J 99 -30.51 17.82 39.36
C GLY J 99 -31.34 18.91 38.73
N LYS J 100 -30.72 19.85 38.02
CA LYS J 100 -31.42 20.96 37.41
C LYS J 100 -30.97 21.12 35.96
N LEU J 101 -31.92 21.53 35.11
CA LEU J 101 -31.67 21.77 33.69
C LEU J 101 -31.89 23.25 33.41
N ILE J 102 -30.82 23.94 33.05
CA ILE J 102 -30.89 25.39 32.79
C ILE J 102 -31.26 25.54 31.32
N PHE J 103 -32.56 25.40 31.04
CA PHE J 103 -33.05 25.59 29.67
C PHE J 103 -32.85 27.03 29.21
N ALA J 104 -32.99 27.98 30.13
CA ALA J 104 -32.86 29.40 29.84
C ALA J 104 -32.60 30.12 31.15
N PRO J 105 -32.07 31.35 31.10
CA PRO J 105 -31.87 32.11 32.36
C PRO J 105 -33.11 32.20 33.24
N ASP J 106 -34.28 32.43 32.66
CA ASP J 106 -35.52 32.51 33.42
C ASP J 106 -36.36 31.25 33.32
N LEU J 107 -35.75 30.13 32.90
CA LEU J 107 -36.45 28.85 32.73
C LEU J 107 -35.56 27.76 33.32
N VAL J 108 -35.62 27.60 34.64
CA VAL J 108 -34.88 26.58 35.36
C VAL J 108 -35.85 25.52 35.85
N LEU J 109 -35.62 24.28 35.44
CA LEU J 109 -36.53 23.17 35.72
C LEU J 109 -35.84 22.15 36.60
N ASP J 110 -36.54 21.70 37.65
CA ASP J 110 -36.09 20.57 38.44
C ASP J 110 -36.38 19.27 37.69
N ARG J 111 -35.70 18.21 38.11
CA ARG J 111 -35.87 16.91 37.46
C ARG J 111 -37.32 16.43 37.53
N ASP J 112 -37.94 16.55 38.71
CA ASP J 112 -39.30 16.04 38.90
C ASP J 112 -40.35 16.81 38.11
N GLU J 113 -40.05 18.04 37.66
CA GLU J 113 -41.02 18.78 36.88
C GLU J 113 -41.27 18.17 35.51
N GLY J 114 -40.41 17.26 35.05
CA GLY J 114 -40.66 16.54 33.82
C GLY J 114 -41.81 15.56 33.90
N LYS J 115 -42.26 15.23 35.12
CA LYS J 115 -43.39 14.32 35.28
C LYS J 115 -44.70 14.88 34.74
N CYS J 116 -44.73 16.14 34.31
CA CYS J 116 -45.95 16.71 33.76
C CYS J 116 -46.13 16.37 32.27
N VAL J 117 -45.03 16.24 31.53
CA VAL J 117 -45.07 15.80 30.14
C VAL J 117 -44.81 14.30 30.11
N GLU J 118 -45.69 13.55 29.44
CA GLU J 118 -45.55 12.11 29.38
C GLU J 118 -44.31 11.72 28.57
N GLY J 119 -43.48 10.86 29.14
CA GLY J 119 -42.32 10.32 28.46
C GLY J 119 -41.09 11.18 28.49
N ILE J 120 -41.18 12.43 28.93
CA ILE J 120 -40.01 13.32 28.94
C ILE J 120 -39.16 13.12 30.18
N LEU J 121 -39.67 12.45 31.20
CA LEU J 121 -38.90 12.23 32.42
C LEU J 121 -37.66 11.39 32.15
N GLU J 122 -37.77 10.40 31.27
CA GLU J 122 -36.63 9.56 30.93
C GLU J 122 -35.56 10.37 30.19
N ILE J 123 -35.99 11.29 29.32
CA ILE J 123 -35.03 12.13 28.59
C ILE J 123 -34.37 13.11 29.54
N PHE J 124 -35.13 13.65 30.50
CA PHE J 124 -34.53 14.53 31.50
C PHE J 124 -33.45 13.80 32.28
N ASP J 125 -33.70 12.54 32.64
CA ASP J 125 -32.69 11.75 33.35
C ASP J 125 -31.47 11.51 32.46
N MET J 126 -31.67 11.30 31.17
CA MET J 126 -30.55 11.14 30.24
C MET J 126 -29.72 12.41 30.17
N LEU J 127 -30.38 13.57 30.06
CA LEU J 127 -29.66 14.83 29.99
C LEU J 127 -28.92 15.12 31.29
N LEU J 128 -29.56 14.82 32.44
CA LEU J 128 -28.92 15.08 33.72
C LEU J 128 -27.77 14.10 33.98
N ALA J 129 -27.93 12.84 33.55
CA ALA J 129 -26.86 11.86 33.76
C ALA J 129 -25.63 12.21 32.95
N THR J 130 -25.82 12.55 31.67
CA THR J 130 -24.68 12.95 30.84
C THR J 130 -24.09 14.28 31.32
N THR J 131 -24.92 15.19 31.81
CA THR J 131 -24.40 16.41 32.40
C THR J 131 -23.53 16.08 33.61
N SER J 132 -23.99 15.14 34.44
CA SER J 132 -23.15 14.68 35.55
C SER J 132 -21.87 14.05 35.06
N ARG J 133 -21.91 13.37 33.91
CA ARG J 133 -20.69 12.81 33.33
C ARG J 133 -19.73 13.91 32.92
N PHE J 134 -20.25 14.99 32.33
CA PHE J 134 -19.42 16.13 31.99
C PHE J 134 -18.93 16.86 33.24
N ARG J 135 -19.73 16.87 34.32
CA ARG J 135 -19.30 17.53 35.54
C ARG J 135 -18.17 16.77 36.21
N GLU J 136 -18.28 15.44 36.28
CA GLU J 136 -17.23 14.63 36.89
C GLU J 136 -15.92 14.76 36.11
N LEU J 137 -16.01 14.83 34.79
CA LEU J 137 -14.82 15.03 33.97
C LEU J 137 -14.31 16.47 33.99
N LYS J 138 -15.07 17.38 34.61
CA LYS J 138 -14.72 18.81 34.65
C LYS J 138 -14.49 19.34 33.24
N LEU J 139 -15.53 19.21 32.41
CA LEU J 139 -15.47 19.68 31.03
C LEU J 139 -15.15 21.17 30.99
N GLN J 140 -14.09 21.51 30.28
CA GLN J 140 -13.67 22.90 30.17
C GLN J 140 -14.58 23.65 29.19
N HIS J 141 -14.60 24.98 29.35
CA HIS J 141 -15.37 25.82 28.44
C HIS J 141 -14.83 25.71 27.02
N LYS J 142 -13.50 25.75 26.86
CA LYS J 142 -12.91 25.64 25.53
C LYS J 142 -13.13 24.26 24.93
N GLU J 143 -13.18 23.21 25.77
CA GLU J 143 -13.49 21.88 25.29
C GLU J 143 -14.94 21.80 24.82
N TYR J 144 -15.85 22.44 25.55
CA TYR J 144 -17.26 22.46 25.17
C TYR J 144 -17.45 23.13 23.81
N LEU J 145 -16.70 24.20 23.53
CA LEU J 145 -16.81 24.88 22.25
C LEU J 145 -16.38 23.98 21.10
N CYS J 146 -15.29 23.23 21.29
CA CYS J 146 -14.82 22.33 20.24
C CYS J 146 -15.76 21.15 20.03
N VAL J 147 -16.25 20.56 21.13
CA VAL J 147 -17.12 19.39 21.03
C VAL J 147 -18.41 19.75 20.29
N LYS J 148 -18.98 20.92 20.60
CA LYS J 148 -20.23 21.32 19.97
C LYS J 148 -20.06 21.56 18.48
N ALA J 149 -18.90 22.07 18.06
CA ALA J 149 -18.63 22.21 16.64
C ALA J 149 -18.39 20.87 15.96
N MET J 150 -17.77 19.92 16.67
CA MET J 150 -17.56 18.60 16.11
C MET J 150 -18.86 17.87 15.85
N ILE J 151 -19.87 18.10 16.71
CA ILE J 151 -21.16 17.44 16.54
C ILE J 151 -21.79 17.82 15.21
N LEU J 152 -21.73 19.10 14.85
CA LEU J 152 -22.28 19.56 13.58
C LEU J 152 -21.53 18.93 12.40
N LEU J 153 -20.20 18.84 12.50
CA LEU J 153 -19.39 18.36 11.39
C LEU J 153 -19.37 16.85 11.25
N ASN J 154 -19.76 16.12 12.29
CA ASN J 154 -19.74 14.65 12.29
C ASN J 154 -21.13 14.06 12.09
N SER J 155 -21.97 14.72 11.31
CA SER J 155 -23.35 14.30 11.13
C SER J 155 -23.51 13.50 9.84
N ALA J 174 -14.15 17.08 5.78
CA ALA J 174 -13.18 16.30 6.51
C ALA J 174 -12.06 17.18 7.06
N HIS J 175 -11.64 18.16 6.27
CA HIS J 175 -10.63 19.09 6.72
C HIS J 175 -11.14 19.95 7.87
N LEU J 176 -12.43 20.33 7.83
CA LEU J 176 -13.01 21.10 8.91
C LEU J 176 -13.08 20.28 10.19
N LEU J 177 -13.55 19.03 10.08
CA LEU J 177 -13.60 18.15 11.25
C LEU J 177 -12.20 17.87 11.79
N ASN J 178 -11.21 17.79 10.91
CA ASN J 178 -9.83 17.62 11.36
C ASN J 178 -9.34 18.85 12.11
N ALA J 179 -9.74 20.04 11.66
CA ALA J 179 -9.30 21.27 12.29
C ALA J 179 -9.87 21.42 13.70
N VAL J 180 -11.17 21.15 13.85
CA VAL J 180 -11.80 21.27 15.17
C VAL J 180 -11.27 20.19 16.10
N THR J 181 -11.01 18.99 15.57
CA THR J 181 -10.41 17.95 16.38
C THR J 181 -9.00 18.36 16.82
N ASP J 182 -8.20 18.88 15.89
CA ASP J 182 -6.89 19.40 16.25
C ASP J 182 -7.01 20.52 17.27
N ALA J 183 -8.05 21.34 17.16
CA ALA J 183 -8.29 22.37 18.15
C ALA J 183 -8.60 21.77 19.51
N LEU J 184 -9.39 20.69 19.53
CA LEU J 184 -9.75 20.06 20.79
C LEU J 184 -8.52 19.48 21.49
N VAL J 185 -7.64 18.81 20.74
CA VAL J 185 -6.38 18.33 21.33
C VAL J 185 -5.54 19.50 21.81
N TRP J 186 -5.60 20.64 21.12
CA TRP J 186 -4.85 21.81 21.55
C TRP J 186 -5.34 22.31 22.90
N VAL J 187 -6.65 22.31 23.11
CA VAL J 187 -7.19 22.70 24.42
C VAL J 187 -6.66 21.79 25.50
N ILE J 188 -6.64 20.48 25.25
CA ILE J 188 -6.10 19.55 26.23
C ILE J 188 -4.59 19.67 26.31
N ALA J 189 -3.94 19.91 25.18
CA ALA J 189 -2.48 20.08 25.15
C ALA J 189 -2.07 21.37 25.85
N MET J 200 -6.04 10.34 27.26
CA MET J 200 -7.04 9.66 28.07
C MET J 200 -8.27 10.53 28.24
N ARG J 201 -8.04 11.82 28.49
CA ARG J 201 -9.14 12.77 28.61
C ARG J 201 -9.90 12.91 27.28
N LEU J 202 -9.16 12.98 26.18
CA LEU J 202 -9.79 13.06 24.86
C LEU J 202 -10.73 11.87 24.62
N ALA J 203 -10.33 10.68 25.05
CA ALA J 203 -11.17 9.50 24.83
C ALA J 203 -12.47 9.58 25.63
N ASN J 204 -12.39 9.95 26.91
CA ASN J 204 -13.59 10.04 27.73
C ASN J 204 -14.56 11.08 27.19
N LEU J 205 -14.03 12.22 26.72
CA LEU J 205 -14.88 13.26 26.15
C LEU J 205 -15.56 12.77 24.88
N LEU J 206 -14.82 12.08 24.02
CA LEU J 206 -15.36 11.66 22.73
C LEU J 206 -16.36 10.51 22.88
N MET J 207 -16.21 9.70 23.93
CA MET J 207 -17.20 8.65 24.18
C MET J 207 -18.54 9.23 24.58
N LEU J 208 -18.55 10.42 25.20
CA LEU J 208 -19.80 11.05 25.59
C LEU J 208 -20.59 11.56 24.39
N LEU J 209 -19.97 11.67 23.22
CA LEU J 209 -20.71 12.06 22.02
C LEU J 209 -21.81 11.07 21.71
N SER J 210 -21.59 9.78 21.98
CA SER J 210 -22.62 8.78 21.77
C SER J 210 -23.80 8.96 22.72
N HIS J 211 -23.53 9.47 23.93
CA HIS J 211 -24.63 9.76 24.85
C HIS J 211 -25.43 10.97 24.41
N VAL J 212 -24.76 11.98 23.85
CA VAL J 212 -25.47 13.14 23.31
C VAL J 212 -26.29 12.74 22.10
N ARG J 213 -25.72 11.89 21.22
CA ARG J 213 -26.48 11.39 20.09
C ARG J 213 -27.65 10.52 20.55
N HIS J 214 -27.44 9.72 21.59
CA HIS J 214 -28.52 8.89 22.12
C HIS J 214 -29.64 9.75 22.68
N ALA J 215 -29.30 10.77 23.46
CA ALA J 215 -30.31 11.68 23.99
C ALA J 215 -31.02 12.42 22.86
N SER J 216 -30.29 12.79 21.82
CA SER J 216 -30.89 13.49 20.69
C SER J 216 -31.89 12.61 19.95
N ASN J 217 -31.54 11.34 19.74
CA ASN J 217 -32.46 10.43 19.04
C ASN J 217 -33.71 10.16 19.87
N LYS J 218 -33.54 9.96 21.18
CA LYS J 218 -34.71 9.74 22.03
C LYS J 218 -35.55 11.01 22.14
N GLY J 219 -34.90 12.17 22.19
CA GLY J 219 -35.64 13.42 22.19
C GLY J 219 -36.34 13.68 20.87
N MET J 220 -35.72 13.28 19.77
CA MET J 220 -36.35 13.40 18.45
C MET J 220 -37.63 12.58 18.39
N GLU J 221 -37.60 11.34 18.88
CA GLU J 221 -38.80 10.50 18.89
C GLU J 221 -39.90 11.15 19.72
N HIS J 222 -39.54 11.72 20.87
CA HIS J 222 -40.54 12.32 21.75
C HIS J 222 -41.14 13.57 21.12
N LEU J 223 -40.32 14.43 20.53
CA LEU J 223 -40.83 15.65 19.90
C LEU J 223 -41.74 15.34 18.72
N LEU J 224 -41.34 14.39 17.88
CA LEU J 224 -42.22 13.99 16.77
C LEU J 224 -43.51 13.38 17.28
N ASN J 225 -43.45 12.65 18.40
CA ASN J 225 -44.66 12.06 18.96
C ASN J 225 -45.57 13.14 19.56
N MET J 226 -44.98 14.12 20.25
CA MET J 226 -45.78 15.21 20.81
C MET J 226 -46.48 16.01 19.71
N LYS J 227 -45.79 16.24 18.58
CA LYS J 227 -46.44 16.92 17.46
C LYS J 227 -47.51 16.02 16.84
N CYS J 228 -47.23 14.72 16.75
CA CYS J 228 -48.23 13.80 16.21
C CYS J 228 -49.44 13.71 17.12
N LYS J 229 -49.23 13.74 18.44
CA LYS J 229 -50.31 13.71 19.40
C LYS J 229 -50.99 15.06 19.59
N ASN J 230 -50.58 16.08 18.83
CA ASN J 230 -51.18 17.42 18.90
C ASN J 230 -51.07 18.03 20.30
N VAL J 231 -50.00 17.70 21.02
CA VAL J 231 -49.81 18.28 22.35
C VAL J 231 -49.19 19.66 22.24
N VAL J 232 -48.08 19.79 21.53
CA VAL J 232 -47.44 21.07 21.29
C VAL J 232 -47.65 21.49 19.83
N PRO J 233 -47.88 22.77 19.55
CA PRO J 233 -47.79 23.23 18.17
C PRO J 233 -46.36 23.53 17.77
N VAL J 234 -46.10 23.42 16.47
CA VAL J 234 -44.77 23.61 15.89
C VAL J 234 -44.87 24.70 14.84
N TYR J 235 -43.93 25.65 14.88
CA TYR J 235 -44.00 26.85 14.06
C TYR J 235 -42.67 27.12 13.37
N ASP J 236 -42.76 27.79 12.23
CA ASP J 236 -41.66 28.21 11.37
C ASP J 236 -40.53 27.19 11.24
N LEU J 237 -39.34 27.51 11.76
CA LEU J 237 -38.18 26.66 11.51
C LEU J 237 -38.32 25.29 12.16
N LEU J 238 -38.76 25.25 13.42
CA LEU J 238 -38.92 23.98 14.11
C LEU J 238 -39.85 23.04 13.37
N LEU J 239 -40.97 23.56 12.85
CA LEU J 239 -41.86 22.75 12.04
C LEU J 239 -41.16 22.26 10.78
N GLU J 240 -40.46 23.17 10.10
CA GLU J 240 -39.74 22.81 8.87
C GLU J 240 -38.73 21.70 9.12
N MET J 241 -37.95 21.80 10.20
CA MET J 241 -36.96 20.77 10.51
C MET J 241 -37.61 19.45 10.89
N LEU J 242 -38.84 19.49 11.40
CA LEU J 242 -39.51 18.27 11.81
C LEU J 242 -40.14 17.55 10.63
N LYS K 1 -38.83 -9.40 33.68
CA LYS K 1 -38.27 -9.98 34.90
C LYS K 1 -36.83 -10.42 34.69
N HIS K 2 -36.40 -10.35 33.42
CA HIS K 2 -35.08 -10.83 33.00
C HIS K 2 -34.79 -12.23 33.53
N LYS K 3 -35.71 -13.15 33.26
CA LYS K 3 -35.53 -14.54 33.65
C LYS K 3 -34.31 -15.14 32.96
N ILE K 4 -34.29 -15.08 31.63
CA ILE K 4 -33.19 -15.69 30.87
C ILE K 4 -31.88 -14.94 31.10
N LEU K 5 -31.95 -13.60 31.18
CA LEU K 5 -30.73 -12.82 31.35
C LEU K 5 -30.06 -13.08 32.69
N HIS K 6 -30.85 -13.20 33.76
CA HIS K 6 -30.27 -13.48 35.07
C HIS K 6 -29.62 -14.87 35.09
N ARG K 7 -30.29 -15.86 34.52
CA ARG K 7 -29.76 -17.21 34.50
C ARG K 7 -28.49 -17.30 33.67
N LEU K 8 -28.49 -16.73 32.46
CA LEU K 8 -27.30 -16.76 31.62
C LEU K 8 -26.15 -15.96 32.21
N LEU K 9 -26.43 -14.97 33.06
CA LEU K 9 -25.37 -14.18 33.67
C LEU K 9 -24.76 -14.88 34.87
N GLN K 10 -25.52 -15.72 35.57
CA GLN K 10 -25.03 -16.50 36.69
C GLN K 10 -24.72 -17.93 36.32
N ASP K 11 -24.82 -18.29 35.04
CA ASP K 11 -24.43 -19.61 34.52
C ASP K 11 -22.91 -19.73 34.55
N SER K 12 -22.39 -20.47 35.53
CA SER K 12 -20.96 -20.66 35.65
C SER K 12 -20.51 -21.89 34.87
N HIS L 2 -37.66 23.24 2.15
CA HIS L 2 -36.95 23.99 3.20
C HIS L 2 -36.89 25.48 2.89
N LYS L 3 -38.01 26.17 3.10
CA LYS L 3 -38.08 27.59 2.74
C LYS L 3 -37.26 28.43 3.71
N ILE L 4 -37.57 28.33 5.01
CA ILE L 4 -36.91 29.18 6.00
C ILE L 4 -35.43 28.84 6.12
N LEU L 5 -35.09 27.55 6.10
CA LEU L 5 -33.70 27.14 6.22
C LEU L 5 -32.87 27.64 5.04
N HIS L 6 -33.41 27.48 3.82
CA HIS L 6 -32.73 27.99 2.64
C HIS L 6 -32.53 29.50 2.71
N ARG L 7 -33.55 30.23 3.17
CA ARG L 7 -33.45 31.68 3.27
C ARG L 7 -32.41 32.09 4.30
N LEU L 8 -32.48 31.51 5.51
CA LEU L 8 -31.53 31.88 6.56
C LEU L 8 -30.11 31.50 6.22
N LEU L 9 -29.90 30.54 5.32
CA LEU L 9 -28.56 30.17 4.89
C LEU L 9 -28.06 31.03 3.75
N GLN L 10 -28.95 31.60 2.95
CA GLN L 10 -28.58 32.46 1.84
C GLN L 10 -28.37 33.91 2.31
N LEU M 10 -22.31 22.45 -46.33
CA LEU M 10 -21.26 22.53 -47.33
C LEU M 10 -21.02 21.21 -48.03
N SER M 11 -20.99 21.25 -49.36
CA SER M 11 -20.69 20.07 -50.16
C SER M 11 -19.21 19.71 -50.03
N PRO M 12 -18.87 18.45 -50.29
CA PRO M 12 -17.45 18.06 -50.23
C PRO M 12 -16.55 18.93 -51.10
N GLU M 13 -17.00 19.28 -52.32
CA GLU M 13 -16.20 20.16 -53.17
C GLU M 13 -16.07 21.54 -52.54
N GLN M 14 -17.14 22.05 -51.93
CA GLN M 14 -17.09 23.37 -51.29
C GLN M 14 -16.15 23.36 -50.09
N LEU M 15 -16.16 22.28 -49.30
CA LEU M 15 -15.28 22.22 -48.14
C LEU M 15 -13.81 22.16 -48.55
N VAL M 16 -13.49 21.33 -49.55
CA VAL M 16 -12.11 21.24 -50.02
C VAL M 16 -11.64 22.58 -50.57
N LEU M 17 -12.49 23.24 -51.37
CA LEU M 17 -12.12 24.53 -51.91
C LEU M 17 -12.01 25.60 -50.83
N THR M 18 -12.85 25.52 -49.79
CA THR M 18 -12.73 26.45 -48.68
C THR M 18 -11.41 26.25 -47.93
N LEU M 19 -11.00 24.98 -47.74
CA LEU M 19 -9.71 24.71 -47.10
C LEU M 19 -8.55 25.19 -47.96
N LEU M 20 -8.69 25.13 -49.29
CA LEU M 20 -7.62 25.59 -50.17
C LEU M 20 -7.36 27.08 -49.99
N GLU M 21 -8.42 27.88 -49.91
CA GLU M 21 -8.25 29.31 -49.74
C GLU M 21 -7.74 29.68 -48.35
N ALA M 22 -7.91 28.79 -47.37
CA ALA M 22 -7.43 29.03 -46.02
C ALA M 22 -5.95 28.70 -45.84
N GLU M 23 -5.28 28.25 -46.90
CA GLU M 23 -3.89 27.85 -46.79
C GLU M 23 -3.03 29.03 -46.33
N PRO M 24 -2.12 28.81 -45.38
CA PRO M 24 -1.32 29.92 -44.85
C PRO M 24 -0.28 30.37 -45.86
N PRO M 25 0.20 31.60 -45.75
CA PRO M 25 1.26 32.08 -46.64
C PRO M 25 2.59 31.42 -46.32
N HIS M 26 3.50 31.47 -47.30
CA HIS M 26 4.85 30.98 -47.08
C HIS M 26 5.55 31.82 -46.02
N VAL M 27 6.33 31.15 -45.17
CA VAL M 27 7.11 31.81 -44.12
C VAL M 27 8.57 31.84 -44.56
N LEU M 28 9.18 33.02 -44.50
CA LEU M 28 10.57 33.22 -44.97
C LEU M 28 11.51 33.34 -43.78
N ILE M 29 12.12 32.23 -43.40
CA ILE M 29 13.25 32.21 -42.47
C ILE M 29 14.54 32.10 -43.27
N SER M 30 15.54 32.90 -42.90
CA SER M 30 16.79 32.94 -43.64
C SER M 30 17.81 31.97 -43.04
N ARG M 31 18.58 31.32 -43.90
CA ARG M 31 19.64 30.43 -43.46
C ARG M 31 20.90 31.25 -43.17
N PRO M 32 21.47 31.14 -41.96
CA PRO M 32 22.63 31.96 -41.57
C PRO M 32 23.90 31.59 -42.33
N ALA M 34 27.10 31.91 -41.41
CA ALA M 34 27.87 31.05 -40.52
C ALA M 34 27.36 29.63 -40.55
N PRO M 35 28.27 28.66 -40.38
CA PRO M 35 27.85 27.25 -40.35
C PRO M 35 26.87 26.98 -39.22
N PHE M 36 26.03 25.97 -39.42
CA PHE M 36 24.98 25.65 -38.47
C PHE M 36 25.57 25.04 -37.20
N THR M 37 25.23 25.65 -36.06
CA THR M 37 25.53 25.12 -34.74
C THR M 37 24.26 24.64 -34.09
N GLU M 38 24.40 23.98 -32.93
CA GLU M 38 23.22 23.51 -32.21
C GLU M 38 22.32 24.67 -31.81
N ALA M 39 22.92 25.79 -31.44
CA ALA M 39 22.13 26.96 -31.06
C ALA M 39 21.52 27.66 -32.27
N SER M 40 22.26 27.72 -33.38
CA SER M 40 21.78 28.45 -34.54
C SER M 40 20.68 27.67 -35.27
N MET M 41 20.84 26.35 -35.41
CA MET M 41 19.79 25.57 -36.08
C MET M 41 18.52 25.51 -35.23
N MET M 42 18.66 25.32 -33.92
CA MET M 42 17.48 25.33 -33.06
C MET M 42 16.82 26.70 -33.05
N MET M 43 17.60 27.77 -33.19
CA MET M 43 17.03 29.10 -33.28
C MET M 43 16.23 29.27 -34.57
N SER M 44 16.76 28.75 -35.68
CA SER M 44 16.06 28.86 -36.96
C SER M 44 14.76 28.06 -36.96
N LEU M 45 14.80 26.84 -36.41
CA LEU M 45 13.60 26.01 -36.39
C LEU M 45 12.54 26.58 -35.46
N THR M 46 12.94 27.07 -34.29
CA THR M 46 11.98 27.63 -33.35
C THR M 46 11.43 28.97 -33.84
N LYS M 47 12.29 29.80 -34.44
CA LYS M 47 11.81 31.05 -35.01
C LYS M 47 10.83 30.80 -36.14
N LEU M 48 11.11 29.79 -36.98
CA LEU M 48 10.18 29.42 -38.04
C LEU M 48 8.85 28.97 -37.46
N ALA M 49 8.89 28.16 -36.40
CA ALA M 49 7.66 27.68 -35.77
C ALA M 49 6.87 28.84 -35.17
N ASP M 50 7.56 29.83 -34.61
CA ASP M 50 6.88 30.97 -34.01
C ASP M 50 6.12 31.76 -35.06
N LYS M 51 6.74 32.02 -36.21
CA LYS M 51 6.06 32.74 -37.29
C LYS M 51 4.93 31.91 -37.88
N GLU M 52 5.15 30.61 -38.07
CA GLU M 52 4.11 29.75 -38.62
C GLU M 52 2.91 29.65 -37.70
N LEU M 53 3.13 29.79 -36.39
CA LEU M 53 2.02 29.68 -35.44
C LEU M 53 1.00 30.80 -35.65
N VAL M 54 1.45 31.99 -36.02
CA VAL M 54 0.51 33.08 -36.29
C VAL M 54 -0.41 32.73 -37.45
N HIS M 55 0.18 32.20 -38.53
CA HIS M 55 -0.61 31.85 -39.70
C HIS M 55 -1.51 30.64 -39.46
N MET M 56 -1.10 29.73 -38.58
CA MET M 56 -1.93 28.56 -38.29
C MET M 56 -3.21 28.95 -37.57
N ILE M 57 -3.13 29.95 -36.68
CA ILE M 57 -4.33 30.42 -35.99
C ILE M 57 -5.32 31.02 -36.97
N SER M 58 -4.84 31.83 -37.92
CA SER M 58 -5.72 32.36 -38.95
C SER M 58 -6.27 31.25 -39.82
N TRP M 59 -5.47 30.21 -40.09
CA TRP M 59 -5.94 29.09 -40.89
C TRP M 59 -7.05 28.32 -40.18
N ALA M 60 -6.89 28.08 -38.88
CA ALA M 60 -7.92 27.35 -38.14
C ALA M 60 -9.22 28.12 -38.08
N LYS M 61 -9.13 29.46 -37.99
CA LYS M 61 -10.33 30.29 -37.93
C LYS M 61 -11.12 30.26 -39.22
N LYS M 62 -10.49 29.90 -40.34
CA LYS M 62 -11.18 29.82 -41.62
C LYS M 62 -11.79 28.45 -41.88
N ILE M 63 -11.48 27.46 -41.06
CA ILE M 63 -12.16 26.16 -41.18
C ILE M 63 -13.60 26.31 -40.73
N PRO M 64 -14.58 25.89 -41.54
CA PRO M 64 -15.99 26.17 -41.20
C PRO M 64 -16.40 25.52 -39.89
N GLY M 65 -16.92 26.35 -38.98
CA GLY M 65 -17.41 25.89 -37.69
C GLY M 65 -16.43 26.00 -36.55
N PHE M 66 -15.16 26.30 -36.83
CA PHE M 66 -14.17 26.36 -35.76
C PHE M 66 -14.44 27.54 -34.82
N VAL M 67 -14.76 28.70 -35.38
CA VAL M 67 -15.03 29.87 -34.54
C VAL M 67 -16.34 29.73 -33.78
N GLU M 68 -17.21 28.81 -34.20
CA GLU M 68 -18.45 28.57 -33.48
C GLU M 68 -18.23 27.74 -32.22
N LEU M 69 -17.09 27.07 -32.10
CA LEU M 69 -16.76 26.35 -30.88
C LEU M 69 -16.46 27.35 -29.76
N SER M 70 -16.51 26.85 -28.53
CA SER M 70 -16.15 27.68 -27.38
C SER M 70 -14.69 28.07 -27.45
N LEU M 71 -14.36 29.21 -26.83
CA LEU M 71 -12.97 29.66 -26.79
C LEU M 71 -12.08 28.62 -26.12
N PHE M 72 -12.61 27.92 -25.10
CA PHE M 72 -11.86 26.87 -24.45
C PHE M 72 -11.50 25.74 -25.42
N ASP M 73 -12.47 25.33 -26.24
CA ASP M 73 -12.21 24.27 -27.21
C ASP M 73 -11.23 24.72 -28.28
N GLN M 74 -11.36 25.97 -28.75
CA GLN M 74 -10.44 26.48 -29.76
C GLN M 74 -9.01 26.49 -29.25
N VAL M 75 -8.82 26.94 -28.00
CA VAL M 75 -7.47 26.95 -27.42
C VAL M 75 -6.97 25.53 -27.22
N ARG M 76 -7.84 24.64 -26.73
CA ARG M 76 -7.41 23.27 -26.47
C ARG M 76 -7.06 22.53 -27.75
N LEU M 77 -7.85 22.74 -28.81
CA LEU M 77 -7.56 22.08 -30.09
C LEU M 77 -6.23 22.56 -30.67
N LEU M 78 -5.99 23.87 -30.63
CA LEU M 78 -4.72 24.40 -31.15
C LEU M 78 -3.55 24.02 -30.27
N GLU M 79 -3.76 23.89 -28.96
CA GLU M 79 -2.68 23.50 -28.07
C GLU M 79 -2.21 22.08 -28.33
N SER M 80 -3.13 21.18 -28.66
CA SER M 80 -2.80 19.77 -28.80
C SER M 80 -2.34 19.40 -30.21
N CYS M 81 -2.68 20.20 -31.22
CA CYS M 81 -2.41 19.82 -32.61
C CYS M 81 -1.31 20.62 -33.28
N TRP M 82 -0.84 21.71 -32.66
CA TRP M 82 -0.01 22.67 -33.40
C TRP M 82 1.28 22.03 -33.88
N MET M 83 1.85 21.11 -33.10
CA MET M 83 3.07 20.43 -33.55
C MET M 83 2.78 19.48 -34.70
N GLU M 84 1.65 18.78 -34.66
CA GLU M 84 1.28 17.88 -35.76
C GLU M 84 1.03 18.66 -37.05
N VAL M 85 0.36 19.80 -36.95
CA VAL M 85 0.01 20.57 -38.14
C VAL M 85 1.26 21.11 -38.82
N LEU M 86 2.21 21.62 -38.04
CA LEU M 86 3.45 22.12 -38.61
C LEU M 86 4.24 21.00 -39.28
N MET M 87 4.31 19.84 -38.63
CA MET M 87 5.03 18.71 -39.22
C MET M 87 4.32 18.18 -40.46
N MET M 88 2.98 18.19 -40.45
CA MET M 88 2.23 17.76 -41.62
C MET M 88 2.50 18.68 -42.81
N GLY M 89 2.58 19.99 -42.57
CA GLY M 89 2.95 20.91 -43.62
C GLY M 89 4.36 20.68 -44.12
N LEU M 90 5.29 20.38 -43.21
CA LEU M 90 6.66 20.08 -43.60
C LEU M 90 6.72 18.85 -44.49
N MET M 91 5.96 17.80 -44.15
CA MET M 91 5.97 16.60 -44.96
C MET M 91 5.40 16.86 -46.35
N TRP M 92 4.40 17.73 -46.44
CA TRP M 92 3.82 18.08 -47.73
C TRP M 92 4.81 18.87 -48.58
N ARG M 93 5.51 19.83 -47.97
CA ARG M 93 6.50 20.61 -48.71
C ARG M 93 7.68 19.77 -49.16
N SER M 94 8.01 18.71 -48.42
CA SER M 94 9.16 17.87 -48.68
C SER M 94 8.80 16.56 -49.36
N ILE M 95 7.56 16.42 -49.84
CA ILE M 95 7.08 15.11 -50.29
C ILE M 95 7.80 14.65 -51.56
N ASP M 96 8.30 15.57 -52.38
CA ASP M 96 8.89 15.22 -53.66
C ASP M 96 10.41 15.32 -53.67
N HIS M 97 11.04 15.39 -52.49
CA HIS M 97 12.50 15.46 -52.39
C HIS M 97 12.97 14.56 -51.27
N PRO M 98 13.19 13.28 -51.54
CA PRO M 98 13.67 12.36 -50.50
C PRO M 98 15.03 12.78 -49.95
N GLY M 99 15.21 12.60 -48.65
CA GLY M 99 16.44 12.96 -47.98
C GLY M 99 16.60 14.44 -47.69
N LYS M 100 15.60 15.26 -47.97
CA LYS M 100 15.65 16.69 -47.74
C LYS M 100 14.38 17.13 -47.03
N LEU M 101 14.52 18.12 -46.15
CA LEU M 101 13.40 18.69 -45.40
C LEU M 101 13.22 20.14 -45.82
N ILE M 102 12.09 20.42 -46.49
CA ILE M 102 11.79 21.79 -46.95
C ILE M 102 11.04 22.45 -45.80
N PHE M 103 11.81 22.94 -44.82
CA PHE M 103 11.18 23.60 -43.68
C PHE M 103 10.48 24.88 -44.09
N ALA M 104 11.11 25.68 -44.95
CA ALA M 104 10.55 26.93 -45.42
C ALA M 104 11.35 27.40 -46.63
N PRO M 105 10.81 28.28 -47.45
CA PRO M 105 11.61 28.90 -48.50
C PRO M 105 12.87 29.52 -47.92
N ASP M 106 13.99 29.31 -48.59
CA ASP M 106 15.33 29.72 -48.17
C ASP M 106 15.84 28.94 -46.97
N LEU M 107 15.20 27.82 -46.61
CA LEU M 107 15.68 26.95 -45.53
C LEU M 107 15.41 25.50 -45.93
N VAL M 108 16.30 24.96 -46.77
CA VAL M 108 16.25 23.57 -47.19
C VAL M 108 17.40 22.83 -46.53
N LEU M 109 17.07 21.80 -45.75
CA LEU M 109 18.05 21.09 -44.95
C LEU M 109 18.16 19.64 -45.43
N ASP M 110 19.40 19.17 -45.59
CA ASP M 110 19.62 17.76 -45.81
C ASP M 110 19.46 17.02 -44.50
N ARG M 111 19.22 15.71 -44.60
CA ARG M 111 19.05 14.90 -43.40
C ARG M 111 20.29 14.93 -42.53
N ASP M 112 21.47 14.80 -43.14
CA ASP M 112 22.71 14.73 -42.39
C ASP M 112 23.05 16.03 -41.68
N GLU M 113 22.44 17.15 -42.09
CA GLU M 113 22.68 18.42 -41.41
C GLU M 113 22.12 18.46 -39.99
N GLY M 114 21.27 17.51 -39.63
CA GLY M 114 20.77 17.38 -38.27
C GLY M 114 21.82 16.95 -37.26
N LYS M 115 22.99 16.51 -37.70
CA LYS M 115 24.03 16.10 -36.77
C LYS M 115 24.53 17.22 -35.88
N CYS M 116 24.26 18.48 -36.22
CA CYS M 116 24.72 19.58 -35.39
C CYS M 116 23.85 19.78 -34.15
N VAL M 117 22.67 19.15 -34.09
CA VAL M 117 21.80 19.22 -32.92
C VAL M 117 21.66 17.82 -32.35
N GLU M 118 21.90 17.69 -31.04
CA GLU M 118 21.84 16.39 -30.39
C GLU M 118 20.42 15.85 -30.39
N GLY M 119 20.26 14.61 -30.87
CA GLY M 119 18.98 13.94 -30.80
C GLY M 119 17.98 14.29 -31.89
N ILE M 120 18.26 15.31 -32.70
CA ILE M 120 17.28 15.71 -33.72
C ILE M 120 17.36 14.83 -34.97
N LEU M 121 18.44 14.07 -35.13
CA LEU M 121 18.56 13.20 -36.30
C LEU M 121 17.47 12.12 -36.28
N GLU M 122 17.15 11.59 -35.10
CA GLU M 122 16.09 10.61 -34.99
C GLU M 122 14.74 11.20 -35.35
N ILE M 123 14.52 12.47 -34.98
CA ILE M 123 13.26 13.13 -35.34
C ILE M 123 13.20 13.38 -36.83
N PHE M 124 14.33 13.77 -37.43
CA PHE M 124 14.38 13.99 -38.87
C PHE M 124 14.05 12.71 -39.64
N ASP M 125 14.59 11.57 -39.19
CA ASP M 125 14.30 10.31 -39.87
C ASP M 125 12.83 9.94 -39.76
N MET M 126 12.20 10.25 -38.62
CA MET M 126 10.78 9.99 -38.47
C MET M 126 9.97 10.83 -39.45
N LEU M 127 10.32 12.11 -39.57
CA LEU M 127 9.62 12.98 -40.52
C LEU M 127 9.85 12.55 -41.96
N LEU M 128 11.07 12.15 -42.29
CA LEU M 128 11.38 11.74 -43.66
C LEU M 128 10.73 10.40 -44.00
N ALA M 129 10.66 9.49 -43.04
CA ALA M 129 10.04 8.19 -43.30
C ALA M 129 8.55 8.34 -43.57
N THR M 130 7.87 9.14 -42.75
CA THR M 130 6.45 9.40 -43.00
C THR M 130 6.26 10.21 -44.27
N THR M 131 7.18 11.14 -44.56
CA THR M 131 7.11 11.88 -45.82
C THR M 131 7.27 10.95 -47.01
N SER M 132 8.22 10.00 -46.92
CA SER M 132 8.39 9.03 -47.99
C SER M 132 7.16 8.15 -48.15
N ARG M 133 6.47 7.85 -47.04
CA ARG M 133 5.26 7.05 -47.12
C ARG M 133 4.14 7.80 -47.82
N PHE M 134 4.01 9.11 -47.54
CA PHE M 134 3.03 9.91 -48.26
C PHE M 134 3.37 10.02 -49.74
N ARG M 135 4.66 10.02 -50.09
CA ARG M 135 5.05 10.06 -51.49
C ARG M 135 4.71 8.75 -52.18
N GLU M 136 4.97 7.62 -51.52
CA GLU M 136 4.66 6.33 -52.11
C GLU M 136 3.17 6.20 -52.37
N LEU M 137 2.34 6.73 -51.47
CA LEU M 137 0.90 6.76 -51.69
C LEU M 137 0.48 7.82 -52.69
N LYS M 138 1.40 8.69 -53.12
CA LYS M 138 1.11 9.80 -54.02
C LYS M 138 -0.05 10.65 -53.47
N LEU M 139 0.18 11.18 -52.26
CA LEU M 139 -0.83 12.00 -51.59
C LEU M 139 -1.26 13.16 -52.47
N GLN M 140 -2.56 13.30 -52.64
CA GLN M 140 -3.13 14.31 -53.53
C GLN M 140 -3.33 15.63 -52.81
N HIS M 141 -3.49 16.70 -53.60
CA HIS M 141 -3.71 18.03 -53.04
C HIS M 141 -4.99 18.08 -52.22
N LYS M 142 -6.08 17.50 -52.75
CA LYS M 142 -7.35 17.51 -52.03
C LYS M 142 -7.28 16.68 -50.75
N GLU M 143 -6.51 15.60 -50.78
CA GLU M 143 -6.36 14.77 -49.59
C GLU M 143 -5.56 15.48 -48.50
N TYR M 144 -4.49 16.19 -48.88
CA TYR M 144 -3.68 16.88 -47.88
C TYR M 144 -4.49 17.95 -47.15
N LEU M 145 -5.34 18.67 -47.87
CA LEU M 145 -6.16 19.69 -47.22
C LEU M 145 -7.11 19.08 -46.21
N CYS M 146 -7.71 17.94 -46.56
CA CYS M 146 -8.62 17.26 -45.64
C CYS M 146 -7.85 16.68 -44.45
N VAL M 147 -6.72 16.04 -44.72
CA VAL M 147 -5.95 15.39 -43.66
C VAL M 147 -5.44 16.41 -42.65
N LYS M 148 -4.94 17.55 -43.13
CA LYS M 148 -4.40 18.56 -42.22
C LYS M 148 -5.50 19.18 -41.37
N ALA M 149 -6.69 19.35 -41.93
CA ALA M 149 -7.82 19.83 -41.12
C ALA M 149 -8.29 18.77 -40.14
N MET M 150 -8.22 17.49 -40.53
CA MET M 150 -8.60 16.41 -39.63
C MET M 150 -7.67 16.34 -38.42
N ILE M 151 -6.38 16.66 -38.61
CA ILE M 151 -5.43 16.62 -37.50
C ILE M 151 -5.84 17.59 -36.41
N LEU M 152 -6.25 18.81 -36.79
CA LEU M 152 -6.70 19.78 -35.79
C LEU M 152 -7.97 19.32 -35.08
N LEU M 153 -8.92 18.76 -35.82
CA LEU M 153 -10.22 18.40 -35.27
C LEU M 153 -10.21 17.09 -34.50
N ASN M 154 -9.18 16.27 -34.65
CA ASN M 154 -9.10 14.97 -33.99
C ASN M 154 -8.17 15.01 -32.79
N SER M 155 -8.17 16.12 -32.06
CA SER M 155 -7.26 16.30 -30.93
C SER M 155 -7.93 15.98 -29.61
N ARG M 171 -19.86 18.97 -29.01
CA ARG M 171 -20.90 18.40 -29.87
C ARG M 171 -20.72 18.86 -31.31
N LYS M 172 -20.50 20.17 -31.49
CA LYS M 172 -20.25 20.70 -32.82
C LYS M 172 -18.92 20.23 -33.38
N LEU M 173 -17.94 20.00 -32.50
CA LEU M 173 -16.63 19.51 -32.94
C LEU M 173 -16.74 18.18 -33.65
N ALA M 174 -17.62 17.29 -33.16
CA ALA M 174 -17.75 15.97 -33.77
C ALA M 174 -18.29 16.07 -35.18
N HIS M 175 -19.24 16.98 -35.41
CA HIS M 175 -19.76 17.18 -36.75
C HIS M 175 -18.70 17.77 -37.68
N LEU M 176 -17.84 18.64 -37.16
CA LEU M 176 -16.78 19.22 -37.98
C LEU M 176 -15.79 18.15 -38.41
N LEU M 177 -15.37 17.30 -37.47
CA LEU M 177 -14.50 16.19 -37.81
C LEU M 177 -15.20 15.21 -38.74
N ASN M 178 -16.50 15.02 -38.55
CA ASN M 178 -17.27 14.15 -39.44
C ASN M 178 -17.38 14.74 -40.84
N ALA M 179 -17.52 16.06 -40.94
CA ALA M 179 -17.67 16.69 -42.25
C ALA M 179 -16.38 16.60 -43.07
N VAL M 180 -15.25 16.88 -42.44
CA VAL M 180 -13.97 16.81 -43.15
C VAL M 180 -13.65 15.36 -43.50
N THR M 181 -13.99 14.43 -42.60
CA THR M 181 -13.81 13.01 -42.91
C THR M 181 -14.65 12.59 -44.10
N ASP M 182 -15.92 13.01 -44.14
CA ASP M 182 -16.77 12.74 -45.28
C ASP M 182 -16.17 13.31 -46.57
N ALA M 183 -15.53 14.48 -46.47
CA ALA M 183 -14.89 15.06 -47.64
C ALA M 183 -13.75 14.18 -48.14
N LEU M 184 -12.95 13.63 -47.22
CA LEU M 184 -11.84 12.78 -47.60
C LEU M 184 -12.33 11.51 -48.28
N VAL M 185 -13.37 10.89 -47.72
CA VAL M 185 -13.94 9.70 -48.35
C VAL M 185 -14.47 10.03 -49.74
N TRP M 186 -15.04 11.22 -49.91
CA TRP M 186 -15.53 11.63 -51.23
C TRP M 186 -14.37 11.85 -52.20
N VAL M 187 -13.27 12.45 -51.73
CA VAL M 187 -12.11 12.67 -52.59
C VAL M 187 -11.56 11.34 -53.11
N ILE M 188 -11.47 10.34 -52.25
CA ILE M 188 -10.96 9.04 -52.68
C ILE M 188 -11.97 8.34 -53.58
N ALA M 189 -13.26 8.51 -53.30
CA ALA M 189 -14.28 7.88 -54.14
C ALA M 189 -14.29 8.49 -55.54
N LYS M 190 -14.13 9.80 -55.64
CA LYS M 190 -14.13 10.47 -56.94
C LYS M 190 -12.85 10.24 -57.73
N SER M 191 -11.85 9.57 -57.14
CA SER M 191 -10.61 9.31 -57.86
C SER M 191 -10.78 8.25 -58.95
N GLY M 192 -11.80 7.39 -58.82
CA GLY M 192 -12.08 6.41 -59.85
C GLY M 192 -11.44 5.05 -59.66
N ILE M 193 -10.84 4.79 -58.49
CA ILE M 193 -10.22 3.50 -58.24
C ILE M 193 -11.25 2.53 -57.69
N SER M 194 -10.89 1.25 -57.63
CA SER M 194 -11.82 0.22 -57.16
C SER M 194 -12.18 0.46 -55.70
N SER M 195 -13.45 0.17 -55.36
CA SER M 195 -13.93 0.41 -54.00
C SER M 195 -13.16 -0.40 -52.97
N GLN M 196 -12.54 -1.52 -53.38
CA GLN M 196 -11.67 -2.24 -52.47
C GLN M 196 -10.37 -1.49 -52.24
N GLN M 197 -9.85 -0.83 -53.29
CA GLN M 197 -8.65 -0.01 -53.15
C GLN M 197 -8.94 1.35 -52.53
N GLN M 198 -10.19 1.83 -52.62
CA GLN M 198 -10.56 3.06 -51.92
C GLN M 198 -10.46 2.87 -50.42
N SER M 199 -10.89 1.70 -49.92
CA SER M 199 -10.79 1.41 -48.50
C SER M 199 -9.33 1.23 -48.07
N MET M 200 -8.53 0.58 -48.91
CA MET M 200 -7.12 0.39 -48.57
C MET M 200 -6.37 1.71 -48.54
N ARG M 201 -6.64 2.60 -49.50
CA ARG M 201 -6.00 3.90 -49.52
C ARG M 201 -6.41 4.72 -48.31
N LEU M 202 -7.71 4.72 -47.98
CA LEU M 202 -8.18 5.41 -46.78
C LEU M 202 -7.48 4.87 -45.53
N ALA M 203 -7.32 3.55 -45.44
CA ALA M 203 -6.68 2.97 -44.27
C ALA M 203 -5.22 3.38 -44.16
N ASN M 204 -4.49 3.34 -45.28
CA ASN M 204 -3.08 3.72 -45.26
C ASN M 204 -2.89 5.18 -44.85
N LEU M 205 -3.79 6.07 -45.31
CA LEU M 205 -3.68 7.47 -44.96
C LEU M 205 -3.93 7.69 -43.46
N LEU M 206 -4.97 7.08 -42.92
CA LEU M 206 -5.27 7.29 -41.50
C LEU M 206 -4.28 6.59 -40.59
N MET M 207 -3.68 5.48 -41.04
CA MET M 207 -2.65 4.85 -40.25
C MET M 207 -1.41 5.73 -40.15
N LEU M 208 -1.14 6.55 -41.16
CA LEU M 208 0.00 7.46 -41.11
C LEU M 208 -0.22 8.61 -40.15
N LEU M 209 -1.47 8.91 -39.77
CA LEU M 209 -1.71 9.96 -38.78
C LEU M 209 -1.11 9.60 -37.43
N SER M 210 -1.15 8.31 -37.06
CA SER M 210 -0.53 7.89 -35.81
C SER M 210 0.97 8.09 -35.84
N HIS M 211 1.59 7.97 -37.02
CA HIS M 211 3.01 8.28 -37.16
C HIS M 211 3.27 9.77 -37.08
N VAL M 212 2.36 10.58 -37.62
CA VAL M 212 2.49 12.03 -37.48
C VAL M 212 2.31 12.43 -36.02
N ARG M 213 1.34 11.81 -35.33
CA ARG M 213 1.18 12.04 -33.91
C ARG M 213 2.42 11.60 -33.13
N HIS M 214 3.00 10.46 -33.52
CA HIS M 214 4.20 9.98 -32.83
C HIS M 214 5.37 10.93 -33.04
N ALA M 215 5.54 11.43 -34.27
CA ALA M 215 6.59 12.42 -34.52
C ALA M 215 6.35 13.69 -33.72
N SER M 216 5.08 14.09 -33.58
CA SER M 216 4.76 15.28 -32.80
C SER M 216 5.10 15.09 -31.32
N ASN M 217 4.80 13.91 -30.77
CA ASN M 217 5.10 13.66 -29.36
C ASN M 217 6.60 13.65 -29.11
N LYS M 218 7.36 12.99 -29.99
CA LYS M 218 8.80 12.96 -29.83
C LYS M 218 9.44 14.32 -30.09
N GLY M 219 8.91 15.07 -31.06
CA GLY M 219 9.40 16.41 -31.29
C GLY M 219 9.12 17.34 -30.13
N MET M 220 7.95 17.20 -29.51
CA MET M 220 7.63 17.97 -28.31
C MET M 220 8.62 17.64 -27.19
N GLU M 221 8.87 16.34 -26.98
CA GLU M 221 9.83 15.90 -25.97
C GLU M 221 11.23 16.43 -26.28
N HIS M 222 11.62 16.42 -27.56
CA HIS M 222 12.93 16.92 -27.94
C HIS M 222 13.05 18.42 -27.72
N LEU M 223 12.02 19.17 -28.10
CA LEU M 223 12.05 20.62 -27.94
C LEU M 223 12.14 20.99 -26.46
N LEU M 224 11.39 20.31 -25.61
CA LEU M 224 11.46 20.58 -24.17
C LEU M 224 12.85 20.27 -23.62
N ASN M 225 13.52 19.26 -24.15
CA ASN M 225 14.89 18.97 -23.71
C ASN M 225 15.85 20.06 -24.17
N MET M 226 15.70 20.54 -25.40
CA MET M 226 16.53 21.63 -25.89
C MET M 226 16.33 22.90 -25.07
N LYS M 227 15.08 23.17 -24.66
CA LYS M 227 14.84 24.32 -23.80
C LYS M 227 15.44 24.08 -22.42
N CYS M 228 15.40 22.84 -21.95
CA CYS M 228 16.05 22.48 -20.69
C CYS M 228 17.54 22.72 -20.77
N LYS M 229 18.14 22.47 -21.94
CA LYS M 229 19.56 22.73 -22.19
C LYS M 229 19.83 24.21 -22.46
N ASN M 230 18.80 25.04 -22.35
CA ASN M 230 18.89 26.50 -22.52
C ASN M 230 19.37 26.87 -23.92
N VAL M 231 19.11 26.01 -24.90
CA VAL M 231 19.46 26.30 -26.29
C VAL M 231 18.36 27.09 -27.00
N VAL M 232 17.11 26.69 -26.83
CA VAL M 232 15.95 27.38 -27.41
C VAL M 232 16.02 28.86 -27.05
N PRO M 233 15.68 29.76 -27.97
CA PRO M 233 15.55 31.17 -27.60
C PRO M 233 14.20 31.44 -26.95
N VAL M 234 13.74 32.68 -26.97
CA VAL M 234 12.47 33.03 -26.35
C VAL M 234 11.57 33.65 -27.41
N TYR M 235 10.39 33.05 -27.56
CA TYR M 235 9.42 33.44 -28.58
C TYR M 235 8.07 33.34 -27.87
N ASP M 236 7.53 34.50 -27.47
CA ASP M 236 6.24 34.61 -26.80
C ASP M 236 5.24 33.55 -27.26
N LEU M 237 4.89 33.56 -28.55
CA LEU M 237 3.83 32.67 -29.03
C LEU M 237 4.27 31.21 -28.93
N LEU M 238 5.49 30.91 -29.36
CA LEU M 238 6.00 29.53 -29.25
C LEU M 238 6.04 29.07 -27.80
N LEU M 239 6.54 29.93 -26.90
CA LEU M 239 6.54 29.60 -25.48
C LEU M 239 5.12 29.43 -24.96
N GLU M 240 4.23 30.34 -25.34
CA GLU M 240 2.84 30.26 -24.93
C GLU M 240 2.22 28.92 -25.33
N MET M 241 2.46 28.49 -26.57
CA MET M 241 1.98 27.18 -27.00
C MET M 241 2.72 26.04 -26.31
N LEU M 242 3.95 26.27 -25.85
CA LEU M 242 4.71 25.21 -25.19
C LEU M 242 4.32 25.03 -23.73
N ASN M 243 3.72 26.04 -23.10
CA ASN M 243 3.35 25.94 -21.69
C ASN M 243 2.23 24.94 -21.44
N ALA M 244 1.55 24.48 -22.49
CA ALA M 244 0.48 23.50 -22.33
C ALA M 244 1.05 22.12 -22.10
N ALA N 9 -2.54 -17.62 -47.40
CA ALA N 9 -3.41 -18.79 -47.46
C ALA N 9 -4.60 -18.65 -46.51
N LEU N 10 -4.72 -17.47 -45.88
CA LEU N 10 -5.79 -17.18 -44.95
C LEU N 10 -6.72 -16.14 -45.55
N SER N 11 -8.00 -16.48 -45.62
CA SER N 11 -9.03 -15.53 -46.02
C SER N 11 -9.23 -14.48 -44.93
N PRO N 12 -9.79 -13.31 -45.28
CA PRO N 12 -10.04 -12.29 -44.26
C PRO N 12 -10.83 -12.82 -43.06
N GLU N 13 -11.86 -13.64 -43.30
CA GLU N 13 -12.60 -14.23 -42.17
C GLU N 13 -11.71 -15.17 -41.38
N GLN N 14 -10.87 -15.95 -42.06
CA GLN N 14 -9.98 -16.87 -41.36
C GLN N 14 -8.95 -16.13 -40.51
N LEU N 15 -8.46 -14.99 -41.01
CA LEU N 15 -7.49 -14.22 -40.25
C LEU N 15 -8.11 -13.67 -38.97
N VAL N 16 -9.34 -13.17 -39.05
CA VAL N 16 -10.03 -12.67 -37.86
C VAL N 16 -10.22 -13.78 -36.84
N LEU N 17 -10.61 -14.98 -37.30
CA LEU N 17 -10.79 -16.10 -36.39
C LEU N 17 -9.47 -16.53 -35.77
N THR N 18 -8.37 -16.45 -36.53
CA THR N 18 -7.06 -16.76 -35.97
C THR N 18 -6.70 -15.76 -34.88
N LEU N 19 -7.01 -14.48 -35.08
CA LEU N 19 -6.77 -13.48 -34.05
C LEU N 19 -7.64 -13.75 -32.82
N LEU N 20 -8.86 -14.23 -33.04
CA LEU N 20 -9.73 -14.56 -31.92
C LEU N 20 -9.16 -15.72 -31.11
N GLU N 21 -8.66 -16.75 -31.78
CA GLU N 21 -8.06 -17.88 -31.09
C GLU N 21 -6.74 -17.51 -30.43
N ALA N 22 -6.07 -16.47 -30.91
CA ALA N 22 -4.80 -16.02 -30.36
C ALA N 22 -4.96 -15.08 -29.18
N GLU N 23 -6.19 -14.78 -28.77
CA GLU N 23 -6.41 -13.83 -27.68
C GLU N 23 -5.74 -14.32 -26.39
N PRO N 24 -5.04 -13.46 -25.68
CA PRO N 24 -4.34 -13.90 -24.46
C PRO N 24 -5.33 -14.22 -23.36
N PRO N 25 -4.93 -15.05 -22.40
CA PRO N 25 -5.83 -15.34 -21.27
C PRO N 25 -5.97 -14.12 -20.35
N HIS N 26 -7.06 -14.11 -19.60
CA HIS N 26 -7.29 -13.06 -18.62
C HIS N 26 -6.25 -13.13 -17.50
N VAL N 27 -5.79 -11.96 -17.06
CA VAL N 27 -4.84 -11.84 -15.97
C VAL N 27 -5.60 -11.40 -14.73
N LEU N 28 -5.43 -12.13 -13.62
CA LEU N 28 -6.18 -11.88 -12.40
C LEU N 28 -5.28 -11.19 -11.38
N ILE N 29 -5.34 -9.86 -11.36
CA ILE N 29 -4.73 -9.05 -10.31
C ILE N 29 -5.81 -8.65 -9.31
N SER N 30 -5.46 -8.63 -8.03
CA SER N 30 -6.35 -8.18 -6.97
C SER N 30 -5.82 -6.90 -6.35
N ARG N 31 -6.70 -6.21 -5.63
CA ARG N 31 -6.34 -4.97 -4.96
C ARG N 31 -5.38 -5.23 -3.80
N THR N 37 -1.83 3.59 -2.06
CA THR N 37 -0.86 4.69 -2.18
C THR N 37 -0.30 4.76 -3.59
N GLU N 38 0.46 5.83 -3.86
CA GLU N 38 1.07 5.98 -5.18
C GLU N 38 2.05 4.86 -5.45
N ALA N 39 2.77 4.40 -4.43
CA ALA N 39 3.71 3.30 -4.61
C ALA N 39 2.98 1.96 -4.72
N SER N 40 1.90 1.79 -3.95
CA SER N 40 1.19 0.51 -3.96
C SER N 40 0.37 0.33 -5.23
N MET N 41 -0.29 1.39 -5.70
CA MET N 41 -1.07 1.29 -6.94
C MET N 41 -0.17 1.08 -8.15
N MET N 42 0.95 1.82 -8.20
CA MET N 42 1.90 1.64 -9.30
C MET N 42 2.54 0.25 -9.28
N MET N 43 2.71 -0.33 -8.09
CA MET N 43 3.25 -1.68 -8.02
C MET N 43 2.28 -2.69 -8.62
N SER N 44 0.98 -2.52 -8.36
CA SER N 44 -0.01 -3.43 -8.93
C SER N 44 -0.10 -3.29 -10.44
N LEU N 45 -0.01 -2.05 -10.95
CA LEU N 45 -0.12 -1.84 -12.39
C LEU N 45 1.08 -2.41 -13.13
N THR N 46 2.28 -2.26 -12.56
CA THR N 46 3.47 -2.78 -13.23
C THR N 46 3.50 -4.30 -13.21
N LYS N 47 3.06 -4.91 -12.11
CA LYS N 47 2.97 -6.38 -12.07
C LYS N 47 1.98 -6.89 -13.09
N LEU N 48 0.84 -6.21 -13.25
CA LEU N 48 -0.12 -6.58 -14.28
C LEU N 48 0.49 -6.42 -15.68
N ALA N 49 1.19 -5.32 -15.91
CA ALA N 49 1.79 -5.09 -17.22
C ALA N 49 2.87 -6.12 -17.53
N ASP N 50 3.65 -6.52 -16.52
CA ASP N 50 4.71 -7.50 -16.75
C ASP N 50 4.13 -8.85 -17.15
N LYS N 51 3.08 -9.30 -16.47
CA LYS N 51 2.45 -10.56 -16.83
C LYS N 51 1.78 -10.47 -18.19
N GLU N 52 1.10 -9.36 -18.47
CA GLU N 52 0.45 -9.18 -19.77
C GLU N 52 1.48 -9.12 -20.89
N LEU N 53 2.68 -8.60 -20.60
CA LEU N 53 3.73 -8.55 -21.62
C LEU N 53 4.18 -9.95 -22.02
N VAL N 54 4.21 -10.88 -21.06
CA VAL N 54 4.57 -12.26 -21.38
C VAL N 54 3.53 -12.87 -22.31
N HIS N 55 2.24 -12.65 -22.01
CA HIS N 55 1.18 -13.19 -22.84
C HIS N 55 1.11 -12.49 -24.20
N MET N 56 1.53 -11.22 -24.28
CA MET N 56 1.49 -10.51 -25.54
C MET N 56 2.50 -11.09 -26.54
N ILE N 57 3.67 -11.52 -26.04
CA ILE N 57 4.65 -12.14 -26.93
C ILE N 57 4.08 -13.42 -27.51
N SER N 58 3.45 -14.25 -26.67
CA SER N 58 2.79 -15.46 -27.17
C SER N 58 1.67 -15.09 -28.13
N TRP N 59 0.95 -14.01 -27.85
CA TRP N 59 -0.12 -13.56 -28.75
C TRP N 59 0.44 -13.12 -30.09
N ALA N 60 1.53 -12.35 -30.07
CA ALA N 60 2.12 -11.87 -31.31
C ALA N 60 2.67 -13.03 -32.15
N LYS N 61 3.20 -14.06 -31.48
CA LYS N 61 3.74 -15.22 -32.18
C LYS N 61 2.66 -16.02 -32.90
N LYS N 62 1.40 -15.91 -32.49
CA LYS N 62 0.31 -16.61 -33.14
C LYS N 62 -0.26 -15.85 -34.32
N ILE N 63 0.06 -14.57 -34.48
CA ILE N 63 -0.38 -13.78 -35.62
C ILE N 63 0.31 -14.33 -36.87
N PRO N 64 -0.43 -14.73 -37.89
CA PRO N 64 0.19 -15.42 -39.04
C PRO N 64 1.20 -14.53 -39.74
N GLY N 65 2.42 -15.05 -39.89
CA GLY N 65 3.48 -14.34 -40.56
C GLY N 65 4.41 -13.55 -39.64
N PHE N 66 4.03 -13.35 -38.38
CA PHE N 66 4.87 -12.57 -37.47
C PHE N 66 6.21 -13.25 -37.23
N VAL N 67 6.20 -14.56 -37.00
CA VAL N 67 7.45 -15.29 -36.78
C VAL N 67 8.26 -15.41 -38.06
N GLU N 68 7.64 -15.17 -39.22
CA GLU N 68 8.38 -15.21 -40.48
C GLU N 68 9.21 -13.95 -40.70
N LEU N 69 8.91 -12.88 -39.96
CA LEU N 69 9.74 -11.69 -40.01
C LEU N 69 11.09 -11.94 -39.37
N SER N 70 12.05 -11.09 -39.69
CA SER N 70 13.36 -11.19 -39.05
C SER N 70 13.24 -10.91 -37.55
N LEU N 71 14.17 -11.49 -36.78
CA LEU N 71 14.18 -11.25 -35.34
C LEU N 71 14.33 -9.78 -35.02
N PHE N 72 15.10 -9.04 -35.83
CA PHE N 72 15.26 -7.61 -35.64
C PHE N 72 13.92 -6.89 -35.75
N ASP N 73 13.11 -7.24 -36.75
CA ASP N 73 11.80 -6.62 -36.90
C ASP N 73 10.84 -7.04 -35.80
N GLN N 74 10.90 -8.31 -35.39
CA GLN N 74 9.99 -8.80 -34.36
C GLN N 74 10.20 -8.07 -33.04
N VAL N 75 11.47 -7.90 -32.63
CA VAL N 75 11.74 -7.18 -31.39
C VAL N 75 11.40 -5.70 -31.55
N ARG N 76 11.68 -5.12 -32.72
CA ARG N 76 11.42 -3.69 -32.92
C ARG N 76 9.92 -3.39 -32.89
N LEU N 77 9.11 -4.27 -33.50
CA LEU N 77 7.67 -4.06 -33.48
C LEU N 77 7.11 -4.15 -32.06
N LEU N 78 7.56 -5.15 -31.30
CA LEU N 78 7.08 -5.29 -29.92
C LEU N 78 7.62 -4.19 -29.02
N GLU N 79 8.81 -3.67 -29.31
CA GLU N 79 9.37 -2.60 -28.51
C GLU N 79 8.54 -1.33 -28.62
N SER N 80 8.03 -1.05 -29.82
CA SER N 80 7.32 0.21 -30.08
C SER N 80 5.83 0.14 -29.78
N CYS N 81 5.24 -1.05 -29.76
CA CYS N 81 3.80 -1.19 -29.67
C CYS N 81 3.29 -1.72 -28.34
N TRP N 82 4.15 -2.25 -27.47
CA TRP N 82 3.66 -3.03 -26.35
C TRP N 82 2.80 -2.19 -25.40
N MET N 83 3.14 -0.92 -25.24
CA MET N 83 2.32 -0.05 -24.40
C MET N 83 0.98 0.24 -25.06
N GLU N 84 0.97 0.41 -26.39
CA GLU N 84 -0.28 0.64 -27.10
C GLU N 84 -1.19 -0.58 -27.02
N VAL N 85 -0.61 -1.78 -27.16
CA VAL N 85 -1.41 -3.01 -27.14
C VAL N 85 -2.04 -3.21 -25.77
N LEU N 86 -1.28 -2.96 -24.70
CA LEU N 86 -1.83 -3.12 -23.35
C LEU N 86 -2.96 -2.13 -23.10
N MET N 87 -2.78 -0.88 -23.52
CA MET N 87 -3.83 0.12 -23.34
C MET N 87 -5.05 -0.18 -24.20
N MET N 88 -4.84 -0.74 -25.39
CA MET N 88 -5.97 -1.11 -26.24
C MET N 88 -6.81 -2.19 -25.58
N GLY N 89 -6.15 -3.17 -24.95
CA GLY N 89 -6.89 -4.20 -24.22
C GLY N 89 -7.63 -3.65 -23.01
N LEU N 90 -7.00 -2.70 -22.29
CA LEU N 90 -7.66 -2.10 -21.14
C LEU N 90 -8.93 -1.35 -21.55
N MET N 91 -8.86 -0.60 -22.65
CA MET N 91 -10.04 0.12 -23.12
C MET N 91 -11.14 -0.84 -23.56
N TRP N 92 -10.77 -2.00 -24.13
CA TRP N 92 -11.76 -2.99 -24.49
C TRP N 92 -12.43 -3.58 -23.25
N ARG N 93 -11.65 -3.86 -22.21
CA ARG N 93 -12.24 -4.39 -20.98
C ARG N 93 -13.14 -3.37 -20.31
N SER N 94 -12.88 -2.08 -20.52
CA SER N 94 -13.63 -1.01 -19.88
C SER N 94 -14.68 -0.37 -20.79
N ILE N 95 -14.95 -0.97 -21.95
CA ILE N 95 -15.79 -0.31 -22.94
C ILE N 95 -17.23 -0.20 -22.45
N ASP N 96 -17.67 -1.14 -21.60
CA ASP N 96 -19.04 -1.18 -21.11
C ASP N 96 -19.16 -0.70 -19.67
N HIS N 97 -18.16 0.00 -19.16
CA HIS N 97 -18.16 0.48 -17.78
C HIS N 97 -17.68 1.93 -17.79
N PRO N 98 -18.58 2.89 -18.01
CA PRO N 98 -18.18 4.30 -18.02
C PRO N 98 -17.63 4.75 -16.68
N GLY N 99 -16.58 5.57 -16.73
CA GLY N 99 -15.96 6.08 -15.52
C GLY N 99 -15.11 5.08 -14.78
N LYS N 100 -14.89 3.89 -15.34
CA LYS N 100 -14.12 2.85 -14.69
C LYS N 100 -13.12 2.25 -15.67
N LEU N 101 -11.97 1.86 -15.14
CA LEU N 101 -10.91 1.21 -15.91
C LEU N 101 -10.79 -0.22 -15.39
N ILE N 102 -11.14 -1.19 -16.23
CA ILE N 102 -11.13 -2.60 -15.82
C ILE N 102 -9.74 -3.12 -16.08
N PHE N 103 -8.82 -2.84 -15.16
CA PHE N 103 -7.47 -3.36 -15.26
C PHE N 103 -7.47 -4.88 -15.14
N ALA N 104 -8.35 -5.42 -14.31
CA ALA N 104 -8.45 -6.84 -14.06
C ALA N 104 -9.82 -7.12 -13.47
N PRO N 105 -10.29 -8.37 -13.49
CA PRO N 105 -11.58 -8.69 -12.86
C PRO N 105 -11.70 -8.21 -11.41
N ASP N 106 -10.63 -8.29 -10.63
CA ASP N 106 -10.63 -7.83 -9.26
C ASP N 106 -9.88 -6.52 -9.08
N LEU N 107 -9.56 -5.83 -10.18
CA LEU N 107 -8.85 -4.55 -10.13
C LEU N 107 -9.64 -3.56 -11.00
N VAL N 108 -10.70 -3.01 -10.43
CA VAL N 108 -11.53 -2.00 -11.10
C VAL N 108 -11.29 -0.67 -10.41
N LEU N 109 -10.85 0.33 -11.18
CA LEU N 109 -10.49 1.63 -10.63
C LEU N 109 -11.41 2.71 -11.19
N ASP N 110 -11.92 3.55 -10.31
CA ASP N 110 -12.63 4.76 -10.70
C ASP N 110 -11.63 5.82 -11.16
N ARG N 111 -12.14 6.80 -11.90
CA ARG N 111 -11.29 7.88 -12.39
C ARG N 111 -10.62 8.62 -11.23
N ASP N 112 -11.39 8.94 -10.19
CA ASP N 112 -10.86 9.71 -9.07
C ASP N 112 -9.82 8.94 -8.28
N GLU N 113 -9.78 7.61 -8.39
CA GLU N 113 -8.76 6.83 -7.70
C GLU N 113 -7.37 7.07 -8.27
N GLY N 114 -7.28 7.66 -9.46
CA GLY N 114 -6.00 8.03 -10.03
C GLY N 114 -5.30 9.18 -9.33
N LYS N 115 -6.02 9.92 -8.48
CA LYS N 115 -5.40 10.99 -7.70
C LYS N 115 -4.37 10.49 -6.71
N CYS N 116 -4.29 9.18 -6.48
CA CYS N 116 -3.30 8.65 -5.55
C CYS N 116 -1.91 8.64 -6.16
N VAL N 117 -1.79 8.48 -7.47
CA VAL N 117 -0.50 8.47 -8.16
C VAL N 117 -0.29 9.81 -8.86
N GLU N 118 0.88 10.41 -8.63
CA GLU N 118 1.19 11.70 -9.24
C GLU N 118 1.29 11.57 -10.75
N GLY N 119 0.53 12.42 -11.46
CA GLY N 119 0.61 12.49 -12.91
C GLY N 119 -0.20 11.47 -13.67
N ILE N 120 -0.74 10.44 -13.00
CA ILE N 120 -1.49 9.40 -13.70
C ILE N 120 -2.94 9.78 -13.96
N LEU N 121 -3.44 10.82 -13.29
CA LEU N 121 -4.84 11.23 -13.49
C LEU N 121 -5.07 11.69 -14.93
N GLU N 122 -4.10 12.37 -15.52
CA GLU N 122 -4.22 12.78 -16.91
C GLU N 122 -4.24 11.58 -17.84
N ILE N 123 -3.48 10.53 -17.51
CA ILE N 123 -3.46 9.33 -18.32
C ILE N 123 -4.79 8.59 -18.22
N PHE N 124 -5.36 8.54 -17.01
CA PHE N 124 -6.67 7.90 -16.84
C PHE N 124 -7.75 8.59 -17.67
N ASP N 125 -7.73 9.92 -17.71
CA ASP N 125 -8.73 10.65 -18.49
C ASP N 125 -8.61 10.37 -19.97
N MET N 126 -7.37 10.25 -20.46
CA MET N 126 -7.14 9.92 -21.86
C MET N 126 -7.67 8.54 -22.20
N LEU N 127 -7.37 7.56 -21.35
CA LEU N 127 -7.86 6.20 -21.58
C LEU N 127 -9.39 6.14 -21.51
N LEU N 128 -9.99 6.86 -20.56
CA LEU N 128 -11.45 6.85 -20.44
C LEU N 128 -12.10 7.58 -21.60
N ALA N 129 -11.48 8.66 -22.08
CA ALA N 129 -12.05 9.40 -23.21
C ALA N 129 -12.02 8.57 -24.48
N THR N 130 -10.90 7.90 -24.75
CA THR N 130 -10.82 7.03 -25.91
C THR N 130 -11.74 5.82 -25.76
N THR N 131 -11.86 5.31 -24.53
CA THR N 131 -12.80 4.22 -24.28
C THR N 131 -14.23 4.65 -24.57
N SER N 132 -14.60 5.86 -24.15
CA SER N 132 -15.94 6.36 -24.43
C SER N 132 -16.17 6.51 -25.93
N ARG N 133 -15.13 6.89 -26.68
CA ARG N 133 -15.27 7.02 -28.12
C ARG N 133 -15.47 5.65 -28.77
N PHE N 134 -14.75 4.63 -28.30
CA PHE N 134 -15.01 3.28 -28.78
C PHE N 134 -16.39 2.80 -28.34
N ARG N 135 -16.86 3.26 -27.19
CA ARG N 135 -18.21 2.91 -26.76
C ARG N 135 -19.25 3.58 -27.65
N GLU N 136 -19.05 4.87 -27.97
CA GLU N 136 -19.99 5.56 -28.84
C GLU N 136 -20.03 4.93 -30.22
N LEU N 137 -18.89 4.46 -30.73
CA LEU N 137 -18.84 3.80 -32.02
C LEU N 137 -19.38 2.38 -32.01
N LYS N 138 -19.69 1.83 -30.84
CA LYS N 138 -20.14 0.44 -30.69
C LYS N 138 -19.11 -0.50 -31.33
N LEU N 139 -17.87 -0.41 -30.83
CA LEU N 139 -16.78 -1.23 -31.32
C LEU N 139 -17.12 -2.70 -31.21
N GLN N 140 -17.17 -3.39 -32.34
CA GLN N 140 -17.42 -4.82 -32.35
C GLN N 140 -16.18 -5.58 -31.91
N HIS N 141 -16.40 -6.84 -31.50
CA HIS N 141 -15.29 -7.66 -31.03
C HIS N 141 -14.31 -7.96 -32.17
N LYS N 142 -14.83 -8.31 -33.34
CA LYS N 142 -13.95 -8.59 -34.48
C LYS N 142 -13.22 -7.34 -34.95
N GLU N 143 -13.84 -6.17 -34.81
CA GLU N 143 -13.16 -4.92 -35.14
C GLU N 143 -12.00 -4.68 -34.18
N TYR N 144 -12.22 -4.95 -32.89
CA TYR N 144 -11.17 -4.78 -31.90
C TYR N 144 -9.99 -5.70 -32.17
N LEU N 145 -10.27 -6.94 -32.60
CA LEU N 145 -9.21 -7.89 -32.89
C LEU N 145 -8.32 -7.40 -34.02
N CYS N 146 -8.93 -6.84 -35.07
CA CYS N 146 -8.15 -6.32 -36.19
C CYS N 146 -7.36 -5.08 -35.79
N VAL N 147 -8.00 -4.16 -35.06
CA VAL N 147 -7.34 -2.91 -34.68
C VAL N 147 -6.12 -3.20 -33.80
N LYS N 148 -6.27 -4.12 -32.85
CA LYS N 148 -5.17 -4.43 -31.94
C LYS N 148 -4.01 -5.09 -32.70
N ALA N 149 -4.31 -5.90 -33.70
CA ALA N 149 -3.26 -6.47 -34.52
C ALA N 149 -2.61 -5.42 -35.41
N MET N 150 -3.42 -4.46 -35.90
CA MET N 150 -2.85 -3.37 -36.70
C MET N 150 -1.91 -2.50 -35.89
N ILE N 151 -2.20 -2.31 -34.59
CA ILE N 151 -1.35 -1.50 -33.74
C ILE N 151 0.06 -2.08 -33.68
N LEU N 152 0.17 -3.41 -33.55
CA LEU N 152 1.48 -4.06 -33.53
C LEU N 152 2.21 -3.89 -34.87
N LEU N 153 1.48 -4.05 -35.98
CA LEU N 153 2.11 -4.04 -37.29
C LEU N 153 2.38 -2.65 -37.83
N ASN N 154 1.74 -1.61 -37.29
CA ASN N 154 1.90 -0.24 -37.78
C ASN N 154 2.78 0.60 -36.85
N SER N 155 3.76 -0.01 -36.20
CA SER N 155 4.60 0.71 -35.25
C SER N 155 5.92 1.13 -35.87
N ALA N 167 15.20 -6.96 -48.01
CA ALA N 167 13.87 -6.38 -47.84
C ALA N 167 12.80 -7.47 -47.75
N ASP N 168 13.25 -8.71 -47.49
CA ASP N 168 12.32 -9.83 -47.39
C ASP N 168 11.37 -9.65 -46.21
N SER N 169 11.90 -9.19 -45.06
CA SER N 169 11.06 -8.99 -43.89
C SER N 169 10.19 -7.74 -44.01
N SER N 170 10.68 -6.71 -44.71
CA SER N 170 9.88 -5.50 -44.87
C SER N 170 8.71 -5.73 -45.83
N ARG N 171 8.93 -6.49 -46.90
CA ARG N 171 7.84 -6.81 -47.81
C ARG N 171 6.82 -7.73 -47.14
N LYS N 172 7.28 -8.63 -46.28
CA LYS N 172 6.36 -9.46 -45.51
C LYS N 172 5.62 -8.65 -44.46
N LEU N 173 6.23 -7.58 -43.96
CA LEU N 173 5.56 -6.75 -42.96
C LEU N 173 4.45 -5.92 -43.58
N ALA N 174 4.70 -5.33 -44.75
CA ALA N 174 3.65 -4.60 -45.45
C ALA N 174 2.53 -5.54 -45.88
N HIS N 175 2.88 -6.76 -46.29
CA HIS N 175 1.86 -7.73 -46.67
C HIS N 175 1.01 -8.14 -45.47
N LEU N 176 1.62 -8.24 -44.29
CA LEU N 176 0.86 -8.59 -43.10
C LEU N 176 -0.12 -7.48 -42.71
N LEU N 177 0.35 -6.23 -42.69
CA LEU N 177 -0.53 -5.12 -42.35
C LEU N 177 -1.66 -4.98 -43.37
N ASN N 178 -1.37 -5.25 -44.66
CA ASN N 178 -2.42 -5.20 -45.67
C ASN N 178 -3.45 -6.30 -45.45
N ALA N 179 -3.00 -7.48 -44.99
CA ALA N 179 -3.92 -8.58 -44.77
C ALA N 179 -4.88 -8.28 -43.62
N VAL N 180 -4.35 -7.75 -42.51
CA VAL N 180 -5.20 -7.42 -41.38
C VAL N 180 -6.14 -6.27 -41.74
N THR N 181 -5.66 -5.32 -42.54
CA THR N 181 -6.52 -4.25 -43.02
C THR N 181 -7.65 -4.80 -43.89
N ASP N 182 -7.32 -5.72 -44.80
CA ASP N 182 -8.35 -6.37 -45.59
C ASP N 182 -9.35 -7.11 -44.71
N ALA N 183 -8.87 -7.70 -43.61
CA ALA N 183 -9.78 -8.38 -42.69
C ALA N 183 -10.74 -7.39 -42.05
N LEU N 184 -10.25 -6.22 -41.64
CA LEU N 184 -11.10 -5.22 -41.01
C LEU N 184 -12.15 -4.68 -41.97
N VAL N 185 -11.75 -4.41 -43.22
CA VAL N 185 -12.71 -3.94 -44.22
C VAL N 185 -13.80 -4.96 -44.45
N TRP N 186 -13.46 -6.26 -44.38
CA TRP N 186 -14.49 -7.29 -44.55
C TRP N 186 -15.49 -7.27 -43.40
N VAL N 187 -15.01 -7.09 -42.17
CA VAL N 187 -15.93 -6.98 -41.03
C VAL N 187 -16.86 -5.80 -41.23
N ILE N 188 -16.33 -4.68 -41.74
CA ILE N 188 -17.16 -3.50 -41.96
C ILE N 188 -18.14 -3.76 -43.10
N ALA N 189 -17.71 -4.50 -44.12
CA ALA N 189 -18.59 -4.80 -45.26
C ALA N 189 -19.75 -5.70 -44.86
N LYS N 190 -19.56 -6.59 -43.89
CA LYS N 190 -20.61 -7.50 -43.46
C LYS N 190 -21.67 -6.82 -42.61
N SER N 191 -21.44 -5.57 -42.19
CA SER N 191 -22.42 -4.86 -41.37
C SER N 191 -23.63 -4.39 -42.17
N GLY N 192 -23.57 -4.45 -43.50
CA GLY N 192 -24.72 -4.10 -44.31
C GLY N 192 -25.07 -2.62 -44.34
N ILE N 193 -24.05 -1.76 -44.41
CA ILE N 193 -24.28 -0.32 -44.51
C ILE N 193 -23.83 0.14 -45.89
N SER N 194 -24.05 1.42 -46.20
CA SER N 194 -23.68 1.95 -47.49
C SER N 194 -22.17 1.99 -47.63
N SER N 195 -21.71 2.06 -48.89
CA SER N 195 -20.27 2.12 -49.15
C SER N 195 -19.64 3.37 -48.54
N GLN N 196 -20.37 4.48 -48.52
CA GLN N 196 -19.87 5.67 -47.86
C GLN N 196 -19.80 5.47 -46.34
N GLN N 197 -20.82 4.81 -45.77
CA GLN N 197 -20.82 4.55 -44.33
C GLN N 197 -19.75 3.54 -43.94
N GLN N 198 -19.42 2.60 -44.83
CA GLN N 198 -18.35 1.65 -44.55
C GLN N 198 -17.00 2.37 -44.44
N SER N 199 -16.77 3.36 -45.31
CA SER N 199 -15.53 4.12 -45.23
C SER N 199 -15.53 5.08 -44.04
N MET N 200 -16.71 5.60 -43.68
CA MET N 200 -16.79 6.48 -42.51
C MET N 200 -16.46 5.74 -41.23
N ARG N 201 -16.99 4.51 -41.07
CA ARG N 201 -16.68 3.73 -39.88
C ARG N 201 -15.19 3.34 -39.85
N LEU N 202 -14.65 2.92 -40.99
CA LEU N 202 -13.22 2.62 -41.06
C LEU N 202 -12.39 3.84 -40.67
N ALA N 203 -12.80 5.02 -41.13
CA ALA N 203 -12.08 6.24 -40.78
C ALA N 203 -12.20 6.55 -39.29
N ASN N 204 -13.41 6.44 -38.73
CA ASN N 204 -13.60 6.75 -37.32
C ASN N 204 -12.79 5.82 -36.43
N LEU N 205 -12.74 4.53 -36.79
CA LEU N 205 -11.96 3.57 -36.00
C LEU N 205 -10.47 3.85 -36.11
N LEU N 206 -9.98 4.09 -37.32
CA LEU N 206 -8.55 4.25 -37.53
C LEU N 206 -8.03 5.60 -37.03
N MET N 207 -8.89 6.62 -36.99
CA MET N 207 -8.47 7.90 -36.43
C MET N 207 -8.16 7.80 -34.95
N LEU N 208 -8.76 6.83 -34.26
CA LEU N 208 -8.50 6.62 -32.84
C LEU N 208 -7.10 6.05 -32.58
N LEU N 209 -6.42 5.54 -33.61
CA LEU N 209 -5.06 5.06 -33.43
C LEU N 209 -4.13 6.16 -32.95
N SER N 210 -4.38 7.41 -33.35
CA SER N 210 -3.55 8.51 -32.88
C SER N 210 -3.75 8.78 -31.40
N HIS N 211 -4.94 8.50 -30.88
CA HIS N 211 -5.19 8.71 -29.46
C HIS N 211 -4.57 7.63 -28.61
N VAL N 212 -4.59 6.38 -29.09
CA VAL N 212 -3.91 5.30 -28.39
C VAL N 212 -2.40 5.49 -28.41
N ARG N 213 -1.87 5.92 -29.55
CA ARG N 213 -0.44 6.20 -29.64
C ARG N 213 -0.04 7.36 -28.73
N HIS N 214 -0.89 8.40 -28.66
CA HIS N 214 -0.60 9.53 -27.78
C HIS N 214 -0.63 9.10 -26.32
N ALA N 215 -1.62 8.30 -25.93
CA ALA N 215 -1.68 7.80 -24.57
C ALA N 215 -0.48 6.92 -24.24
N SER N 216 -0.03 6.13 -25.22
CA SER N 216 1.14 5.28 -25.00
C SER N 216 2.40 6.10 -24.76
N ASN N 217 2.59 7.17 -25.54
CA ASN N 217 3.78 8.00 -25.37
C ASN N 217 3.76 8.70 -24.02
N LYS N 218 2.60 9.24 -23.62
CA LYS N 218 2.49 9.87 -22.31
C LYS N 218 2.61 8.84 -21.21
N GLY N 219 2.05 7.64 -21.42
CA GLY N 219 2.22 6.56 -20.47
C GLY N 219 3.67 6.09 -20.40
N MET N 220 4.37 6.12 -21.54
CA MET N 220 5.79 5.80 -21.55
C MET N 220 6.59 6.74 -20.66
N GLU N 221 6.33 8.04 -20.78
CA GLU N 221 7.04 9.02 -19.97
C GLU N 221 6.75 8.84 -18.48
N HIS N 222 5.49 8.52 -18.13
CA HIS N 222 5.13 8.40 -16.73
C HIS N 222 5.81 7.20 -16.07
N LEU N 223 5.79 6.04 -16.74
CA LEU N 223 6.41 4.86 -16.16
C LEU N 223 7.92 5.03 -16.03
N LEU N 224 8.57 5.60 -17.05
CA LEU N 224 10.00 5.84 -16.99
C LEU N 224 10.37 6.82 -15.88
N ASN N 225 9.50 7.82 -15.63
CA ASN N 225 9.76 8.77 -14.56
C ASN N 225 9.62 8.13 -13.19
N MET N 226 8.61 7.27 -13.02
CA MET N 226 8.44 6.59 -11.74
C MET N 226 9.64 5.72 -11.41
N LYS N 227 10.29 5.16 -12.43
CA LYS N 227 11.51 4.40 -12.22
C LYS N 227 12.63 5.29 -11.70
N CYS N 228 12.74 6.51 -12.25
CA CYS N 228 13.76 7.44 -11.79
C CYS N 228 13.51 7.89 -10.36
N LYS N 229 12.24 8.11 -10.00
CA LYS N 229 11.90 8.53 -8.64
C LYS N 229 11.88 7.38 -7.65
N ASN N 230 12.18 6.15 -8.08
CA ASN N 230 12.22 4.99 -7.18
C ASN N 230 10.89 4.74 -6.48
N VAL N 231 9.78 5.06 -7.14
CA VAL N 231 8.49 4.78 -6.51
C VAL N 231 8.09 3.33 -6.72
N VAL N 232 8.10 2.87 -7.96
CA VAL N 232 7.84 1.46 -8.27
C VAL N 232 9.15 0.80 -8.67
N PRO N 233 9.42 -0.43 -8.25
CA PRO N 233 10.50 -1.19 -8.88
C PRO N 233 10.00 -1.89 -10.13
N VAL N 234 10.93 -2.08 -11.07
CA VAL N 234 10.63 -2.70 -12.36
C VAL N 234 11.58 -3.87 -12.56
N TYR N 235 11.03 -5.01 -12.98
CA TYR N 235 11.74 -6.28 -13.01
C TYR N 235 11.56 -6.99 -14.34
N ASP N 236 12.54 -7.84 -14.65
CA ASP N 236 12.59 -8.71 -15.82
C ASP N 236 12.12 -8.08 -17.12
N LEU N 237 10.99 -8.54 -17.65
CA LEU N 237 10.59 -8.14 -19.00
C LEU N 237 10.25 -6.65 -19.07
N LEU N 238 9.53 -6.12 -18.08
CA LEU N 238 9.15 -4.72 -18.10
C LEU N 238 10.36 -3.81 -18.19
N LEU N 239 11.42 -4.10 -17.42
CA LEU N 239 12.65 -3.32 -17.54
C LEU N 239 13.26 -3.48 -18.93
N GLU N 240 13.31 -4.72 -19.43
CA GLU N 240 13.82 -4.98 -20.76
C GLU N 240 13.06 -4.20 -21.82
N MET N 241 11.73 -4.19 -21.74
CA MET N 241 10.94 -3.42 -22.69
C MET N 241 11.11 -1.92 -22.48
N LEU N 242 11.49 -1.49 -21.27
CA LEU N 242 11.68 -0.09 -20.98
C LEU N 242 13.04 0.40 -21.49
N LYS O 1 -3.01 33.03 -19.40
CA LYS O 1 -2.00 32.05 -19.81
C LYS O 1 -1.85 32.03 -21.32
N HIS O 2 -2.72 32.76 -22.01
CA HIS O 2 -2.80 32.76 -23.46
C HIS O 2 -3.19 34.15 -23.97
N LYS O 3 -2.40 35.16 -23.61
CA LYS O 3 -2.69 36.52 -24.07
C LYS O 3 -2.69 36.60 -25.58
N ILE O 4 -1.57 36.21 -26.22
CA ILE O 4 -1.48 36.30 -27.67
C ILE O 4 -2.42 35.33 -28.34
N LEU O 5 -2.56 34.11 -27.79
CA LEU O 5 -3.42 33.12 -28.42
C LEU O 5 -4.89 33.55 -28.35
N HIS O 6 -5.31 34.12 -27.21
CA HIS O 6 -6.69 34.60 -27.10
C HIS O 6 -6.94 35.77 -28.04
N ARG O 7 -5.98 36.69 -28.15
CA ARG O 7 -6.17 37.86 -29.01
C ARG O 7 -6.31 37.47 -30.47
N LEU O 8 -5.40 36.60 -30.95
CA LEU O 8 -5.41 36.17 -32.34
C LEU O 8 -6.64 35.34 -32.68
N LEU O 9 -7.28 34.72 -31.70
CA LEU O 9 -8.46 33.91 -31.99
C LEU O 9 -9.71 34.77 -32.14
N GLN O 10 -9.80 35.89 -31.44
CA GLN O 10 -10.92 36.80 -31.58
C GLN O 10 -10.57 38.04 -32.39
N ASP O 11 -9.38 38.10 -32.98
CA ASP O 11 -9.04 39.22 -33.85
C ASP O 11 -9.85 39.10 -35.13
N SER O 12 -10.98 39.79 -35.20
CA SER O 12 -11.84 39.75 -36.38
C SER O 12 -11.54 40.92 -37.31
N HIS P 2 18.37 -7.84 -25.24
CA HIS P 2 17.06 -8.44 -25.03
C HIS P 2 17.16 -9.93 -24.69
N LYS P 3 17.49 -10.24 -23.44
CA LYS P 3 17.69 -11.63 -23.05
C LYS P 3 16.35 -12.38 -22.92
N ILE P 4 15.43 -11.84 -22.11
CA ILE P 4 14.15 -12.51 -21.89
C ILE P 4 13.31 -12.48 -23.16
N LEU P 5 13.32 -11.36 -23.89
CA LEU P 5 12.48 -11.25 -25.08
C LEU P 5 12.91 -12.25 -26.16
N HIS P 6 14.22 -12.45 -26.32
CA HIS P 6 14.69 -13.42 -27.29
C HIS P 6 14.27 -14.84 -26.93
N ARG P 7 14.23 -15.15 -25.62
CA ARG P 7 13.83 -16.48 -25.20
C ARG P 7 12.35 -16.72 -25.45
N LEU P 8 11.50 -15.76 -25.06
CA LEU P 8 10.06 -15.93 -25.21
C LEU P 8 9.63 -15.91 -26.67
N LEU P 9 10.47 -15.42 -27.57
CA LEU P 9 10.16 -15.42 -29.00
C LEU P 9 10.53 -16.72 -29.70
N GLN P 10 11.38 -17.55 -29.09
CA GLN P 10 11.83 -18.79 -29.73
C GLN P 10 11.35 -20.05 -29.02
N ASP P 11 10.56 -19.92 -27.96
CA ASP P 11 10.02 -21.10 -27.27
C ASP P 11 8.54 -21.28 -27.58
N SER P 12 7.67 -21.04 -26.62
CA SER P 12 6.22 -21.17 -26.82
C SER P 12 5.48 -20.13 -26.01
#